data_9E41
#
_entry.id   9E41
#
_cell.length_a   1.00
_cell.length_b   1.00
_cell.length_c   1.00
_cell.angle_alpha   90.00
_cell.angle_beta   90.00
_cell.angle_gamma   90.00
#
_symmetry.space_group_name_H-M   'P 1'
#
loop_
_entity.id
_entity.type
_entity.pdbx_description
1 polymer 'E glycoprotein'
2 polymer 'Membrane Protei'
3 branched alpha-D-mannopyranose-(1-3)-beta-D-mannopyranose-(1-4)-2-acetamido-2-deoxy-beta-D-glucopyranose-(1-4)-2-acetamido-2-deoxy-beta-D-glucopyranose
4 branched beta-D-mannopyranose-(1-4)-2-acetamido-2-deoxy-beta-D-glucopyranose-(1-4)-2-acetamido-2-deoxy-beta-D-glucopyranose
5 non-polymer 1-PALMITOYL-2-LINOLEOYL-SN-GLYCERO-3-PHOSPHOCHOLINE
#
loop_
_entity_poly.entity_id
_entity_poly.type
_entity_poly.pdbx_seq_one_letter_code
_entity_poly.pdbx_strand_id
1 'polypeptide(L)'
;TRCTHLENRDFVTGVQGTTRVSLVLELGGCVTITAEGKPSIDVWLEDIFQESPAETREYCLHAKLSNTKVEARCPTTGPA
TLPEEHQANMVCKRDQSDRGWGNHCGFFGKGSIVACAKFECEEAKKAVGHVYDSTKITYVVKVEPHTGDYQAANETNENR
KTAQFTVASEKVILDLGDYGDVSLTCKVASGIDVAQTVVMSLGSSKDHLPSAWQLHRDWFEDLALPWKHKDNQDWNSVEK
LVEFGPPHAVKMDIFNLGDQTAVLLKSLAGVPLASVDNQKYHLKSGHVTCDVGLEKLKLKGTTYSMCDKTKFKWKRVPVD
SGHDTVVMEVSYTGSDKPCRIPVRAVAHGVPTINVAMLITPNPTIETSGGGFIEMQLPPGDNIIYVGDLSQQWFQKGSTI
GRMFEKTRKGLERLSVVGEHAWDFGSVGGILSSVGKAIHTVLGGAFNTLFGGVGFIPKMLLGVALVWLGLNARNPTMSMT
FLAVGALTLMMTMG
;
A,E,C
2 'polypeptide(L)' SVVIPTHAQKDMVGRGHAWLKGDNIRDHVTRVEGWMWKNKLLTVAVVALAWLMLDSWMARVTVILLALSLGPVYA B,F,D
#
loop_
_chem_comp.id
_chem_comp.type
_chem_comp.name
_chem_comp.formula
BMA D-saccharide, beta linking beta-D-mannopyranose 'C6 H12 O6'
CPL non-polymer 1-PALMITOYL-2-LINOLEOYL-SN-GLYCERO-3-PHOSPHOCHOLINE 'C42 H80 N O8 P'
MAN D-saccharide, alpha linking alpha-D-mannopyranose 'C6 H12 O6'
NAG D-saccharide, beta linking 2-acetamido-2-deoxy-beta-D-glucopyranose 'C8 H15 N O6'
#
# COMPACT_ATOMS: atom_id res chain seq x y z
N THR A 1 -8.06 16.94 61.30
CA THR A 1 -8.97 17.93 60.66
C THR A 1 -8.99 17.74 59.15
N ARG A 2 -7.81 17.55 58.56
CA ARG A 2 -7.73 17.39 57.11
C ARG A 2 -7.97 15.96 56.68
N CYS A 3 -7.32 15.00 57.33
CA CYS A 3 -7.42 13.62 56.87
C CYS A 3 -8.85 13.10 56.90
N THR A 4 -9.71 13.71 57.72
CA THR A 4 -11.11 13.28 57.75
C THR A 4 -11.82 13.60 56.45
N HIS A 5 -11.30 14.56 55.68
CA HIS A 5 -11.95 14.94 54.43
C HIS A 5 -11.70 13.91 53.34
N LEU A 6 -10.51 13.33 53.29
CA LEU A 6 -10.14 12.41 52.22
C LEU A 6 -10.25 10.97 52.69
N GLU A 7 -10.87 10.13 51.86
CA GLU A 7 -11.14 8.75 52.24
C GLU A 7 -9.87 7.92 52.35
N ASN A 8 -8.90 8.12 51.46
CA ASN A 8 -7.64 7.39 51.53
C ASN A 8 -6.78 8.01 52.62
N ARG A 9 -6.63 7.29 53.74
CA ARG A 9 -5.91 7.80 54.89
C ARG A 9 -5.09 6.68 55.50
N ASP A 10 -3.84 6.98 55.85
CA ASP A 10 -2.94 6.02 56.45
C ASP A 10 -2.51 6.53 57.82
N PHE A 11 -2.36 5.61 58.76
CA PHE A 11 -1.93 5.91 60.12
C PHE A 11 -0.51 5.42 60.32
N VAL A 12 0.34 6.28 60.87
CA VAL A 12 1.73 5.94 61.15
C VAL A 12 1.97 6.16 62.64
N THR A 13 2.57 5.17 63.29
CA THR A 13 2.86 5.21 64.70
C THR A 13 4.37 5.36 64.89
N GLY A 14 4.77 6.33 65.71
CA GLY A 14 6.17 6.54 66.05
C GLY A 14 6.39 6.36 67.54
N VAL A 15 7.09 5.28 67.88
CA VAL A 15 7.35 4.98 69.28
C VAL A 15 8.31 6.01 69.87
N GLN A 16 8.24 6.17 71.18
CA GLN A 16 9.09 7.14 71.86
C GLN A 16 10.56 6.90 71.52
N GLY A 17 11.29 8.00 71.34
CA GLY A 17 12.68 7.96 70.94
C GLY A 17 12.90 7.87 69.45
N THR A 18 11.83 7.74 68.66
CA THR A 18 11.97 7.73 67.21
C THR A 18 12.40 9.10 66.74
N THR A 19 13.35 9.12 65.79
CA THR A 19 13.95 10.36 65.33
C THR A 19 13.45 10.81 63.97
N ARG A 20 12.80 9.93 63.20
CA ARG A 20 12.41 10.25 61.84
C ARG A 20 11.39 9.23 61.35
N VAL A 21 10.52 9.65 60.44
CA VAL A 21 9.50 8.79 59.86
C VAL A 21 9.60 8.89 58.33
N SER A 22 9.60 7.74 57.67
CA SER A 22 9.70 7.67 56.21
C SER A 22 8.32 7.43 55.62
N LEU A 23 7.93 8.30 54.68
CA LEU A 23 6.59 8.25 54.09
C LEU A 23 6.71 8.20 52.57
N VAL A 24 5.65 7.71 51.94
CA VAL A 24 5.46 7.79 50.50
C VAL A 24 4.16 8.54 50.29
N LEU A 25 4.25 9.87 50.16
CA LEU A 25 3.06 10.70 49.97
C LEU A 25 2.55 10.54 48.54
N GLU A 26 1.24 10.66 48.38
CA GLU A 26 0.61 10.46 47.08
C GLU A 26 -0.64 11.32 47.00
N LEU A 27 -0.91 11.84 45.81
CA LEU A 27 -2.04 12.74 45.62
C LEU A 27 -3.35 11.99 45.83
N GLY A 28 -4.26 12.62 46.59
CA GLY A 28 -5.49 11.98 46.98
C GLY A 28 -5.43 11.17 48.25
N GLY A 29 -4.42 11.37 49.07
CA GLY A 29 -4.30 10.64 50.32
C GLY A 29 -3.76 11.53 51.42
N CYS A 30 -4.07 11.15 52.66
CA CYS A 30 -3.64 11.86 53.85
C CYS A 30 -2.94 10.87 54.78
N VAL A 31 -1.99 11.38 55.57
CA VAL A 31 -1.23 10.57 56.51
C VAL A 31 -1.29 11.24 57.87
N THR A 32 -1.70 10.48 58.89
CA THR A 32 -1.71 10.95 60.27
C THR A 32 -0.56 10.29 61.00
N ILE A 33 0.35 11.09 61.54
CA ILE A 33 1.53 10.59 62.22
C ILE A 33 1.30 10.71 63.71
N THR A 34 1.13 9.57 64.37
CA THR A 34 0.89 9.50 65.80
C THR A 34 2.18 9.11 66.49
N ALA A 35 2.63 9.92 67.44
CA ALA A 35 3.89 9.67 68.14
C ALA A 35 3.65 9.71 69.64
N GLU A 36 4.47 8.96 70.36
CA GLU A 36 4.34 8.86 71.82
C GLU A 36 4.95 10.11 72.46
N GLY A 37 4.13 10.86 73.18
CA GLY A 37 4.59 12.06 73.86
C GLY A 37 4.70 13.28 72.98
N LYS A 38 4.20 13.23 71.75
CA LYS A 38 4.28 14.34 70.82
C LYS A 38 2.92 14.54 70.16
N PRO A 39 2.65 15.75 69.67
CA PRO A 39 1.40 15.98 68.95
C PRO A 39 1.33 15.21 67.64
N SER A 40 0.11 14.88 67.24
CA SER A 40 -0.12 14.23 65.95
C SER A 40 -0.24 15.29 64.87
N ILE A 41 0.26 14.97 63.67
CA ILE A 41 0.24 15.90 62.55
C ILE A 41 -0.29 15.18 61.32
N ASP A 42 -0.86 15.97 60.41
CA ASP A 42 -1.31 15.48 59.13
C ASP A 42 -0.37 16.00 58.04
N VAL A 43 0.20 15.08 57.27
CA VAL A 43 1.11 15.41 56.18
C VAL A 43 0.54 14.84 54.89
N TRP A 44 0.47 15.68 53.86
CA TRP A 44 -0.06 15.25 52.58
C TRP A 44 0.59 16.06 51.47
N LEU A 45 0.52 15.54 50.26
CA LEU A 45 1.06 16.20 49.08
C LEU A 45 -0.09 16.87 48.34
N GLU A 46 -0.03 18.20 48.21
CA GLU A 46 -1.16 18.95 47.70
C GLU A 46 -1.22 18.90 46.18
N ASP A 47 -0.12 19.22 45.49
CA ASP A 47 -0.13 19.22 44.04
C ASP A 47 1.29 19.12 43.50
N ILE A 48 1.38 18.75 42.23
CA ILE A 48 2.63 18.75 41.46
C ILE A 48 2.40 19.65 40.24
N PHE A 49 3.23 20.67 40.10
CA PHE A 49 3.01 21.64 39.02
C PHE A 49 4.33 22.25 38.57
N GLN A 50 4.34 22.70 37.32
CA GLN A 50 5.41 23.52 36.77
C GLN A 50 4.79 24.69 36.02
N GLU A 51 5.52 25.80 35.94
CA GLU A 51 5.05 27.01 35.30
C GLU A 51 5.81 27.26 34.00
N SER A 52 5.06 27.43 32.91
CA SER A 52 5.64 27.73 31.60
C SER A 52 6.58 26.63 31.14
N PRO A 53 6.14 25.38 31.07
CA PRO A 53 7.00 24.32 30.54
C PRO A 53 7.11 24.38 29.02
N ALA A 54 8.17 23.76 28.52
CA ALA A 54 8.40 23.70 27.08
C ALA A 54 7.38 22.78 26.41
N GLU A 55 7.13 23.03 25.14
CA GLU A 55 6.17 22.28 24.35
C GLU A 55 6.86 21.23 23.48
N THR A 56 6.07 20.25 23.04
CA THR A 56 6.55 19.19 22.16
C THR A 56 5.46 18.84 21.17
N ARG A 57 5.70 19.12 19.89
CA ARG A 57 4.83 18.68 18.80
C ARG A 57 3.46 19.35 18.88
N GLU A 58 2.79 19.43 17.73
CA GLU A 58 1.42 19.97 17.63
C GLU A 58 0.68 19.11 16.61
N TYR A 59 -0.01 18.08 17.11
CA TYR A 59 -0.77 17.23 16.21
C TYR A 59 -2.03 17.94 15.75
N CYS A 60 -2.34 17.81 14.47
CA CYS A 60 -3.55 18.41 13.90
C CYS A 60 -4.67 17.38 13.88
N LEU A 61 -5.80 17.74 14.46
CA LEU A 61 -6.94 16.85 14.57
C LEU A 61 -8.02 17.12 13.51
N HIS A 62 -7.97 18.26 12.84
CA HIS A 62 -8.97 18.59 11.83
C HIS A 62 -8.33 19.51 10.81
N ALA A 63 -8.45 19.14 9.53
CA ALA A 63 -7.79 19.85 8.44
C ALA A 63 -8.82 20.43 7.48
N LYS A 64 -8.46 21.55 6.84
CA LYS A 64 -9.27 22.17 5.81
C LYS A 64 -8.42 22.31 4.56
N LEU A 65 -8.94 21.85 3.43
CA LEU A 65 -8.24 21.88 2.15
C LEU A 65 -8.81 23.00 1.29
N SER A 66 -7.94 23.87 0.78
CA SER A 66 -8.38 25.12 0.17
C SER A 66 -8.54 25.01 -1.34
N ASN A 67 -7.46 24.72 -2.06
CA ASN A 67 -7.44 24.74 -3.51
C ASN A 67 -6.89 23.43 -4.04
N THR A 68 -7.63 22.82 -4.97
CA THR A 68 -7.25 21.54 -5.55
C THR A 68 -6.92 21.72 -7.03
N LYS A 69 -5.78 21.18 -7.44
CA LYS A 69 -5.35 21.21 -8.83
C LYS A 69 -5.12 19.78 -9.31
N VAL A 70 -5.58 19.49 -10.53
CA VAL A 70 -5.49 18.16 -11.12
C VAL A 70 -4.79 18.30 -12.48
N GLU A 71 -3.80 17.46 -12.72
CA GLU A 71 -3.08 17.42 -13.99
C GLU A 71 -3.09 16.00 -14.53
N ALA A 72 -3.46 15.86 -15.81
CA ALA A 72 -3.49 14.56 -16.47
C ALA A 72 -2.76 14.65 -17.80
N ARG A 73 -2.19 13.51 -18.23
CA ARG A 73 -1.47 13.42 -19.49
C ARG A 73 -1.86 12.13 -20.20
N CYS A 74 -1.70 12.14 -21.52
CA CYS A 74 -2.11 11.00 -22.33
C CYS A 74 -1.14 9.83 -22.15
N PRO A 75 -1.58 8.61 -22.51
CA PRO A 75 -0.75 7.42 -22.25
C PRO A 75 0.67 7.51 -22.77
N THR A 76 0.84 7.73 -24.08
CA THR A 76 2.19 7.78 -24.64
C THR A 76 2.97 8.97 -24.13
N THR A 77 2.29 10.08 -23.85
CA THR A 77 2.94 11.26 -23.31
C THR A 77 3.48 10.98 -21.91
N GLY A 78 4.50 11.74 -21.52
CA GLY A 78 5.20 11.52 -20.28
C GLY A 78 4.34 11.64 -19.03
N PRO A 79 4.97 11.51 -17.86
CA PRO A 79 4.23 11.60 -16.60
C PRO A 79 3.72 13.02 -16.34
N ALA A 80 2.64 13.10 -15.55
CA ALA A 80 2.08 14.37 -15.14
C ALA A 80 2.81 14.89 -13.90
N THR A 81 3.14 16.19 -13.93
CA THR A 81 3.84 16.84 -12.84
C THR A 81 3.17 18.17 -12.53
N LEU A 82 3.32 18.61 -11.28
CA LEU A 82 2.81 19.89 -10.81
C LEU A 82 3.91 20.63 -10.05
N PRO A 83 3.90 21.96 -10.07
CA PRO A 83 4.81 22.70 -9.17
C PRO A 83 4.48 22.49 -7.70
N GLU A 84 3.27 22.01 -7.41
CA GLU A 84 2.79 21.87 -6.05
C GLU A 84 3.31 20.62 -5.36
N GLU A 85 3.92 19.69 -6.12
CA GLU A 85 4.44 18.47 -5.51
C GLU A 85 5.65 18.74 -4.63
N HIS A 86 6.28 19.90 -4.78
CA HIS A 86 7.47 20.26 -4.01
C HIS A 86 7.27 21.60 -3.33
N GLN A 87 6.15 21.75 -2.62
CA GLN A 87 5.85 22.95 -1.85
C GLN A 87 5.47 22.54 -0.44
N ALA A 88 5.71 23.46 0.50
CA ALA A 88 5.39 23.21 1.90
C ALA A 88 3.89 23.20 2.11
N ASN A 89 3.43 22.30 2.99
CA ASN A 89 2.01 22.18 3.34
C ASN A 89 1.16 21.88 2.11
N MET A 90 1.58 20.88 1.34
CA MET A 90 0.83 20.37 0.19
C MET A 90 0.73 18.86 0.30
N VAL A 91 -0.43 18.33 -0.03
CA VAL A 91 -0.68 16.88 -0.01
C VAL A 91 -1.03 16.46 -1.43
N CYS A 92 -0.27 15.51 -1.97
CA CYS A 92 -0.40 15.11 -3.36
C CYS A 92 -0.40 13.59 -3.48
N LYS A 93 -0.94 13.10 -4.59
CA LYS A 93 -0.93 11.68 -4.90
C LYS A 93 -0.75 11.49 -6.39
N ARG A 94 -0.04 10.42 -6.75
CA ARG A 94 0.14 10.01 -8.14
C ARG A 94 -0.61 8.70 -8.38
N ASP A 95 -1.33 8.64 -9.49
CA ASP A 95 -2.04 7.43 -9.88
C ASP A 95 -2.09 7.37 -11.41
N GLN A 96 -2.81 6.39 -11.95
CA GLN A 96 -2.95 6.22 -13.38
C GLN A 96 -4.43 6.19 -13.76
N SER A 97 -4.75 6.83 -14.88
CA SER A 97 -6.11 6.94 -15.36
C SER A 97 -6.24 6.31 -16.73
N ASP A 98 -7.41 5.74 -17.01
CA ASP A 98 -7.68 5.12 -18.30
C ASP A 98 -8.11 6.20 -19.30
N ARG A 99 -7.36 6.31 -20.39
CA ARG A 99 -7.58 7.33 -21.41
C ARG A 99 -7.95 6.65 -22.73
N GLY A 100 -8.31 7.48 -23.71
CA GLY A 100 -8.68 6.98 -25.02
C GLY A 100 -9.09 8.12 -25.91
N TRP A 101 -9.88 7.79 -26.93
CA TRP A 101 -10.37 8.82 -27.86
C TRP A 101 -11.43 9.68 -27.22
N GLY A 102 -12.23 9.12 -26.31
CA GLY A 102 -13.24 9.90 -25.62
C GLY A 102 -12.64 11.00 -24.77
N ASN A 103 -11.51 10.72 -24.12
CA ASN A 103 -10.78 11.70 -23.34
C ASN A 103 -9.82 12.53 -24.18
N HIS A 104 -9.91 12.44 -25.51
CA HIS A 104 -9.07 13.22 -26.42
C HIS A 104 -7.60 12.87 -26.27
N CYS A 105 -7.30 11.57 -26.29
CA CYS A 105 -5.93 11.08 -26.33
C CYS A 105 -5.76 10.22 -27.58
N GLY A 106 -4.55 10.25 -28.15
CA GLY A 106 -4.31 9.57 -29.40
C GLY A 106 -4.20 8.06 -29.29
N PHE A 107 -4.06 7.54 -28.07
CA PHE A 107 -3.89 6.11 -27.85
C PHE A 107 -4.75 5.67 -26.67
N PHE A 108 -5.10 4.39 -26.66
CA PHE A 108 -5.85 3.80 -25.55
C PHE A 108 -4.88 3.17 -24.56
N GLY A 109 -5.02 3.51 -23.29
CA GLY A 109 -4.15 2.95 -22.28
C GLY A 109 -4.35 3.66 -20.96
N LYS A 110 -3.34 3.56 -20.10
CA LYS A 110 -3.36 4.16 -18.78
C LYS A 110 -2.46 5.40 -18.77
N GLY A 111 -3.03 6.55 -18.44
CA GLY A 111 -2.31 7.79 -18.37
C GLY A 111 -1.69 8.03 -17.00
N SER A 112 -1.15 9.23 -16.82
CA SER A 112 -0.55 9.65 -15.57
C SER A 112 -1.30 10.88 -15.05
N ILE A 113 -1.72 10.83 -13.80
CA ILE A 113 -2.52 11.88 -13.18
C ILE A 113 -2.00 12.17 -11.79
N VAL A 114 -1.96 13.44 -11.42
CA VAL A 114 -1.51 13.88 -10.11
C VAL A 114 -2.48 14.93 -9.58
N ALA A 115 -2.89 14.79 -8.32
CA ALA A 115 -3.82 15.70 -7.67
C ALA A 115 -3.20 16.25 -6.41
N CYS A 116 -3.29 17.57 -6.22
CA CYS A 116 -2.67 18.24 -5.09
C CYS A 116 -3.68 19.17 -4.43
N ALA A 117 -3.48 19.41 -3.13
CA ALA A 117 -4.31 20.31 -2.36
C ALA A 117 -3.47 20.95 -1.27
N LYS A 118 -3.97 22.06 -0.74
CA LYS A 118 -3.27 22.85 0.26
C LYS A 118 -3.77 22.46 1.66
N PHE A 119 -2.85 22.05 2.53
CA PHE A 119 -3.20 21.62 3.88
C PHE A 119 -3.19 22.81 4.83
N GLU A 120 -4.21 22.87 5.69
CA GLU A 120 -4.30 23.92 6.69
C GLU A 120 -5.11 23.38 7.86
N CYS A 121 -4.69 23.71 9.07
CA CYS A 121 -5.26 23.15 10.28
C CYS A 121 -6.20 24.14 10.96
N GLU A 122 -7.36 23.66 11.39
CA GLU A 122 -8.28 24.48 12.15
C GLU A 122 -7.62 24.95 13.45
N GLU A 123 -7.87 26.21 13.82
CA GLU A 123 -7.13 26.80 14.93
C GLU A 123 -7.40 26.07 16.25
N ALA A 124 -8.65 25.71 16.51
CA ALA A 124 -9.02 25.12 17.79
C ALA A 124 -8.83 23.61 17.84
N LYS A 125 -8.58 22.96 16.71
CA LYS A 125 -8.42 21.51 16.65
C LYS A 125 -6.93 21.20 16.57
N LYS A 126 -6.30 20.99 17.73
CA LYS A 126 -4.86 20.80 17.79
C LYS A 126 -4.45 20.26 19.16
N ALA A 127 -3.65 19.19 19.17
CA ALA A 127 -3.19 18.55 20.40
C ALA A 127 -1.76 18.96 20.67
N VAL A 128 -1.54 19.70 21.76
CA VAL A 128 -0.24 20.24 22.11
C VAL A 128 0.32 19.44 23.29
N GLY A 129 1.61 19.17 23.25
CA GLY A 129 2.27 18.42 24.31
C GLY A 129 3.27 19.28 25.06
N HIS A 130 3.38 19.04 26.37
CA HIS A 130 4.33 19.73 27.24
C HIS A 130 5.12 18.71 28.04
N VAL A 131 6.34 19.09 28.43
CA VAL A 131 7.22 18.22 29.18
C VAL A 131 7.74 18.97 30.39
N TYR A 132 8.07 18.22 31.44
CA TYR A 132 8.50 18.77 32.71
C TYR A 132 10.03 18.81 32.78
N ASP A 133 10.54 19.81 33.51
CA ASP A 133 11.97 19.97 33.75
C ASP A 133 12.27 19.56 35.19
N SER A 134 13.27 18.68 35.36
CA SER A 134 13.60 18.20 36.70
C SER A 134 13.95 19.35 37.62
N THR A 135 14.68 20.34 37.13
CA THR A 135 15.11 21.44 37.99
C THR A 135 13.95 22.33 38.42
N LYS A 136 12.81 22.28 37.72
CA LYS A 136 11.73 23.24 37.95
C LYS A 136 10.43 22.62 38.42
N ILE A 137 10.23 21.30 38.25
CA ILE A 137 9.01 20.68 38.74
C ILE A 137 8.96 20.83 40.26
N THR A 138 7.84 21.35 40.76
CA THR A 138 7.70 21.73 42.16
C THR A 138 6.68 20.82 42.83
N TYR A 139 7.03 20.31 44.01
CA TYR A 139 6.13 19.51 44.84
C TYR A 139 5.74 20.35 46.06
N VAL A 140 4.44 20.48 46.30
CA VAL A 140 3.92 21.27 47.40
C VAL A 140 3.43 20.30 48.47
N VAL A 141 4.06 20.36 49.64
CA VAL A 141 3.74 19.48 50.77
C VAL A 141 3.22 20.35 51.90
N LYS A 142 2.08 19.96 52.47
CA LYS A 142 1.44 20.73 53.54
C LYS A 142 1.41 19.92 54.82
N VAL A 143 1.53 20.61 55.95
CA VAL A 143 1.53 20.00 57.27
C VAL A 143 0.66 20.84 58.19
N GLU A 144 -0.26 20.18 58.91
CA GLU A 144 -1.08 20.86 59.90
C GLU A 144 -1.09 20.01 61.17
N PRO A 145 -0.93 20.62 62.35
CA PRO A 145 -1.03 19.86 63.59
C PRO A 145 -2.49 19.61 63.96
N HIS A 146 -2.68 18.86 65.05
CA HIS A 146 -4.01 18.58 65.58
C HIS A 146 -4.28 19.62 66.66
N THR A 147 -4.83 20.76 66.22
CA THR A 147 -5.06 21.91 67.10
C THR A 147 -6.29 21.74 67.97
N GLY A 148 -7.11 20.71 67.75
CA GLY A 148 -8.29 20.50 68.55
C GLY A 148 -9.52 21.24 68.08
N ASP A 149 -9.46 21.93 66.94
CA ASP A 149 -10.60 22.65 66.39
C ASP A 149 -10.87 22.17 64.98
N TYR A 150 -12.15 22.03 64.64
CA TYR A 150 -12.56 21.51 63.35
C TYR A 150 -12.96 22.64 62.41
N GLN A 151 -12.50 22.56 61.16
CA GLN A 151 -12.84 23.52 60.12
C GLN A 151 -13.07 22.76 58.82
N ALA A 152 -14.14 23.12 58.11
CA ALA A 152 -14.48 22.43 56.87
C ALA A 152 -13.44 22.72 55.79
N ALA A 153 -13.61 22.06 54.64
CA ALA A 153 -12.68 22.20 53.54
C ALA A 153 -12.70 23.58 52.90
N ASN A 154 -13.77 24.35 53.08
CA ASN A 154 -13.87 25.67 52.50
C ASN A 154 -13.43 26.77 53.47
N GLU A 155 -12.95 26.42 54.66
CA GLU A 155 -12.46 27.37 55.64
C GLU A 155 -10.97 27.20 55.81
N THR A 156 -10.22 28.30 55.64
CA THR A 156 -8.77 28.23 55.69
C THR A 156 -8.28 28.09 57.13
N ASN A 157 -7.23 27.30 57.31
CA ASN A 157 -6.62 27.08 58.61
C ASN A 157 -5.37 27.94 58.72
N GLU A 158 -5.31 28.76 59.76
CA GLU A 158 -4.15 29.63 59.97
C GLU A 158 -2.95 28.88 60.51
N ASN A 159 -3.13 27.64 60.96
CA ASN A 159 -2.04 26.81 61.45
C ASN A 159 -1.54 25.80 60.42
N ARG A 160 -1.98 25.91 59.17
CA ARG A 160 -1.51 25.05 58.11
C ARG A 160 -0.26 25.64 57.48
N LYS A 161 0.73 24.77 57.21
CA LYS A 161 2.01 25.19 56.65
C LYS A 161 2.21 24.52 55.30
N THR A 162 2.90 25.25 54.41
CA THR A 162 3.15 24.79 53.05
C THR A 162 4.65 24.81 52.78
N ALA A 163 5.13 23.75 52.13
CA ALA A 163 6.53 23.65 51.70
C ALA A 163 6.57 23.27 50.24
N GLN A 164 7.29 24.05 49.44
CA GLN A 164 7.47 23.78 48.02
C GLN A 164 8.86 23.21 47.80
N PHE A 165 8.93 22.05 47.14
CA PHE A 165 10.15 21.29 47.01
C PHE A 165 10.60 21.27 45.56
N THR A 166 11.71 21.96 45.28
CA THR A 166 12.48 21.78 44.06
C THR A 166 13.73 20.98 44.40
N VAL A 167 14.54 20.68 43.38
CA VAL A 167 15.80 19.99 43.63
C VAL A 167 16.78 20.84 44.44
N ALA A 168 16.52 22.13 44.57
CA ALA A 168 17.39 23.02 45.32
C ALA A 168 17.08 23.04 46.82
N SER A 169 16.17 22.19 47.28
CA SER A 169 15.79 22.13 48.69
C SER A 169 16.42 20.91 49.33
N GLU A 170 17.11 21.14 50.46
CA GLU A 170 17.64 20.04 51.26
C GLU A 170 16.68 19.67 52.39
N LYS A 171 16.41 20.61 53.29
CA LYS A 171 15.59 20.38 54.47
C LYS A 171 14.77 21.64 54.72
N VAL A 172 13.47 21.46 54.98
CA VAL A 172 12.55 22.57 55.16
C VAL A 172 12.03 22.54 56.58
N ILE A 173 12.18 23.65 57.29
CA ILE A 173 11.73 23.79 58.67
C ILE A 173 10.41 24.56 58.66
N LEU A 174 9.37 23.96 59.22
CA LEU A 174 8.04 24.57 59.28
C LEU A 174 7.73 24.92 60.73
N ASP A 175 7.54 26.21 60.98
CA ASP A 175 7.31 26.71 62.34
C ASP A 175 5.83 26.54 62.67
N LEU A 176 5.47 25.35 63.16
CA LEU A 176 4.09 25.08 63.50
C LEU A 176 3.59 25.89 64.68
N GLY A 177 4.48 26.61 65.38
CA GLY A 177 4.08 27.52 66.42
C GLY A 177 4.29 26.96 67.81
N ASP A 178 3.21 26.84 68.60
CA ASP A 178 3.31 26.26 69.92
C ASP A 178 3.47 24.75 69.89
N TYR A 179 3.35 24.13 68.72
CA TYR A 179 3.59 22.70 68.55
C TYR A 179 4.99 22.41 68.02
N GLY A 180 5.90 23.37 68.08
CA GLY A 180 7.27 23.14 67.68
C GLY A 180 7.46 23.22 66.17
N ASP A 181 8.56 22.61 65.72
CA ASP A 181 8.95 22.61 64.31
C ASP A 181 8.93 21.19 63.78
N VAL A 182 8.79 21.07 62.46
CA VAL A 182 8.83 19.77 61.79
C VAL A 182 9.67 19.91 60.54
N SER A 183 10.56 18.95 60.32
CA SER A 183 11.41 18.91 59.14
C SER A 183 10.84 17.94 58.11
N LEU A 184 11.24 18.11 56.86
CA LEU A 184 10.71 17.28 55.77
C LEU A 184 11.81 16.65 54.92
N THR A 185 12.87 17.38 54.62
CA THR A 185 14.14 16.80 54.15
C THR A 185 13.94 15.59 53.25
N CYS A 186 13.25 15.79 52.13
CA CYS A 186 12.94 14.68 51.25
C CYS A 186 13.28 15.00 49.80
N LYS A 187 13.03 14.01 48.94
CA LYS A 187 13.67 13.87 47.65
C LYS A 187 12.68 14.10 46.50
N VAL A 188 13.21 14.62 45.40
CA VAL A 188 12.42 14.81 44.19
C VAL A 188 12.71 13.75 43.14
N ALA A 189 13.82 13.01 43.27
CA ALA A 189 14.14 11.96 42.30
C ALA A 189 13.18 10.78 42.39
N SER A 190 12.45 10.65 43.49
CA SER A 190 11.54 9.54 43.71
C SER A 190 10.14 9.80 43.15
N GLY A 191 9.89 10.99 42.59
CA GLY A 191 8.58 11.32 42.09
C GLY A 191 8.30 10.74 40.72
N ILE A 192 7.73 11.55 39.84
CA ILE A 192 7.42 11.09 38.49
C ILE A 192 8.70 11.05 37.67
N ASP A 193 8.64 10.38 36.52
CA ASP A 193 9.76 10.34 35.58
C ASP A 193 9.51 11.39 34.51
N VAL A 194 10.22 12.51 34.59
CA VAL A 194 9.99 13.62 33.66
C VAL A 194 10.36 13.22 32.23
N ALA A 195 11.39 12.39 32.06
CA ALA A 195 11.83 12.01 30.73
C ALA A 195 10.80 11.18 29.98
N GLN A 196 9.81 10.60 30.67
CA GLN A 196 8.82 9.75 30.05
C GLN A 196 7.39 10.21 30.35
N THR A 197 7.22 11.48 30.71
CA THR A 197 5.92 12.04 31.03
C THR A 197 5.62 13.18 30.07
N VAL A 198 4.40 13.19 29.53
CA VAL A 198 3.95 14.23 28.62
C VAL A 198 2.56 14.66 29.05
N VAL A 199 2.32 15.96 29.07
CA VAL A 199 1.02 16.51 29.47
C VAL A 199 0.34 17.09 28.24
N MET A 200 -0.49 16.28 27.59
CA MET A 200 -1.19 16.71 26.39
C MET A 200 -2.42 17.54 26.75
N SER A 201 -2.75 18.48 25.88
CA SER A 201 -3.89 19.37 26.09
C SER A 201 -4.51 19.70 24.74
N LEU A 202 -5.76 20.14 24.79
CA LEU A 202 -6.51 20.55 23.61
C LEU A 202 -6.78 22.04 23.69
N GLY A 203 -6.69 22.72 22.54
CA GLY A 203 -6.92 24.16 22.53
C GLY A 203 -8.35 24.53 22.86
N SER A 204 -9.30 23.65 22.56
CA SER A 204 -10.71 23.89 22.84
C SER A 204 -11.05 23.33 24.22
N SER A 205 -11.43 24.22 25.14
CA SER A 205 -11.76 23.84 26.51
C SER A 205 -13.24 23.96 26.84
N LYS A 206 -13.99 24.80 26.14
CA LYS A 206 -15.41 24.97 26.42
C LYS A 206 -16.25 23.84 25.84
N ASP A 207 -15.61 22.80 25.28
CA ASP A 207 -16.31 21.65 24.72
C ASP A 207 -16.65 20.60 25.76
N HIS A 208 -16.66 20.96 27.04
CA HIS A 208 -16.90 20.00 28.13
C HIS A 208 -15.90 18.85 28.07
N LEU A 209 -14.62 19.20 28.19
CA LEU A 209 -13.52 18.26 28.13
C LEU A 209 -12.53 18.53 29.24
N PRO A 210 -11.76 17.51 29.64
CA PRO A 210 -10.69 17.75 30.62
C PRO A 210 -9.64 18.71 30.06
N SER A 211 -8.99 19.45 30.96
CA SER A 211 -7.98 20.42 30.52
C SER A 211 -6.80 19.72 29.86
N ALA A 212 -6.32 18.63 30.44
CA ALA A 212 -5.11 17.98 29.96
C ALA A 212 -5.12 16.51 30.36
N TRP A 213 -4.17 15.76 29.79
CA TRP A 213 -4.01 14.34 30.08
C TRP A 213 -2.55 14.07 30.40
N GLN A 214 -2.32 13.09 31.28
CA GLN A 214 -0.97 12.69 31.68
C GLN A 214 -0.60 11.46 30.86
N LEU A 215 0.17 11.66 29.79
CA LEU A 215 0.46 10.62 28.83
C LEU A 215 1.89 10.11 29.00
N HIS A 216 2.28 9.20 28.09
CA HIS A 216 3.61 8.64 28.06
C HIS A 216 4.31 9.09 26.78
N ARG A 217 5.62 9.32 26.87
CA ARG A 217 6.34 9.89 25.73
C ARG A 217 6.28 8.98 24.51
N ASP A 218 6.46 7.68 24.69
CA ASP A 218 6.51 6.77 23.56
C ASP A 218 5.19 6.76 22.79
N TRP A 219 4.06 6.72 23.49
CA TRP A 219 2.77 6.72 22.81
C TRP A 219 2.53 8.04 22.09
N PHE A 220 2.92 9.17 22.70
CA PHE A 220 2.65 10.46 22.11
C PHE A 220 3.55 10.75 20.92
N GLU A 221 4.73 10.14 20.88
CA GLU A 221 5.68 10.34 19.79
C GLU A 221 5.47 9.38 18.63
N ASP A 222 4.42 8.56 18.67
CA ASP A 222 4.17 7.55 17.64
C ASP A 222 2.74 7.60 17.12
N LEU A 223 2.11 8.77 17.15
CA LEU A 223 0.75 8.90 16.63
C LEU A 223 0.78 9.06 15.12
N ALA A 224 -0.24 8.51 14.45
CA ALA A 224 -0.36 8.59 13.00
C ALA A 224 -1.18 9.82 12.63
N LEU A 225 -0.61 10.98 12.92
CA LEU A 225 -1.25 12.26 12.69
C LEU A 225 -0.22 13.25 12.17
N PRO A 226 -0.64 14.30 11.47
CA PRO A 226 0.29 15.37 11.11
C PRO A 226 0.84 16.05 12.35
N TRP A 227 2.07 16.56 12.24
CA TRP A 227 2.73 17.17 13.39
C TRP A 227 3.72 18.22 12.90
N LYS A 228 4.05 19.14 13.81
CA LYS A 228 5.06 20.17 13.58
C LYS A 228 5.50 20.68 14.95
N HIS A 229 6.23 21.79 14.95
CA HIS A 229 6.62 22.48 16.17
C HIS A 229 6.17 23.93 16.09
N LYS A 230 5.94 24.53 17.25
CA LYS A 230 5.29 25.84 17.32
C LYS A 230 6.04 26.86 16.47
N ASP A 231 7.35 26.98 16.65
CA ASP A 231 8.11 27.96 15.90
C ASP A 231 8.29 27.60 14.43
N ASN A 232 7.91 26.39 14.04
CA ASN A 232 7.99 25.95 12.65
C ASN A 232 6.71 26.31 11.90
N GLN A 233 6.81 26.30 10.57
CA GLN A 233 5.71 26.69 9.70
C GLN A 233 5.17 25.57 8.82
N ASP A 234 5.97 24.55 8.53
CA ASP A 234 5.59 23.50 7.59
C ASP A 234 5.20 22.24 8.34
N TRP A 235 4.03 21.71 8.00
CA TRP A 235 3.51 20.51 8.64
C TRP A 235 4.22 19.25 8.09
N ASN A 236 4.21 18.21 8.91
CA ASN A 236 4.84 16.93 8.56
C ASN A 236 3.78 15.84 8.52
N SER A 237 3.88 14.97 7.51
CA SER A 237 2.94 13.86 7.33
C SER A 237 1.51 14.38 7.16
N VAL A 238 1.35 15.24 6.15
CA VAL A 238 0.04 15.86 5.89
C VAL A 238 -0.95 14.91 5.23
N GLU A 239 -0.49 13.75 4.75
CA GLU A 239 -1.36 12.82 4.03
C GLU A 239 -2.10 11.86 4.95
N LYS A 240 -1.92 11.97 6.26
CA LYS A 240 -2.60 11.07 7.18
C LYS A 240 -4.11 11.30 7.19
N LEU A 241 -4.54 12.56 7.17
CA LEU A 241 -5.95 12.91 7.30
C LEU A 241 -6.65 13.05 5.96
N VAL A 242 -5.98 12.79 4.84
CA VAL A 242 -6.53 13.01 3.51
C VAL A 242 -6.49 11.69 2.75
N GLU A 243 -7.62 11.34 2.12
CA GLU A 243 -7.75 10.15 1.30
C GLU A 243 -8.14 10.55 -0.12
N PHE A 244 -7.54 9.89 -1.11
CA PHE A 244 -7.79 10.18 -2.52
C PHE A 244 -8.60 9.04 -3.13
N GLY A 245 -9.68 9.40 -3.82
CA GLY A 245 -10.50 8.42 -4.48
C GLY A 245 -9.91 7.97 -5.81
N PRO A 246 -10.52 6.93 -6.37
CA PRO A 246 -10.05 6.42 -7.67
C PRO A 246 -10.20 7.45 -8.77
N PRO A 247 -9.28 7.51 -9.72
CA PRO A 247 -9.40 8.51 -10.79
C PRO A 247 -10.55 8.20 -11.73
N HIS A 248 -11.08 9.26 -12.34
CA HIS A 248 -12.11 9.13 -13.37
C HIS A 248 -11.71 10.06 -14.52
N ALA A 249 -11.07 9.49 -15.54
CA ALA A 249 -10.61 10.24 -16.70
C ALA A 249 -9.58 11.31 -16.32
N VAL A 250 -10.02 12.55 -16.11
CA VAL A 250 -9.11 13.65 -15.83
C VAL A 250 -9.45 14.28 -14.48
N LYS A 251 -9.96 13.47 -13.57
CA LYS A 251 -10.41 13.96 -12.27
C LYS A 251 -9.96 13.02 -11.18
N MET A 252 -9.81 13.57 -9.98
CA MET A 252 -9.42 12.80 -8.80
C MET A 252 -9.95 13.52 -7.58
N ASP A 253 -11.00 12.97 -6.97
CA ASP A 253 -11.62 13.60 -5.82
C ASP A 253 -10.73 13.45 -4.60
N ILE A 254 -10.58 14.55 -3.86
CA ILE A 254 -9.78 14.60 -2.63
C ILE A 254 -10.77 14.65 -1.47
N PHE A 255 -10.66 13.70 -0.54
CA PHE A 255 -11.59 13.55 0.56
C PHE A 255 -10.89 13.79 1.89
N ASN A 256 -11.57 14.52 2.77
CA ASN A 256 -11.06 14.82 4.10
C ASN A 256 -11.70 13.84 5.09
N LEU A 257 -10.87 13.27 5.97
CA LEU A 257 -11.33 12.23 6.88
C LEU A 257 -11.97 12.79 8.14
N GLY A 258 -12.25 14.09 8.20
CA GLY A 258 -12.98 14.65 9.31
C GLY A 258 -12.09 14.89 10.52
N ASP A 259 -12.74 14.95 11.68
CA ASP A 259 -12.09 15.25 12.94
C ASP A 259 -11.74 13.96 13.66
N GLN A 260 -10.49 13.86 14.11
CA GLN A 260 -9.99 12.67 14.79
C GLN A 260 -9.94 12.83 16.31
N THR A 261 -10.60 13.86 16.85
CA THR A 261 -10.62 14.03 18.30
C THR A 261 -11.32 12.88 18.98
N ALA A 262 -12.44 12.42 18.41
CA ALA A 262 -13.19 11.33 19.02
C ALA A 262 -12.37 10.05 19.08
N VAL A 263 -11.63 9.75 18.01
CA VAL A 263 -10.79 8.55 18.01
C VAL A 263 -9.72 8.67 19.08
N LEU A 264 -9.09 9.84 19.19
CA LEU A 264 -8.06 10.05 20.19
C LEU A 264 -8.62 9.84 21.60
N LEU A 265 -9.79 10.42 21.87
CA LEU A 265 -10.40 10.25 23.17
C LEU A 265 -10.74 8.79 23.44
N LYS A 266 -11.24 8.09 22.42
CA LYS A 266 -11.60 6.69 22.59
C LYS A 266 -10.36 5.82 22.82
N SER A 267 -9.20 6.27 22.38
CA SER A 267 -7.95 5.54 22.57
C SER A 267 -7.19 5.97 23.83
N LEU A 268 -7.72 6.92 24.60
CA LEU A 268 -7.06 7.43 25.80
C LEU A 268 -7.65 6.84 27.08
N ALA A 269 -8.52 5.84 26.99
CA ALA A 269 -9.18 5.33 28.18
C ALA A 269 -8.16 4.84 29.20
N GLY A 270 -8.34 5.24 30.46
CA GLY A 270 -7.52 4.77 31.55
C GLY A 270 -6.36 5.67 31.93
N VAL A 271 -6.00 6.65 31.11
CA VAL A 271 -4.86 7.50 31.39
C VAL A 271 -5.22 8.47 32.50
N PRO A 272 -4.28 8.88 33.35
CA PRO A 272 -4.61 9.88 34.38
C PRO A 272 -4.91 11.22 33.76
N LEU A 273 -5.71 12.01 34.47
CA LEU A 273 -6.05 13.36 34.04
C LEU A 273 -5.03 14.37 34.59
N ALA A 274 -5.17 15.61 34.15
CA ALA A 274 -4.31 16.70 34.61
C ALA A 274 -5.11 18.00 34.52
N SER A 275 -4.51 19.09 34.99
CA SER A 275 -5.18 20.38 35.03
C SER A 275 -4.24 21.46 34.53
N VAL A 276 -4.84 22.50 33.93
CA VAL A 276 -4.13 23.70 33.51
C VAL A 276 -4.94 24.91 33.98
N ASP A 277 -4.35 25.77 34.78
CA ASP A 277 -4.93 27.04 35.16
C ASP A 277 -3.91 28.13 34.86
N ASN A 278 -4.26 29.04 33.95
CA ASN A 278 -3.32 30.04 33.45
C ASN A 278 -2.12 29.30 32.87
N GLN A 279 -0.89 29.53 33.34
CA GLN A 279 0.29 28.89 32.81
C GLN A 279 0.80 27.73 33.67
N LYS A 280 0.16 27.44 34.79
CA LYS A 280 0.57 26.34 35.64
C LYS A 280 -0.06 25.04 35.17
N TYR A 281 0.77 24.03 34.90
CA TYR A 281 0.34 22.75 34.36
C TYR A 281 0.41 21.71 35.47
N HIS A 282 -0.68 21.55 36.20
CA HIS A 282 -0.75 20.59 37.29
C HIS A 282 -0.95 19.17 36.76
N LEU A 283 -0.72 18.20 37.63
CA LEU A 283 -1.08 16.82 37.37
C LEU A 283 -1.66 16.23 38.65
N LYS A 284 -2.64 15.35 38.50
CA LYS A 284 -3.49 14.93 39.61
C LYS A 284 -3.26 13.48 40.01
N SER A 285 -2.20 12.84 39.51
CA SER A 285 -1.87 11.46 39.89
C SER A 285 -0.35 11.37 40.03
N GLY A 286 0.13 11.23 41.25
CA GLY A 286 1.56 11.14 41.47
C GLY A 286 1.85 10.87 42.93
N HIS A 287 3.13 10.68 43.22
CA HIS A 287 3.58 10.39 44.58
C HIS A 287 5.03 10.83 44.73
N VAL A 288 5.45 10.99 45.98
CA VAL A 288 6.83 11.38 46.28
C VAL A 288 7.19 10.86 47.67
N THR A 289 8.34 10.20 47.77
CA THR A 289 8.79 9.67 49.05
C THR A 289 9.35 10.80 49.89
N CYS A 290 8.83 10.96 51.11
CA CYS A 290 9.23 12.06 51.97
C CYS A 290 9.38 11.58 53.41
N ASP A 291 10.45 12.04 54.07
CA ASP A 291 10.72 11.74 55.46
C ASP A 291 10.21 12.89 56.33
N VAL A 292 9.84 12.58 57.57
CA VAL A 292 9.35 13.57 58.52
C VAL A 292 10.18 13.47 59.79
N GLY A 293 10.70 14.62 60.24
CA GLY A 293 11.51 14.67 61.44
C GLY A 293 10.69 15.14 62.62
N LEU A 294 10.61 14.30 63.65
CA LEU A 294 9.82 14.57 64.85
C LEU A 294 10.69 15.05 66.02
N GLU A 295 11.94 15.45 65.74
CA GLU A 295 12.84 15.82 66.82
C GLU A 295 12.33 17.03 67.59
N LYS A 296 11.85 18.05 66.89
CA LYS A 296 11.59 19.35 67.49
C LYS A 296 10.12 19.56 67.81
N LEU A 297 9.26 18.57 67.59
CA LEU A 297 7.85 18.72 67.89
C LEU A 297 7.63 18.84 69.39
N LYS A 298 6.58 19.56 69.76
CA LYS A 298 6.34 19.96 71.13
C LYS A 298 4.86 19.81 71.45
N LEU A 299 4.56 19.33 72.65
CA LEU A 299 3.17 19.08 73.06
C LEU A 299 2.64 20.30 73.81
N LYS A 300 1.58 20.89 73.29
CA LYS A 300 0.93 22.03 73.93
C LYS A 300 -0.13 21.54 74.90
N GLY A 301 -0.07 22.03 76.13
CA GLY A 301 -1.09 21.74 77.11
C GLY A 301 -0.72 20.69 78.13
N THR A 302 0.51 20.74 78.63
CA THR A 302 0.92 19.86 79.72
C THR A 302 1.07 20.57 81.05
N THR A 303 1.18 21.89 81.05
CA THR A 303 1.27 22.67 82.29
C THR A 303 -0.08 23.10 82.82
N TYR A 304 -1.17 22.83 82.09
CA TYR A 304 -2.47 23.34 82.45
C TYR A 304 -3.15 22.45 83.50
N SER A 305 -4.01 23.07 84.29
CA SER A 305 -4.88 22.31 85.17
C SER A 305 -5.90 21.54 84.35
N MET A 306 -6.81 20.85 85.04
CA MET A 306 -7.74 19.93 84.40
C MET A 306 -9.12 20.58 84.34
N CYS A 307 -9.75 20.50 83.17
CA CYS A 307 -11.08 21.06 83.02
C CYS A 307 -12.05 20.36 83.97
N ASP A 308 -12.98 21.15 84.51
CA ASP A 308 -13.97 20.60 85.43
C ASP A 308 -14.83 19.57 84.73
N LYS A 309 -15.21 18.53 85.47
CA LYS A 309 -15.96 17.42 84.87
C LYS A 309 -17.41 17.78 84.62
N THR A 310 -18.02 18.56 85.51
CA THR A 310 -19.45 18.84 85.48
C THR A 310 -19.77 20.09 84.66
N LYS A 311 -18.97 20.41 83.65
CA LYS A 311 -19.16 21.63 82.89
C LYS A 311 -19.00 21.38 81.39
N PHE A 312 -19.32 20.19 80.93
CA PHE A 312 -19.23 19.81 79.52
C PHE A 312 -20.62 19.58 78.94
N LYS A 313 -20.71 19.73 77.62
CA LYS A 313 -21.95 19.48 76.91
C LYS A 313 -21.64 19.26 75.43
N TRP A 314 -22.42 18.39 74.81
CA TRP A 314 -22.17 18.02 73.42
C TRP A 314 -22.47 19.18 72.48
N LYS A 315 -21.61 19.37 71.49
CA LYS A 315 -21.92 20.23 70.35
C LYS A 315 -22.20 19.42 69.09
N ARG A 316 -21.35 18.45 68.79
CA ARG A 316 -21.68 17.34 67.91
C ARG A 316 -21.52 16.04 68.69
N VAL A 317 -22.53 15.18 68.62
CA VAL A 317 -22.45 13.88 69.30
C VAL A 317 -21.55 12.97 68.47
N PRO A 318 -20.86 12.01 69.09
CA PRO A 318 -19.92 11.19 68.33
C PRO A 318 -20.61 10.43 67.20
N VAL A 319 -19.91 10.29 66.08
CA VAL A 319 -20.41 9.55 64.92
C VAL A 319 -19.28 8.71 64.34
N ASP A 320 -19.66 7.65 63.64
CA ASP A 320 -18.68 6.87 62.89
C ASP A 320 -18.03 7.73 61.82
N SER A 321 -16.71 7.69 61.76
CA SER A 321 -15.97 8.37 60.71
C SER A 321 -15.85 7.45 59.49
N GLY A 322 -15.14 7.91 58.47
CA GLY A 322 -14.89 7.07 57.33
C GLY A 322 -13.70 6.17 57.45
N HIS A 323 -13.02 6.18 58.60
CA HIS A 323 -11.78 5.44 58.80
C HIS A 323 -11.79 4.65 60.10
N ASP A 324 -12.97 4.18 60.51
CA ASP A 324 -13.11 3.34 61.70
C ASP A 324 -12.73 4.10 62.98
N THR A 325 -13.02 5.40 63.02
CA THR A 325 -12.72 6.23 64.18
C THR A 325 -13.99 6.95 64.63
N VAL A 326 -13.92 7.52 65.83
CA VAL A 326 -15.03 8.26 66.42
C VAL A 326 -14.63 9.74 66.51
N VAL A 327 -15.50 10.62 66.01
CA VAL A 327 -15.22 12.05 65.96
C VAL A 327 -16.33 12.79 66.69
N MET A 328 -15.96 13.75 67.53
CA MET A 328 -16.92 14.51 68.30
C MET A 328 -16.37 15.92 68.54
N GLU A 329 -17.15 16.74 69.21
CA GLU A 329 -16.71 18.07 69.62
C GLU A 329 -17.54 18.50 70.82
N VAL A 330 -16.88 18.80 71.93
CA VAL A 330 -17.55 19.16 73.17
C VAL A 330 -17.46 20.67 73.35
N SER A 331 -18.30 21.19 74.24
CA SER A 331 -18.30 22.60 74.61
C SER A 331 -18.20 22.69 76.12
N TYR A 332 -17.52 23.72 76.61
CA TYR A 332 -17.18 23.86 78.02
C TYR A 332 -17.77 25.15 78.58
N THR A 333 -18.35 25.08 79.78
CA THR A 333 -19.05 26.20 80.39
C THR A 333 -18.36 26.68 81.66
N GLY A 334 -17.04 26.87 81.60
CA GLY A 334 -16.29 27.34 82.76
C GLY A 334 -15.46 28.56 82.42
N SER A 335 -15.00 29.23 83.48
CA SER A 335 -14.17 30.42 83.32
C SER A 335 -12.68 30.10 83.28
N ASP A 336 -12.23 29.06 84.00
CA ASP A 336 -10.86 28.60 83.89
C ASP A 336 -10.68 27.91 82.54
N LYS A 337 -10.59 28.71 81.48
CA LYS A 337 -10.81 28.19 80.13
C LYS A 337 -9.64 27.34 79.64
N PRO A 338 -8.39 27.84 79.66
CA PRO A 338 -7.28 27.00 79.18
C PRO A 338 -7.00 25.83 80.12
N CYS A 339 -7.41 24.63 79.72
CA CYS A 339 -7.33 23.46 80.59
C CYS A 339 -7.29 22.20 79.72
N ARG A 340 -7.33 21.04 80.37
CA ARG A 340 -7.21 19.73 79.73
C ARG A 340 -8.52 18.97 79.88
N ILE A 341 -8.89 18.22 78.83
CA ILE A 341 -10.13 17.45 78.82
C ILE A 341 -9.87 16.04 79.35
N PRO A 342 -10.60 15.58 80.37
CA PRO A 342 -10.49 14.16 80.81
C PRO A 342 -11.35 13.17 80.00
N VAL A 343 -10.79 12.69 78.87
CA VAL A 343 -11.49 11.74 78.02
C VAL A 343 -11.08 10.32 78.41
N ARG A 344 -12.04 9.40 78.37
CA ARG A 344 -11.78 7.99 78.62
C ARG A 344 -12.99 7.18 78.13
N ALA A 345 -12.76 5.88 77.92
CA ALA A 345 -13.80 4.97 77.46
C ALA A 345 -13.62 3.62 78.13
N VAL A 346 -14.71 2.86 78.23
CA VAL A 346 -14.69 1.52 78.81
C VAL A 346 -15.73 0.66 78.11
N ALA A 347 -15.38 -0.61 77.88
CA ALA A 347 -16.36 -1.57 77.42
C ALA A 347 -17.39 -1.83 78.52
N HIS A 348 -18.65 -1.94 78.13
CA HIS A 348 -19.72 -2.07 79.11
C HIS A 348 -19.49 -3.31 79.97
N GLY A 349 -19.30 -3.09 81.27
CA GLY A 349 -19.05 -4.17 82.22
C GLY A 349 -17.60 -4.29 82.66
N VAL A 350 -16.70 -3.53 82.06
CA VAL A 350 -15.28 -3.53 82.42
C VAL A 350 -14.89 -2.08 82.69
N PRO A 351 -15.32 -1.50 83.83
CA PRO A 351 -15.15 -0.06 84.02
C PRO A 351 -13.76 0.38 84.46
N THR A 352 -12.87 -0.55 84.80
CA THR A 352 -11.57 -0.20 85.36
C THR A 352 -10.47 -0.09 84.31
N ILE A 353 -10.78 -0.33 83.04
CA ILE A 353 -9.78 -0.35 81.98
C ILE A 353 -10.20 0.63 80.89
N ASN A 354 -9.28 1.50 80.50
CA ASN A 354 -9.51 2.47 79.43
C ASN A 354 -9.13 1.85 78.09
N VAL A 355 -10.00 2.01 77.10
CA VAL A 355 -9.83 1.37 75.80
C VAL A 355 -9.75 2.40 74.67
N ALA A 356 -9.51 3.67 75.00
CA ALA A 356 -9.55 4.75 74.04
C ALA A 356 -8.13 5.07 73.57
N MET A 357 -7.87 4.87 72.28
CA MET A 357 -6.60 5.23 71.66
C MET A 357 -6.77 6.60 71.01
N LEU A 358 -6.56 7.64 71.81
CA LEU A 358 -6.79 8.99 71.34
C LEU A 358 -5.85 9.34 70.20
N ILE A 359 -6.40 9.93 69.13
CA ILE A 359 -5.58 10.45 68.06
C ILE A 359 -5.20 11.90 68.32
N THR A 360 -6.07 12.66 69.00
CA THR A 360 -5.70 13.94 69.59
C THR A 360 -5.12 13.65 70.96
N PRO A 361 -3.79 13.67 71.14
CA PRO A 361 -3.22 13.11 72.37
C PRO A 361 -3.63 13.83 73.64
N ASN A 362 -3.52 15.16 73.66
CA ASN A 362 -3.81 15.96 74.85
C ASN A 362 -4.79 17.06 74.48
N PRO A 363 -6.09 16.73 74.42
CA PRO A 363 -7.08 17.75 74.06
C PRO A 363 -7.06 18.91 75.04
N THR A 364 -7.20 20.12 74.51
CA THR A 364 -7.27 21.32 75.32
C THR A 364 -8.47 22.15 74.88
N ILE A 365 -9.02 22.89 75.84
CA ILE A 365 -10.04 23.91 75.58
C ILE A 365 -9.41 25.26 75.87
N GLU A 366 -9.35 26.11 74.86
CA GLU A 366 -8.65 27.39 74.95
C GLU A 366 -9.63 28.54 74.81
N THR A 367 -9.14 29.74 75.11
CA THR A 367 -9.98 30.93 74.98
C THR A 367 -10.48 31.10 73.55
N SER A 368 -9.75 30.57 72.57
CA SER A 368 -10.12 30.70 71.17
C SER A 368 -10.92 29.51 70.64
N GLY A 369 -11.19 28.51 71.48
CA GLY A 369 -11.96 27.35 71.10
C GLY A 369 -11.28 26.07 71.52
N GLY A 370 -11.61 24.99 70.81
CA GLY A 370 -11.10 23.67 71.15
C GLY A 370 -12.22 22.73 71.52
N GLY A 371 -11.93 21.43 71.59
CA GLY A 371 -12.92 20.45 71.96
C GLY A 371 -13.10 19.32 70.95
N PHE A 372 -12.50 19.41 69.78
CA PHE A 372 -12.60 18.30 68.82
C PHE A 372 -11.75 17.13 69.30
N ILE A 373 -12.39 15.99 69.51
CA ILE A 373 -11.75 14.77 69.99
C ILE A 373 -11.98 13.66 68.98
N GLU A 374 -10.91 12.97 68.61
CA GLU A 374 -11.00 11.81 67.72
C GLU A 374 -10.30 10.64 68.39
N MET A 375 -10.99 9.50 68.46
CA MET A 375 -10.46 8.32 69.11
C MET A 375 -10.78 7.10 68.28
N GLN A 376 -10.16 5.98 68.64
CA GLN A 376 -10.47 4.68 68.06
C GLN A 376 -10.77 3.71 69.20
N LEU A 377 -11.88 2.98 69.09
CA LEU A 377 -12.34 2.10 70.15
C LEU A 377 -12.41 0.66 69.66
N PRO A 378 -12.26 -0.31 70.57
CA PRO A 378 -12.37 -1.71 70.16
C PRO A 378 -13.83 -2.07 69.87
N PRO A 379 -14.07 -3.10 69.05
CA PRO A 379 -15.45 -3.50 68.78
C PRO A 379 -16.16 -3.91 70.04
N GLY A 380 -17.47 -3.68 70.06
CA GLY A 380 -18.32 -3.99 71.19
C GLY A 380 -19.15 -2.79 71.59
N ASP A 381 -19.76 -2.88 72.77
CA ASP A 381 -20.56 -1.79 73.31
C ASP A 381 -19.71 -1.08 74.36
N ASN A 382 -19.22 0.11 74.02
CA ASN A 382 -18.39 0.92 74.90
C ASN A 382 -19.22 2.04 75.51
N ILE A 383 -18.56 2.85 76.35
CA ILE A 383 -19.15 4.05 76.93
C ILE A 383 -18.09 5.13 76.89
N ILE A 384 -18.40 6.25 76.25
CA ILE A 384 -17.44 7.33 76.05
C ILE A 384 -17.67 8.38 77.13
N TYR A 385 -16.67 8.56 78.00
CA TYR A 385 -16.74 9.48 79.11
C TYR A 385 -15.89 10.71 78.81
N VAL A 386 -16.48 11.89 78.95
CA VAL A 386 -15.74 13.15 78.91
C VAL A 386 -16.15 13.92 80.17
N GLY A 387 -15.41 13.71 81.26
CA GLY A 387 -15.82 14.24 82.54
C GLY A 387 -16.96 13.42 83.12
N ASP A 388 -18.13 14.05 83.29
CA ASP A 388 -19.34 13.37 83.72
C ASP A 388 -20.26 13.06 82.55
N LEU A 389 -19.80 13.28 81.32
CA LEU A 389 -20.64 13.21 80.12
C LEU A 389 -20.49 11.82 79.52
N SER A 390 -21.50 10.98 79.73
CA SER A 390 -21.50 9.63 79.20
C SER A 390 -22.19 9.57 77.85
N GLN A 391 -21.79 8.58 77.04
CA GLN A 391 -22.40 8.38 75.72
C GLN A 391 -22.16 6.92 75.35
N GLN A 392 -23.18 6.08 75.54
CA GLN A 392 -23.06 4.68 75.16
C GLN A 392 -22.76 4.55 73.68
N TRP A 393 -21.76 3.74 73.36
CA TRP A 393 -21.25 3.64 72.00
C TRP A 393 -21.09 2.18 71.63
N PHE A 394 -21.52 1.82 70.42
CA PHE A 394 -21.33 0.48 69.87
C PHE A 394 -20.48 0.60 68.61
N GLN A 395 -19.23 0.16 68.69
CA GLN A 395 -18.31 0.21 67.57
C GLN A 395 -18.52 -1.02 66.68
N LYS A 396 -18.69 -0.79 65.38
CA LYS A 396 -18.89 -1.87 64.44
C LYS A 396 -17.55 -2.51 64.09
N GLY A 397 -17.62 -3.58 63.30
CA GLY A 397 -16.43 -4.25 62.85
C GLY A 397 -15.92 -5.28 63.82
N SER A 398 -14.75 -5.83 63.50
CA SER A 398 -14.13 -6.86 64.32
C SER A 398 -12.63 -6.85 64.08
N THR A 399 -11.90 -7.53 64.96
CA THR A 399 -10.45 -7.58 64.84
C THR A 399 -10.01 -8.24 63.54
N ILE A 400 -10.67 -9.34 63.16
CA ILE A 400 -10.31 -10.01 61.91
C ILE A 400 -10.53 -9.08 60.72
N GLY A 401 -11.65 -8.37 60.71
CA GLY A 401 -11.90 -7.41 59.65
C GLY A 401 -10.85 -6.32 59.62
N ARG A 402 -10.40 -5.87 60.79
CA ARG A 402 -9.36 -4.85 60.85
C ARG A 402 -8.04 -5.37 60.27
N MET A 403 -7.65 -6.59 60.61
CA MET A 403 -6.43 -7.17 60.04
C MET A 403 -6.55 -7.29 58.53
N PHE A 404 -7.70 -7.78 58.06
CA PHE A 404 -7.89 -7.95 56.62
C PHE A 404 -7.84 -6.60 55.91
N GLU A 405 -8.43 -5.57 56.51
CA GLU A 405 -8.42 -4.24 55.88
C GLU A 405 -7.03 -3.66 55.86
N LYS A 406 -6.26 -3.85 56.93
CA LYS A 406 -4.86 -3.40 56.91
C LYS A 406 -4.06 -4.10 55.82
N THR A 407 -4.25 -5.41 55.68
CA THR A 407 -3.56 -6.13 54.61
C THR A 407 -4.00 -5.62 53.24
N ARG A 408 -5.30 -5.35 53.08
CA ARG A 408 -5.80 -4.82 51.81
C ARG A 408 -5.21 -3.46 51.50
N LYS A 409 -5.09 -2.59 52.51
CA LYS A 409 -4.46 -1.30 52.31
C LYS A 409 -3.01 -1.47 51.87
N GLY A 410 -2.29 -2.39 52.51
CA GLY A 410 -0.92 -2.66 52.08
C GLY A 410 -0.85 -3.13 50.64
N LEU A 411 -1.73 -4.06 50.27
CA LEU A 411 -1.74 -4.58 48.91
C LEU A 411 -2.08 -3.50 47.90
N GLU A 412 -3.05 -2.64 48.22
CA GLU A 412 -3.44 -1.57 47.30
C GLU A 412 -2.32 -0.54 47.15
N ARG A 413 -1.64 -0.20 48.24
CA ARG A 413 -0.48 0.67 48.14
C ARG A 413 0.60 0.05 47.28
N LEU A 414 0.82 -1.25 47.45
CA LEU A 414 1.81 -1.96 46.63
C LEU A 414 1.42 -1.93 45.15
N SER A 415 0.13 -2.07 44.87
CA SER A 415 -0.34 -2.08 43.48
C SER A 415 -0.22 -0.69 42.85
N VAL A 416 -0.49 0.36 43.62
CA VAL A 416 -0.53 1.71 43.07
C VAL A 416 0.88 2.28 43.01
N VAL A 417 1.52 2.45 44.17
CA VAL A 417 2.81 3.13 44.22
C VAL A 417 3.90 2.27 43.61
N GLY A 418 4.01 1.02 44.04
CA GLY A 418 5.02 0.11 43.52
C GLY A 418 6.12 -0.20 44.52
N GLU A 419 7.37 -0.23 44.04
CA GLU A 419 8.48 -0.63 44.90
C GLU A 419 8.68 0.32 46.07
N HIS A 420 8.22 1.57 45.98
CA HIS A 420 8.36 2.50 47.10
C HIS A 420 7.45 2.13 48.26
N ALA A 421 6.48 1.24 48.05
CA ALA A 421 5.62 0.82 49.14
C ALA A 421 6.40 0.23 50.30
N TRP A 422 7.61 -0.27 50.05
CA TRP A 422 8.46 -0.78 51.11
C TRP A 422 9.18 0.32 51.86
N ASP A 423 9.10 1.57 51.38
CA ASP A 423 9.69 2.71 52.07
C ASP A 423 8.69 3.39 53.00
N PHE A 424 7.44 2.94 53.04
CA PHE A 424 6.43 3.53 53.90
C PHE A 424 6.61 3.03 55.33
N GLY A 425 6.73 3.96 56.28
CA GLY A 425 6.90 3.57 57.67
C GLY A 425 8.10 2.70 57.93
N SER A 426 9.15 2.81 57.11
CA SER A 426 10.33 1.98 57.25
C SER A 426 11.32 2.63 58.20
N VAL A 427 11.71 1.88 59.23
CA VAL A 427 12.70 2.35 60.20
C VAL A 427 14.08 1.79 59.90
N GLY A 428 14.25 1.12 58.76
CA GLY A 428 15.52 0.52 58.40
C GLY A 428 15.57 -0.95 58.77
N GLY A 429 15.52 -1.82 57.78
CA GLY A 429 15.52 -3.25 58.03
C GLY A 429 16.03 -4.02 56.83
N ILE A 430 16.15 -5.32 57.01
CA ILE A 430 16.61 -6.22 55.95
C ILE A 430 15.45 -6.79 55.16
N LEU A 431 14.33 -7.09 55.82
CA LEU A 431 13.17 -7.61 55.11
C LEU A 431 12.67 -6.61 54.09
N SER A 432 12.60 -5.33 54.47
CA SER A 432 12.15 -4.31 53.52
C SER A 432 13.10 -4.20 52.33
N SER A 433 14.41 -4.25 52.58
CA SER A 433 15.37 -4.12 51.49
C SER A 433 15.28 -5.31 50.53
N VAL A 434 15.25 -6.53 51.07
CA VAL A 434 15.18 -7.70 50.20
C VAL A 434 13.85 -7.73 49.45
N GLY A 435 12.75 -7.38 50.12
CA GLY A 435 11.48 -7.28 49.43
C GLY A 435 11.51 -6.26 48.31
N LYS A 436 12.14 -5.11 48.55
CA LYS A 436 12.22 -4.08 47.53
C LYS A 436 13.03 -4.56 46.34
N ALA A 437 14.14 -5.25 46.58
CA ALA A 437 14.95 -5.76 45.48
C ALA A 437 14.18 -6.80 44.68
N ILE A 438 13.50 -7.71 45.37
CA ILE A 438 12.72 -8.73 44.69
C ILE A 438 11.62 -8.10 43.85
N HIS A 439 10.91 -7.12 44.41
CA HIS A 439 9.83 -6.46 43.68
C HIS A 439 10.38 -5.68 42.50
N THR A 440 11.55 -5.07 42.65
CA THR A 440 12.15 -4.36 41.52
C THR A 440 12.47 -5.31 40.39
N VAL A 441 13.06 -6.46 40.69
CA VAL A 441 13.39 -7.42 39.64
C VAL A 441 12.12 -7.93 38.97
N LEU A 442 11.11 -8.28 39.78
CA LEU A 442 9.86 -8.80 39.23
C LEU A 442 9.17 -7.75 38.36
N GLY A 443 9.13 -6.51 38.83
CA GLY A 443 8.52 -5.45 38.05
C GLY A 443 9.27 -5.19 36.76
N GLY A 444 10.60 -5.25 36.80
CA GLY A 444 11.37 -5.08 35.59
C GLY A 444 11.05 -6.15 34.56
N ALA A 445 11.00 -7.41 35.00
CA ALA A 445 10.65 -8.50 34.09
C ALA A 445 9.25 -8.31 33.52
N PHE A 446 8.28 -7.99 34.39
CA PHE A 446 6.91 -7.83 33.94
C PHE A 446 6.76 -6.67 32.98
N ASN A 447 7.50 -5.58 33.19
CA ASN A 447 7.39 -4.43 32.31
C ASN A 447 8.10 -4.67 30.99
N THR A 448 9.21 -5.41 31.00
CA THR A 448 9.91 -5.67 29.75
C THR A 448 9.21 -6.73 28.91
N LEU A 449 8.36 -7.57 29.52
CA LEU A 449 7.60 -8.52 28.72
C LEU A 449 6.22 -7.99 28.35
N PHE A 450 5.39 -7.67 29.34
CA PHE A 450 4.01 -7.26 29.13
C PHE A 450 3.80 -5.80 29.48
N GLY A 451 4.84 -4.97 29.34
CA GLY A 451 4.69 -3.57 29.69
C GLY A 451 3.64 -2.87 28.84
N GLY A 452 3.68 -3.11 27.53
CA GLY A 452 2.75 -2.48 26.61
C GLY A 452 1.71 -3.43 26.06
N VAL A 453 1.20 -4.32 26.90
CA VAL A 453 0.22 -5.32 26.49
C VAL A 453 -1.02 -5.16 27.37
N GLY A 454 -2.18 -5.50 26.80
CA GLY A 454 -3.44 -5.24 27.47
C GLY A 454 -3.78 -6.28 28.53
N PHE A 455 -4.82 -5.94 29.31
CA PHE A 455 -5.22 -6.77 30.44
C PHE A 455 -5.66 -8.16 29.98
N ILE A 456 -6.56 -8.22 29.01
CA ILE A 456 -7.07 -9.52 28.55
C ILE A 456 -5.97 -10.38 27.97
N PRO A 457 -5.14 -9.89 27.04
CA PRO A 457 -4.03 -10.74 26.56
C PRO A 457 -3.09 -11.20 27.65
N LYS A 458 -2.83 -10.35 28.66
CA LYS A 458 -1.97 -10.77 29.76
C LYS A 458 -2.60 -11.91 30.55
N MET A 459 -3.90 -11.81 30.84
CA MET A 459 -4.58 -12.89 31.54
C MET A 459 -4.56 -14.17 30.71
N LEU A 460 -4.80 -14.06 29.41
CA LEU A 460 -4.78 -15.25 28.55
C LEU A 460 -3.39 -15.87 28.49
N LEU A 461 -2.34 -15.04 28.43
CA LEU A 461 -0.99 -15.58 28.43
C LEU A 461 -0.68 -16.29 29.74
N GLY A 462 -1.11 -15.71 30.86
CA GLY A 462 -0.95 -16.40 32.13
C GLY A 462 -1.65 -17.75 32.15
N VAL A 463 -2.88 -17.79 31.64
CA VAL A 463 -3.62 -19.05 31.64
C VAL A 463 -2.94 -20.07 30.72
N ALA A 464 -2.43 -19.61 29.58
CA ALA A 464 -1.74 -20.52 28.67
C ALA A 464 -0.49 -21.08 29.31
N LEU A 465 0.25 -20.26 30.03
CA LEU A 465 1.43 -20.74 30.76
C LEU A 465 1.02 -21.76 31.81
N VAL A 466 -0.07 -21.49 32.53
CA VAL A 466 -0.54 -22.43 33.55
C VAL A 466 -0.90 -23.77 32.91
N TRP A 467 -1.59 -23.73 31.77
CA TRP A 467 -1.97 -24.98 31.12
C TRP A 467 -0.75 -25.74 30.62
N LEU A 468 0.23 -25.01 30.05
CA LEU A 468 1.44 -25.67 29.58
C LEU A 468 2.15 -26.36 30.73
N GLY A 469 2.25 -25.70 31.89
CA GLY A 469 2.87 -26.33 33.05
C GLY A 469 2.09 -27.53 33.55
N LEU A 470 0.75 -27.42 33.58
CA LEU A 470 -0.08 -28.51 34.07
C LEU A 470 0.06 -29.74 33.19
N ASN A 471 0.07 -29.56 31.87
CA ASN A 471 0.26 -30.68 30.97
C ASN A 471 1.73 -31.02 30.76
N ALA A 472 2.65 -30.27 31.38
CA ALA A 472 4.07 -30.50 31.17
C ALA A 472 4.48 -31.85 31.73
N ARG A 473 5.21 -32.62 30.92
CA ARG A 473 5.67 -33.94 31.33
C ARG A 473 6.78 -33.84 32.38
N ASN A 474 7.74 -32.94 32.17
CA ASN A 474 8.88 -32.83 33.06
C ASN A 474 8.48 -32.03 34.31
N PRO A 475 8.69 -32.56 35.52
CA PRO A 475 8.25 -31.82 36.70
C PRO A 475 8.86 -30.43 36.82
N THR A 476 10.14 -30.26 36.48
CA THR A 476 10.77 -28.97 36.65
C THR A 476 10.12 -27.92 35.75
N MET A 477 9.88 -28.27 34.49
CA MET A 477 9.21 -27.34 33.58
C MET A 477 7.80 -27.05 34.06
N SER A 478 7.12 -28.06 34.61
CA SER A 478 5.78 -27.84 35.15
C SER A 478 5.81 -26.81 36.26
N MET A 479 6.74 -26.97 37.21
CA MET A 479 6.83 -26.02 38.31
C MET A 479 7.17 -24.62 37.81
N THR A 480 8.12 -24.53 36.87
CA THR A 480 8.50 -23.23 36.35
C THR A 480 7.31 -22.53 35.69
N PHE A 481 6.59 -23.26 34.83
CA PHE A 481 5.46 -22.66 34.13
C PHE A 481 4.35 -22.26 35.10
N LEU A 482 4.05 -23.12 36.08
CA LEU A 482 3.02 -22.76 37.05
C LEU A 482 3.42 -21.52 37.85
N ALA A 483 4.67 -21.44 38.28
CA ALA A 483 5.11 -20.28 39.03
C ALA A 483 5.01 -19.01 38.19
N VAL A 484 5.49 -19.07 36.95
CA VAL A 484 5.47 -17.88 36.10
C VAL A 484 4.03 -17.46 35.79
N GLY A 485 3.15 -18.43 35.53
CA GLY A 485 1.77 -18.10 35.25
C GLY A 485 1.06 -17.49 36.45
N ALA A 486 1.28 -18.06 37.64
CA ALA A 486 0.69 -17.49 38.84
C ALA A 486 1.21 -16.08 39.10
N LEU A 487 2.52 -15.87 38.90
CA LEU A 487 3.08 -14.53 39.07
C LEU A 487 2.45 -13.55 38.09
N THR A 488 2.29 -13.97 36.82
CA THR A 488 1.69 -13.09 35.83
C THR A 488 0.24 -12.78 36.16
N LEU A 489 -0.51 -13.77 36.62
CA LEU A 489 -1.89 -13.53 37.02
C LEU A 489 -1.97 -12.57 38.19
N MET A 490 -1.10 -12.75 39.18
CA MET A 490 -1.10 -11.88 40.36
C MET A 490 -0.74 -10.44 39.99
N MET A 491 0.28 -10.27 39.16
CA MET A 491 0.67 -8.92 38.76
C MET A 491 -0.37 -8.29 37.84
N THR A 492 -1.10 -9.10 37.09
CA THR A 492 -2.00 -8.57 36.07
C THR A 492 -3.16 -7.81 36.69
N MET A 493 -3.67 -8.30 37.83
CA MET A 493 -4.82 -7.64 38.45
C MET A 493 -4.47 -6.21 38.86
N GLY A 494 -3.29 -6.00 39.41
CA GLY A 494 -2.86 -4.67 39.81
C GLY A 494 -2.82 -3.70 38.65
N SER B 1 -7.96 4.32 7.31
CA SER B 1 -8.21 5.61 8.00
C SER B 1 -7.06 5.94 8.96
N VAL B 2 -7.37 6.47 10.13
CA VAL B 2 -6.38 6.82 11.15
C VAL B 2 -6.47 5.77 12.25
N VAL B 3 -5.33 5.15 12.57
CA VAL B 3 -5.24 4.12 13.60
C VAL B 3 -4.48 4.71 14.78
N ILE B 4 -5.13 4.79 15.93
CA ILE B 4 -4.51 5.29 17.17
C ILE B 4 -4.40 4.14 18.15
N PRO B 5 -3.19 3.62 18.41
CA PRO B 5 -3.07 2.51 19.37
C PRO B 5 -3.56 2.91 20.75
N THR B 6 -4.16 1.95 21.45
CA THR B 6 -4.65 2.20 22.80
C THR B 6 -3.48 2.36 23.77
N HIS B 7 -3.66 3.23 24.75
CA HIS B 7 -2.64 3.53 25.75
C HIS B 7 -2.61 2.38 26.76
N ALA B 8 -1.73 1.41 26.51
CA ALA B 8 -1.64 0.23 27.36
C ALA B 8 -0.67 0.40 28.52
N GLN B 9 0.07 1.50 28.58
CA GLN B 9 1.00 1.73 29.68
C GLN B 9 0.25 2.27 30.88
N LYS B 10 0.34 1.56 32.01
CA LYS B 10 -0.30 1.97 33.25
C LYS B 10 0.73 2.32 34.31
N ASP B 11 1.84 2.91 33.89
CA ASP B 11 2.93 3.27 34.79
C ASP B 11 2.75 4.61 35.46
N MET B 12 1.76 5.39 35.04
CA MET B 12 1.53 6.74 35.55
C MET B 12 0.31 6.83 36.46
N VAL B 13 -0.41 5.72 36.68
CA VAL B 13 -1.66 5.78 37.41
C VAL B 13 -1.39 6.14 38.87
N GLY B 14 -2.43 6.65 39.53
CA GLY B 14 -2.38 7.00 40.94
C GLY B 14 -3.74 6.89 41.57
N ARG B 15 -4.03 7.80 42.50
CA ARG B 15 -5.34 7.85 43.14
C ARG B 15 -6.20 8.97 42.59
N GLY B 16 -5.78 9.63 41.51
CA GLY B 16 -6.55 10.69 40.90
C GLY B 16 -7.57 10.18 39.91
N HIS B 17 -8.35 11.12 39.37
CA HIS B 17 -9.39 10.76 38.42
C HIS B 17 -8.77 10.29 37.11
N ALA B 18 -9.39 9.30 36.49
CA ALA B 18 -8.92 8.71 35.24
C ALA B 18 -9.97 8.93 34.16
N TRP B 19 -9.51 8.97 32.92
CA TRP B 19 -10.38 9.23 31.77
C TRP B 19 -10.99 7.92 31.30
N LEU B 20 -12.28 7.73 31.60
CA LEU B 20 -13.04 6.57 31.11
C LEU B 20 -12.32 5.26 31.47
N LYS B 21 -12.27 4.99 32.77
CA LYS B 21 -11.60 3.79 33.26
C LYS B 21 -12.40 2.55 32.89
N GLY B 22 -11.81 1.69 32.06
CA GLY B 22 -12.38 0.40 31.78
C GLY B 22 -13.44 0.36 30.70
N ASP B 23 -13.50 1.36 29.83
CA ASP B 23 -14.47 1.33 28.74
C ASP B 23 -13.98 0.53 27.54
N ASN B 24 -12.70 0.16 27.47
CA ASN B 24 -12.24 -0.74 26.43
C ASN B 24 -12.91 -2.10 26.56
N ILE B 25 -12.99 -2.61 27.79
CA ILE B 25 -13.61 -3.92 28.03
C ILE B 25 -15.10 -3.85 27.73
N ARG B 26 -15.77 -2.77 28.15
CA ARG B 26 -17.19 -2.62 27.84
C ARG B 26 -17.42 -2.52 26.35
N ASP B 27 -16.53 -1.83 25.63
CA ASP B 27 -16.65 -1.77 24.17
C ASP B 27 -16.51 -3.16 23.56
N HIS B 28 -15.54 -3.94 24.04
CA HIS B 28 -15.35 -5.29 23.51
C HIS B 28 -16.59 -6.14 23.78
N VAL B 29 -17.15 -6.05 24.99
CA VAL B 29 -18.32 -6.84 25.33
C VAL B 29 -19.51 -6.42 24.47
N THR B 30 -19.71 -5.12 24.29
CA THR B 30 -20.81 -4.66 23.44
C THR B 30 -20.65 -5.15 22.02
N ARG B 31 -19.42 -5.09 21.48
CA ARG B 31 -19.17 -5.55 20.12
C ARG B 31 -19.48 -7.03 19.98
N VAL B 32 -19.01 -7.84 20.93
CA VAL B 32 -19.24 -9.28 20.86
C VAL B 32 -20.72 -9.58 20.99
N GLU B 33 -21.41 -8.92 21.91
CA GLU B 33 -22.84 -9.18 22.10
C GLU B 33 -23.63 -8.80 20.86
N GLY B 34 -23.32 -7.65 20.26
CA GLY B 34 -24.02 -7.26 19.05
C GLY B 34 -23.79 -8.23 17.91
N TRP B 35 -22.54 -8.63 17.71
CA TRP B 35 -22.23 -9.57 16.63
C TRP B 35 -22.93 -10.91 16.86
N MET B 36 -22.96 -11.38 18.10
CA MET B 36 -23.67 -12.61 18.42
C MET B 36 -25.16 -12.47 18.15
N TRP B 37 -25.75 -11.33 18.51
CA TRP B 37 -27.19 -11.14 18.36
C TRP B 37 -27.58 -11.06 16.89
N LYS B 38 -26.74 -10.43 16.06
CA LYS B 38 -27.01 -10.39 14.63
C LYS B 38 -26.73 -11.72 13.95
N ASN B 39 -25.76 -12.47 14.43
CA ASN B 39 -25.37 -13.76 13.85
C ASN B 39 -25.70 -14.86 14.86
N LYS B 40 -26.89 -15.45 14.72
CA LYS B 40 -27.38 -16.45 15.65
C LYS B 40 -27.28 -17.86 15.08
N LEU B 41 -27.73 -18.07 13.84
CA LEU B 41 -27.58 -19.38 13.23
C LEU B 41 -26.11 -19.77 13.12
N LEU B 42 -25.25 -18.80 12.79
CA LEU B 42 -23.82 -19.10 12.67
C LEU B 42 -23.24 -19.54 14.01
N THR B 43 -23.58 -18.85 15.10
CA THR B 43 -23.05 -19.22 16.41
C THR B 43 -23.60 -20.58 16.86
N VAL B 44 -24.89 -20.83 16.61
CA VAL B 44 -25.45 -22.12 16.96
C VAL B 44 -24.78 -23.23 16.16
N ALA B 45 -24.51 -22.98 14.88
CA ALA B 45 -23.83 -23.97 14.06
C ALA B 45 -22.42 -24.23 14.56
N VAL B 46 -21.72 -23.18 14.97
CA VAL B 46 -20.37 -23.37 15.52
C VAL B 46 -20.44 -24.20 16.80
N VAL B 47 -21.40 -23.90 17.66
CA VAL B 47 -21.52 -24.63 18.92
C VAL B 47 -21.80 -26.10 18.65
N ALA B 48 -22.72 -26.39 17.73
CA ALA B 48 -23.03 -27.79 17.42
C ALA B 48 -21.87 -28.47 16.70
N LEU B 49 -21.08 -27.72 15.93
CA LEU B 49 -19.93 -28.29 15.26
C LEU B 49 -18.85 -28.71 16.25
N ALA B 50 -18.50 -27.81 17.17
CA ALA B 50 -17.50 -28.16 18.17
C ALA B 50 -17.98 -29.28 19.07
N TRP B 51 -19.26 -29.27 19.43
CA TRP B 51 -19.77 -30.25 20.39
C TRP B 51 -19.66 -31.67 19.86
N LEU B 52 -20.02 -31.89 18.59
CA LEU B 52 -20.08 -33.23 18.03
C LEU B 52 -18.81 -33.63 17.30
N MET B 53 -17.81 -32.75 17.21
CA MET B 53 -16.56 -33.08 16.53
C MET B 53 -15.34 -33.04 17.43
N LEU B 54 -15.49 -32.65 18.70
CA LEU B 54 -14.38 -32.58 19.64
C LEU B 54 -14.71 -33.39 20.88
N ASP B 55 -13.69 -33.83 21.60
CA ASP B 55 -13.86 -34.68 22.77
C ASP B 55 -13.47 -34.00 24.08
N SER B 56 -12.67 -32.93 24.03
CA SER B 56 -12.16 -32.30 25.23
C SER B 56 -12.95 -31.02 25.52
N TRP B 57 -13.34 -30.83 26.79
CA TRP B 57 -14.06 -29.63 27.15
C TRP B 57 -13.24 -28.37 26.88
N MET B 58 -11.94 -28.42 27.20
CA MET B 58 -11.10 -27.25 26.97
C MET B 58 -11.04 -26.91 25.49
N ALA B 59 -10.94 -27.93 24.62
CA ALA B 59 -10.88 -27.66 23.19
C ALA B 59 -12.16 -26.98 22.72
N ARG B 60 -13.32 -27.48 23.16
CA ARG B 60 -14.58 -26.86 22.77
C ARG B 60 -14.64 -25.41 23.24
N VAL B 61 -14.33 -25.17 24.51
CA VAL B 61 -14.42 -23.82 25.05
C VAL B 61 -13.46 -22.88 24.33
N THR B 62 -12.22 -23.33 24.11
CA THR B 62 -11.25 -22.49 23.41
C THR B 62 -11.69 -22.17 22.00
N VAL B 63 -12.18 -23.17 21.25
CA VAL B 63 -12.62 -22.92 19.89
C VAL B 63 -13.78 -21.92 19.89
N ILE B 64 -14.74 -22.13 20.78
CA ILE B 64 -15.91 -21.25 20.79
C ILE B 64 -15.49 -19.81 21.12
N LEU B 65 -14.68 -19.66 22.18
CA LEU B 65 -14.29 -18.32 22.60
C LEU B 65 -13.45 -17.62 21.55
N LEU B 66 -12.51 -18.35 20.93
CA LEU B 66 -11.69 -17.74 19.89
C LEU B 66 -12.52 -17.34 18.68
N ALA B 67 -13.48 -18.18 18.27
CA ALA B 67 -14.35 -17.79 17.17
C ALA B 67 -15.13 -16.53 17.51
N LEU B 68 -15.75 -16.50 18.70
CA LEU B 68 -16.54 -15.34 19.08
C LEU B 68 -15.70 -14.08 19.20
N SER B 69 -14.46 -14.21 19.66
CA SER B 69 -13.59 -13.06 19.83
C SER B 69 -13.02 -12.56 18.51
N LEU B 70 -12.72 -13.45 17.57
CA LEU B 70 -12.09 -13.07 16.31
C LEU B 70 -13.09 -12.73 15.22
N GLY B 71 -14.36 -13.09 15.37
CA GLY B 71 -15.35 -12.78 14.37
C GLY B 71 -15.58 -11.28 14.21
N PRO B 72 -16.16 -10.66 15.22
CA PRO B 72 -16.51 -9.23 15.08
C PRO B 72 -15.32 -8.33 14.81
N VAL B 73 -14.17 -8.60 15.42
CA VAL B 73 -13.05 -7.67 15.34
C VAL B 73 -12.49 -7.62 13.93
N TYR B 74 -12.28 -8.79 13.32
CA TYR B 74 -11.71 -8.88 11.99
C TYR B 74 -12.77 -8.94 10.90
N ALA B 75 -13.91 -8.31 11.10
CA ALA B 75 -14.96 -8.27 10.10
C ALA B 75 -14.55 -7.39 8.93
N THR C 1 27.36 -6.32 -57.47
CA THR C 1 28.75 -5.93 -57.10
C THR C 1 28.82 -5.54 -55.63
N ARG C 2 27.71 -5.01 -55.10
CA ARG C 2 27.71 -4.58 -53.70
C ARG C 2 27.99 -5.73 -52.76
N CYS C 3 27.53 -6.93 -53.10
CA CYS C 3 27.83 -8.09 -52.27
C CYS C 3 29.32 -8.39 -52.20
N THR C 4 30.11 -7.86 -53.14
CA THR C 4 31.56 -8.03 -53.10
C THR C 4 32.24 -7.05 -52.17
N HIS C 5 31.50 -6.13 -51.56
CA HIS C 5 32.05 -5.08 -50.72
C HIS C 5 32.10 -5.46 -49.24
N LEU C 6 31.71 -6.68 -48.87
CA LEU C 6 31.71 -7.06 -47.47
C LEU C 6 31.87 -8.57 -47.36
N GLU C 7 32.31 -9.01 -46.19
CA GLU C 7 32.62 -10.42 -45.94
C GLU C 7 31.37 -11.27 -45.74
N ASN C 8 30.23 -10.67 -45.44
CA ASN C 8 28.99 -11.42 -45.20
C ASN C 8 28.16 -11.40 -46.48
N ARG C 9 28.06 -12.56 -47.14
CA ARG C 9 27.31 -12.69 -48.37
C ARG C 9 26.56 -14.02 -48.36
N ASP C 10 25.43 -14.05 -49.04
CA ASP C 10 24.61 -15.25 -49.18
C ASP C 10 24.20 -15.41 -50.63
N PHE C 11 24.07 -16.66 -51.07
CA PHE C 11 23.67 -16.99 -52.42
C PHE C 11 22.34 -17.71 -52.39
N VAL C 12 21.38 -17.23 -53.18
CA VAL C 12 20.07 -17.86 -53.33
C VAL C 12 19.93 -18.25 -54.79
N THR C 13 19.65 -19.54 -55.03
CA THR C 13 19.48 -20.07 -56.38
C THR C 13 18.02 -20.41 -56.57
N GLY C 14 17.32 -19.60 -57.36
CA GLY C 14 15.92 -19.85 -57.64
C GLY C 14 15.76 -20.79 -58.82
N VAL C 15 15.45 -22.05 -58.54
CA VAL C 15 15.34 -23.03 -59.60
C VAL C 15 14.17 -22.65 -60.51
N GLN C 16 14.15 -23.26 -61.70
CA GLN C 16 13.06 -23.00 -62.64
C GLN C 16 11.73 -23.33 -62.00
N GLY C 17 10.76 -22.43 -62.16
CA GLY C 17 9.46 -22.57 -61.53
C GLY C 17 9.30 -21.77 -60.25
N THR C 18 10.26 -20.92 -59.90
CA THR C 18 10.20 -20.11 -58.70
C THR C 18 9.82 -18.69 -59.07
N THR C 19 8.73 -18.20 -58.49
CA THR C 19 8.27 -16.83 -58.73
C THR C 19 8.57 -15.88 -57.58
N ARG C 20 8.69 -16.38 -56.36
CA ARG C 20 8.96 -15.54 -55.20
C ARG C 20 9.97 -16.23 -54.29
N VAL C 21 10.72 -15.42 -53.55
CA VAL C 21 11.75 -15.89 -52.65
C VAL C 21 11.60 -15.16 -51.32
N SER C 22 11.73 -15.90 -50.21
CA SER C 22 11.66 -15.33 -48.88
C SER C 22 13.06 -15.15 -48.32
N LEU C 23 13.36 -13.95 -47.84
CA LEU C 23 14.68 -13.59 -47.35
C LEU C 23 14.59 -12.94 -45.97
N VAL C 24 15.68 -13.04 -45.22
CA VAL C 24 15.84 -12.36 -43.94
C VAL C 24 16.99 -11.37 -44.12
N LEU C 25 16.66 -10.12 -44.43
CA LEU C 25 17.69 -9.12 -44.69
C LEU C 25 18.17 -8.52 -43.37
N GLU C 26 19.49 -8.52 -43.18
CA GLU C 26 20.11 -7.98 -41.99
C GLU C 26 21.03 -6.83 -42.36
N LEU C 27 21.20 -5.89 -41.42
CA LEU C 27 22.17 -4.84 -41.59
C LEU C 27 23.57 -5.44 -41.52
N GLY C 28 24.42 -5.07 -42.47
CA GLY C 28 25.71 -5.72 -42.62
C GLY C 28 25.69 -6.98 -43.44
N GLY C 29 24.69 -7.16 -44.29
CA GLY C 29 24.59 -8.34 -45.11
C GLY C 29 24.18 -8.01 -46.53
N CYS C 30 24.32 -8.99 -47.41
CA CYS C 30 23.98 -8.82 -48.82
C CYS C 30 23.54 -10.18 -49.34
N VAL C 31 22.51 -10.19 -50.19
CA VAL C 31 21.98 -11.42 -50.76
C VAL C 31 22.05 -11.32 -52.28
N THR C 32 22.66 -12.32 -52.90
CA THR C 32 22.68 -12.45 -54.36
C THR C 32 21.72 -13.55 -54.76
N ILE C 33 20.82 -13.23 -55.68
CA ILE C 33 19.78 -14.15 -56.13
C ILE C 33 20.05 -14.51 -57.58
N THR C 34 20.13 -15.81 -57.85
CA THR C 34 20.41 -16.31 -59.19
C THR C 34 19.26 -17.19 -59.66
N ALA C 35 18.98 -17.13 -60.96
CA ALA C 35 17.90 -17.91 -61.55
C ALA C 35 18.36 -18.48 -62.89
N GLU C 36 17.51 -19.33 -63.46
CA GLU C 36 17.89 -20.05 -64.67
C GLU C 36 18.10 -19.11 -65.85
N GLY C 37 17.15 -18.20 -66.07
CA GLY C 37 17.21 -17.33 -67.23
C GLY C 37 16.87 -15.88 -66.92
N LYS C 38 17.22 -15.42 -65.73
CA LYS C 38 16.92 -14.06 -65.28
C LYS C 38 18.19 -13.43 -64.74
N PRO C 39 18.25 -12.10 -64.72
CA PRO C 39 19.43 -11.43 -64.15
C PRO C 39 19.55 -11.67 -62.65
N SER C 40 20.78 -11.63 -62.17
CA SER C 40 21.04 -11.67 -60.75
C SER C 40 20.93 -10.27 -60.16
N ILE C 41 20.39 -10.19 -58.95
CA ILE C 41 20.22 -8.92 -58.26
C ILE C 41 20.79 -9.05 -56.86
N ASP C 42 21.25 -7.92 -56.31
CA ASP C 42 21.74 -7.83 -54.94
C ASP C 42 20.71 -7.06 -54.12
N VAL C 43 20.14 -7.73 -53.12
CA VAL C 43 19.12 -7.16 -52.26
C VAL C 43 19.67 -7.13 -50.84
N TRP C 44 19.69 -5.93 -50.24
CA TRP C 44 20.22 -5.79 -48.89
C TRP C 44 19.44 -4.73 -48.15
N LEU C 45 19.41 -4.86 -46.82
CA LEU C 45 18.81 -3.86 -45.95
C LEU C 45 19.85 -2.79 -45.67
N GLU C 46 19.55 -1.54 -46.04
CA GLU C 46 20.54 -0.48 -45.97
C GLU C 46 20.49 0.28 -44.64
N ASP C 47 19.30 0.61 -44.15
CA ASP C 47 19.20 1.45 -42.97
C ASP C 47 17.88 1.21 -42.24
N ILE C 48 17.87 1.54 -40.96
CA ILE C 48 16.66 1.62 -40.15
C ILE C 48 16.74 2.94 -39.38
N PHE C 49 15.74 3.80 -39.56
CA PHE C 49 15.80 5.14 -38.99
C PHE C 49 14.39 5.67 -38.74
N GLN C 50 14.31 6.67 -37.87
CA GLN C 50 13.10 7.43 -37.65
C GLN C 50 13.47 8.88 -37.46
N GLU C 51 12.61 9.78 -37.93
CA GLU C 51 12.85 11.21 -37.89
C GLU C 51 12.13 11.81 -36.68
N SER C 52 12.89 12.50 -35.82
CA SER C 52 12.36 13.12 -34.62
C SER C 52 11.60 12.11 -33.75
N PRO C 53 12.29 11.07 -33.28
CA PRO C 53 11.62 10.11 -32.40
C PRO C 53 11.29 10.71 -31.04
N ALA C 54 10.36 10.06 -30.35
CA ALA C 54 9.91 10.55 -29.05
C ALA C 54 11.04 10.51 -28.05
N GLU C 55 10.95 11.37 -27.03
CA GLU C 55 11.99 11.52 -26.02
C GLU C 55 11.47 10.97 -24.70
N THR C 56 12.23 10.07 -24.10
CA THR C 56 11.91 9.49 -22.80
C THR C 56 12.66 10.24 -21.70
N ARG C 57 12.64 9.69 -20.49
CA ARG C 57 13.23 10.37 -19.34
C ARG C 57 14.74 10.54 -19.54
N GLU C 58 15.25 11.65 -19.03
CA GLU C 58 16.67 11.92 -19.03
C GLU C 58 17.29 11.47 -17.70
N TYR C 59 18.62 11.43 -17.66
CA TYR C 59 19.34 11.13 -16.44
C TYR C 59 20.48 12.12 -16.27
N CYS C 60 20.78 12.45 -15.02
CA CYS C 60 21.88 13.35 -14.70
C CYS C 60 23.08 12.51 -14.28
N LEU C 61 24.21 12.70 -14.97
CA LEU C 61 25.43 11.98 -14.68
C LEU C 61 26.36 12.77 -13.76
N HIS C 62 26.35 14.09 -13.85
CA HIS C 62 27.22 14.94 -13.05
C HIS C 62 26.40 16.12 -12.55
N ALA C 63 26.40 16.34 -11.24
CA ALA C 63 25.61 17.38 -10.62
C ALA C 63 26.46 18.62 -10.36
N LYS C 64 25.83 19.65 -9.79
CA LYS C 64 26.52 20.89 -9.47
C LYS C 64 25.87 21.46 -8.22
N LEU C 65 26.48 21.23 -7.06
CA LEU C 65 25.93 21.67 -5.79
C LEU C 65 26.36 23.09 -5.49
N SER C 66 25.55 23.78 -4.70
CA SER C 66 25.84 25.14 -4.28
C SER C 66 24.82 25.53 -3.22
N ASN C 67 25.02 26.72 -2.64
CA ASN C 67 24.12 27.24 -1.62
C ASN C 67 23.95 26.24 -0.47
N THR C 68 25.08 25.78 0.06
CA THR C 68 25.04 24.87 1.20
C THR C 68 24.60 25.62 2.44
N LYS C 69 23.71 25.00 3.21
CA LYS C 69 23.14 25.61 4.41
C LYS C 69 22.88 24.54 5.46
N VAL C 70 23.20 24.86 6.71
CA VAL C 70 23.12 23.92 7.83
C VAL C 70 22.41 24.59 9.00
N GLU C 71 21.56 23.83 9.69
CA GLU C 71 20.86 24.30 10.88
C GLU C 71 20.96 23.23 11.96
N ALA C 72 21.27 23.64 13.19
CA ALA C 72 21.37 22.72 14.31
C ALA C 72 20.62 23.26 15.53
N ARG C 73 20.06 22.35 16.31
CA ARG C 73 19.35 22.69 17.54
C ARG C 73 19.93 21.89 18.69
N CYS C 74 19.75 22.42 19.91
CA CYS C 74 20.33 21.82 21.09
C CYS C 74 19.59 20.53 21.46
N PRO C 75 20.19 19.70 22.31
CA PRO C 75 19.62 18.36 22.54
C PRO C 75 18.14 18.34 22.93
N THR C 76 17.74 19.18 23.89
CA THR C 76 16.36 19.22 24.36
C THR C 76 15.65 20.49 23.91
N THR C 77 15.95 20.95 22.69
CA THR C 77 15.41 22.20 22.16
C THR C 77 14.62 21.97 20.87
N GLY C 78 14.38 20.72 20.50
CA GLY C 78 13.59 20.40 19.34
C GLY C 78 14.42 20.17 18.09
N PRO C 79 13.79 19.67 17.04
CA PRO C 79 14.52 19.38 15.80
C PRO C 79 14.87 20.64 15.02
N ALA C 80 15.85 20.50 14.14
CA ALA C 80 16.29 21.58 13.28
C ALA C 80 15.63 21.43 11.91
N THR C 81 15.13 22.53 11.37
CA THR C 81 14.40 22.55 10.11
C THR C 81 14.88 23.70 9.24
N LEU C 82 14.74 23.52 7.93
CA LEU C 82 15.07 24.53 6.93
C LEU C 82 13.89 24.69 5.98
N PRO C 83 13.69 25.89 5.42
CA PRO C 83 12.72 26.01 4.34
C PRO C 83 13.07 25.18 3.12
N GLU C 84 14.37 24.94 2.90
CA GLU C 84 14.81 24.19 1.73
C GLU C 84 14.46 22.71 1.80
N GLU C 85 14.04 22.21 2.96
CA GLU C 85 13.63 20.82 3.05
C GLU C 85 12.42 20.53 2.19
N HIS C 86 11.57 21.52 1.93
CA HIS C 86 10.32 21.35 1.20
C HIS C 86 10.35 22.11 -0.11
N GLN C 87 11.50 22.11 -0.78
CA GLN C 87 11.67 22.80 -2.06
C GLN C 87 12.14 21.78 -3.10
N ALA C 88 12.19 22.24 -4.35
CA ALA C 88 12.58 21.39 -5.47
C ALA C 88 14.06 21.53 -5.76
N ASN C 89 14.64 20.46 -6.32
CA ASN C 89 16.06 20.42 -6.68
C ASN C 89 16.95 20.69 -5.47
N MET C 90 16.58 20.12 -4.32
CA MET C 90 17.37 20.20 -3.11
C MET C 90 17.59 18.79 -2.57
N VAL C 91 18.80 18.53 -2.09
CA VAL C 91 19.14 17.26 -1.43
C VAL C 91 19.39 17.57 0.03
N CYS C 92 18.61 16.93 0.91
CA CYS C 92 18.65 17.20 2.34
C CYS C 92 18.86 15.91 3.10
N LYS C 93 19.40 16.04 4.31
CA LYS C 93 19.70 14.90 5.17
C LYS C 93 19.48 15.29 6.63
N ARG C 94 18.98 14.36 7.42
CA ARG C 94 18.78 14.55 8.85
C ARG C 94 19.61 13.53 9.63
N ASP C 95 20.24 14.00 10.70
CA ASP C 95 21.02 13.13 11.57
C ASP C 95 21.19 13.85 12.92
N GLN C 96 21.79 13.16 13.88
CA GLN C 96 22.00 13.70 15.21
C GLN C 96 23.49 13.89 15.47
N SER C 97 23.83 15.04 16.05
CA SER C 97 25.21 15.36 16.43
C SER C 97 25.32 15.36 17.96
N ASP C 98 26.56 15.47 18.43
CA ASP C 98 26.87 15.50 19.85
C ASP C 98 27.06 16.94 20.29
N ARG C 99 26.26 17.38 21.25
CA ARG C 99 26.28 18.76 21.72
C ARG C 99 26.76 18.80 23.17
N GLY C 100 27.07 20.00 23.63
CA GLY C 100 27.60 20.19 24.98
C GLY C 100 27.72 21.65 25.35
N TRP C 101 28.80 22.02 26.04
CA TRP C 101 29.03 23.40 26.42
C TRP C 101 30.04 24.09 25.53
N GLY C 102 30.96 23.35 24.92
CA GLY C 102 31.80 23.91 23.88
C GLY C 102 31.07 24.10 22.57
N ASN C 103 29.97 23.40 22.37
CA ASN C 103 29.03 23.71 21.31
C ASN C 103 28.04 24.79 21.74
N HIS C 104 28.15 25.28 22.97
CA HIS C 104 27.37 26.40 23.47
C HIS C 104 25.90 26.05 23.64
N CYS C 105 25.60 24.79 23.92
CA CYS C 105 24.29 24.35 24.35
C CYS C 105 24.22 24.37 25.88
N GLY C 106 23.18 23.78 26.44
CA GLY C 106 23.03 23.72 27.88
C GLY C 106 23.17 22.32 28.45
N PHE C 107 22.88 21.31 27.64
CA PHE C 107 22.89 19.92 28.08
C PHE C 107 23.77 19.09 27.16
N PHE C 108 24.34 18.03 27.71
CA PHE C 108 25.15 17.09 26.95
C PHE C 108 24.26 15.96 26.44
N GLY C 109 24.27 15.73 25.13
CA GLY C 109 23.41 14.72 24.55
C GLY C 109 23.48 14.75 23.03
N LYS C 110 22.43 14.22 22.42
CA LYS C 110 22.32 14.12 20.97
C LYS C 110 21.44 15.25 20.45
N GLY C 111 22.02 16.16 19.67
CA GLY C 111 21.29 17.23 19.05
C GLY C 111 20.66 16.80 17.74
N SER C 112 20.06 17.77 17.04
CA SER C 112 19.44 17.55 15.75
C SER C 112 20.05 18.51 14.75
N ILE C 113 20.55 17.96 13.63
CA ILE C 113 21.21 18.74 12.59
C ILE C 113 20.65 18.33 11.23
N VAL C 114 20.49 19.31 10.34
CA VAL C 114 20.00 19.07 8.99
C VAL C 114 20.86 19.88 8.03
N ALA C 115 21.19 19.29 6.87
CA ALA C 115 21.98 19.95 5.84
C ALA C 115 21.27 19.81 4.50
N CYS C 116 21.25 20.91 3.73
CA CYS C 116 20.62 20.94 2.42
C CYS C 116 21.52 21.67 1.43
N ALA C 117 21.35 21.33 0.15
CA ALA C 117 22.13 21.96 -0.91
C ALA C 117 21.33 21.93 -2.20
N LYS C 118 21.46 22.99 -2.99
CA LYS C 118 20.78 23.05 -4.28
C LYS C 118 21.41 22.08 -5.26
N PHE C 119 20.57 21.43 -6.06
CA PHE C 119 21.01 20.44 -7.03
C PHE C 119 20.82 20.98 -8.45
N GLU C 120 21.88 20.93 -9.24
CA GLU C 120 21.84 21.30 -10.65
C GLU C 120 22.59 20.25 -11.44
N CYS C 121 22.33 20.20 -12.75
CA CYS C 121 22.95 19.25 -13.65
C CYS C 121 23.83 19.99 -14.63
N GLU C 122 25.05 19.48 -14.84
CA GLU C 122 25.96 20.08 -15.80
C GLU C 122 25.35 20.06 -17.20
N GLU C 123 25.68 21.07 -17.99
CA GLU C 123 25.01 21.25 -19.28
C GLU C 123 25.23 20.05 -20.19
N ALA C 124 26.46 19.54 -20.24
CA ALA C 124 26.84 18.52 -21.20
C ALA C 124 26.68 17.09 -20.66
N LYS C 125 26.20 16.92 -19.43
CA LYS C 125 26.20 15.61 -18.78
C LYS C 125 24.75 15.16 -18.57
N LYS C 126 24.21 14.48 -19.59
CA LYS C 126 22.89 13.87 -19.48
C LYS C 126 22.86 12.65 -20.37
N ALA C 127 21.97 11.71 -20.02
CA ALA C 127 21.76 10.49 -20.79
C ALA C 127 20.32 10.53 -21.31
N VAL C 128 20.15 10.94 -22.55
CA VAL C 128 18.84 11.12 -23.15
C VAL C 128 18.44 9.83 -23.85
N GLY C 129 17.20 9.39 -23.62
CA GLY C 129 16.67 8.19 -24.24
C GLY C 129 15.58 8.52 -25.23
N HIS C 130 15.45 7.67 -26.26
CA HIS C 130 14.44 7.83 -27.30
C HIS C 130 13.76 6.50 -27.58
N VAL C 131 12.50 6.57 -28.00
CA VAL C 131 11.69 5.39 -28.29
C VAL C 131 11.13 5.53 -29.70
N TYR C 132 11.24 4.45 -30.48
CA TYR C 132 10.73 4.44 -31.84
C TYR C 132 9.20 4.33 -31.85
N ASP C 133 8.62 4.64 -33.01
CA ASP C 133 7.20 4.49 -33.25
C ASP C 133 6.99 3.50 -34.40
N SER C 134 6.21 2.46 -34.14
CA SER C 134 6.03 1.42 -35.16
C SER C 134 5.45 1.97 -36.45
N THR C 135 4.66 3.04 -36.36
CA THR C 135 4.05 3.61 -37.55
C THR C 135 4.97 4.56 -38.31
N LYS C 136 6.11 4.96 -37.73
CA LYS C 136 7.02 5.88 -38.39
C LYS C 136 8.42 5.33 -38.59
N ILE C 137 8.76 4.18 -38.00
CA ILE C 137 10.07 3.59 -38.24
C ILE C 137 10.15 3.07 -39.67
N THR C 138 11.24 3.39 -40.35
CA THR C 138 11.41 3.10 -41.77
C THR C 138 12.49 2.04 -41.96
N TYR C 139 12.21 1.08 -42.85
CA TYR C 139 13.19 0.09 -43.28
C TYR C 139 13.54 0.38 -44.74
N VAL C 140 14.83 0.54 -45.01
CA VAL C 140 15.32 0.95 -46.32
C VAL C 140 15.95 -0.28 -46.98
N VAL C 141 15.37 -0.70 -48.10
CA VAL C 141 15.84 -1.86 -48.85
C VAL C 141 16.22 -1.38 -50.25
N LYS C 142 17.43 -1.73 -50.67
CA LYS C 142 17.96 -1.35 -51.98
C LYS C 142 18.18 -2.61 -52.83
N VAL C 143 17.99 -2.46 -54.13
CA VAL C 143 18.19 -3.54 -55.09
C VAL C 143 19.10 -3.03 -56.21
N GLU C 144 20.01 -3.90 -56.66
CA GLU C 144 20.99 -3.52 -57.67
C GLU C 144 21.23 -4.69 -58.62
N PRO C 145 20.81 -4.61 -59.88
CA PRO C 145 21.09 -5.69 -60.84
C PRO C 145 22.55 -5.75 -61.25
N HIS C 146 22.93 -6.91 -61.76
CA HIS C 146 24.30 -7.15 -62.23
C HIS C 146 24.46 -6.53 -63.61
N THR C 147 24.88 -5.26 -63.64
CA THR C 147 25.01 -4.55 -64.90
C THR C 147 26.20 -5.06 -65.71
N GLY C 148 27.34 -5.29 -65.04
CA GLY C 148 28.56 -5.67 -65.72
C GLY C 148 29.65 -4.63 -65.67
N ASP C 149 29.44 -3.51 -64.99
CA ASP C 149 30.48 -2.52 -64.74
C ASP C 149 30.70 -2.44 -63.24
N TYR C 150 31.96 -2.31 -62.84
CA TYR C 150 32.31 -2.33 -61.43
C TYR C 150 32.49 -0.90 -60.92
N GLN C 151 31.71 -0.54 -59.91
CA GLN C 151 31.85 0.73 -59.21
C GLN C 151 32.28 0.45 -57.78
N ALA C 152 33.31 1.13 -57.32
CA ALA C 152 33.80 0.93 -55.96
C ALA C 152 32.73 1.36 -54.95
N ALA C 153 33.05 1.19 -53.67
CA ALA C 153 32.09 1.53 -52.63
C ALA C 153 31.86 3.03 -52.53
N ASN C 154 32.76 3.85 -53.07
CA ASN C 154 32.65 5.31 -53.00
C ASN C 154 32.23 5.91 -54.34
N GLU C 155 31.47 5.17 -55.15
CA GLU C 155 30.98 5.65 -56.43
C GLU C 155 29.47 5.44 -56.52
N THR C 156 28.77 6.44 -57.03
CA THR C 156 27.33 6.38 -57.18
C THR C 156 26.95 5.42 -58.30
N ASN C 157 25.91 4.62 -58.05
CA ASN C 157 25.41 3.65 -59.02
C ASN C 157 24.04 4.12 -59.48
N GLU C 158 23.89 4.40 -60.77
CA GLU C 158 22.64 4.90 -61.30
C GLU C 158 21.58 3.81 -61.37
N ASN C 159 21.99 2.54 -61.48
CA ASN C 159 21.05 1.43 -61.59
C ASN C 159 20.53 0.94 -60.25
N ARG C 160 20.99 1.51 -59.14
CA ARG C 160 20.52 1.08 -57.82
C ARG C 160 19.22 1.80 -57.47
N LYS C 161 18.23 1.03 -57.02
CA LYS C 161 16.92 1.54 -56.68
C LYS C 161 16.61 1.21 -55.23
N THR C 162 15.89 2.12 -54.57
CA THR C 162 15.63 2.06 -53.14
C THR C 162 14.15 1.95 -52.86
N ALA C 163 13.80 1.31 -51.75
CA ALA C 163 12.42 1.18 -51.31
C ALA C 163 12.35 1.33 -49.80
N GLN C 164 11.66 2.37 -49.33
CA GLN C 164 11.48 2.61 -47.90
C GLN C 164 10.15 1.99 -47.46
N PHE C 165 10.21 1.11 -46.47
CA PHE C 165 9.06 0.31 -46.05
C PHE C 165 8.54 0.80 -44.71
N THR C 166 7.23 1.03 -44.62
CA THR C 166 6.55 1.29 -43.36
C THR C 166 5.32 0.40 -43.25
N VAL C 167 4.49 0.62 -42.23
CA VAL C 167 3.25 -0.15 -42.13
C VAL C 167 2.31 0.14 -43.28
N ALA C 168 2.45 1.30 -43.94
CA ALA C 168 1.59 1.66 -45.04
C ALA C 168 2.02 1.06 -46.38
N SER C 169 3.14 0.35 -46.42
CA SER C 169 3.64 -0.27 -47.64
C SER C 169 3.19 -1.72 -47.68
N GLU C 170 2.67 -2.14 -48.84
CA GLU C 170 2.17 -3.50 -49.01
C GLU C 170 3.02 -4.29 -50.00
N LYS C 171 3.19 -3.79 -51.22
CA LYS C 171 3.94 -4.49 -52.25
C LYS C 171 4.62 -3.43 -53.11
N VAL C 172 5.88 -3.13 -52.79
CA VAL C 172 6.63 -2.10 -53.50
C VAL C 172 7.25 -2.72 -54.74
N ILE C 173 7.02 -2.10 -55.89
CA ILE C 173 7.56 -2.54 -57.17
C ILE C 173 8.59 -1.51 -57.61
N LEU C 174 9.81 -1.99 -57.87
CA LEU C 174 10.93 -1.12 -58.25
C LEU C 174 11.22 -1.30 -59.72
N ASP C 175 11.35 -0.18 -60.44
CA ASP C 175 11.66 -0.19 -61.86
C ASP C 175 13.17 -0.19 -62.03
N LEU C 176 13.72 -1.32 -62.48
CA LEU C 176 15.15 -1.48 -62.67
C LEU C 176 15.61 -1.10 -64.07
N GLY C 177 14.71 -0.60 -64.91
CA GLY C 177 15.09 -0.17 -66.24
C GLY C 177 14.97 -1.30 -67.24
N ASP C 178 16.03 -1.52 -68.02
CA ASP C 178 16.02 -2.56 -69.03
C ASP C 178 16.09 -3.96 -68.42
N TYR C 179 16.32 -4.08 -67.11
CA TYR C 179 16.35 -5.36 -66.43
C TYR C 179 14.99 -5.72 -65.82
N GLY C 180 13.94 -5.01 -66.21
CA GLY C 180 12.59 -5.36 -65.78
C GLY C 180 12.18 -4.67 -64.50
N ASP C 181 11.34 -5.36 -63.72
CA ASP C 181 10.82 -4.84 -62.47
C ASP C 181 10.95 -5.90 -61.39
N VAL C 182 11.03 -5.46 -60.14
CA VAL C 182 11.17 -6.35 -59.00
C VAL C 182 10.18 -5.92 -57.93
N SER C 183 9.47 -6.87 -57.34
CA SER C 183 8.46 -6.63 -56.32
C SER C 183 8.98 -7.05 -54.97
N LEU C 184 8.64 -6.29 -53.93
CA LEU C 184 9.08 -6.54 -52.57
C LEU C 184 7.92 -6.41 -51.60
N THR C 185 7.88 -7.29 -50.61
CA THR C 185 6.82 -7.27 -49.60
C THR C 185 7.47 -7.66 -48.26
N CYS C 186 7.77 -6.66 -47.43
CA CYS C 186 8.47 -6.88 -46.18
C CYS C 186 7.52 -6.75 -45.00
N LYS C 187 7.71 -7.62 -44.01
CA LYS C 187 6.92 -7.62 -42.79
C LYS C 187 7.65 -6.82 -41.72
N VAL C 188 7.05 -5.71 -41.29
CA VAL C 188 7.70 -4.86 -40.29
C VAL C 188 7.70 -5.55 -38.93
N ALA C 189 6.61 -6.26 -38.60
CA ALA C 189 6.54 -6.90 -37.30
C ALA C 189 7.66 -7.91 -37.08
N SER C 190 8.22 -8.45 -38.17
CA SER C 190 9.35 -9.37 -38.04
C SER C 190 10.65 -8.64 -37.71
N GLY C 191 10.66 -7.31 -37.70
CA GLY C 191 11.87 -6.57 -37.43
C GLY C 191 12.16 -6.42 -35.95
N ILE C 192 12.47 -5.22 -35.51
CA ILE C 192 12.88 -4.98 -34.13
C ILE C 192 11.65 -4.82 -33.25
N ASP C 193 11.83 -4.99 -31.95
CA ASP C 193 10.77 -4.81 -30.97
C ASP C 193 10.82 -3.36 -30.51
N VAL C 194 9.89 -2.55 -31.02
CA VAL C 194 9.90 -1.12 -30.73
C VAL C 194 9.59 -0.86 -29.26
N ALA C 195 8.65 -1.60 -28.69
CA ALA C 195 8.20 -1.32 -27.32
C ALA C 195 9.33 -1.52 -26.31
N GLN C 196 10.21 -2.48 -26.56
CA GLN C 196 11.26 -2.84 -25.62
C GLN C 196 12.65 -2.43 -26.10
N THR C 197 12.75 -1.33 -26.83
CA THR C 197 14.02 -0.82 -27.33
C THR C 197 14.13 0.66 -27.07
N VAL C 198 15.33 1.11 -26.71
CA VAL C 198 15.61 2.51 -26.42
C VAL C 198 16.93 2.89 -27.09
N VAL C 199 16.98 4.10 -27.64
CA VAL C 199 18.20 4.65 -28.21
C VAL C 199 18.69 5.74 -27.27
N MET C 200 19.90 5.58 -26.74
CA MET C 200 20.45 6.45 -25.73
C MET C 200 21.58 7.28 -26.31
N SER C 201 21.44 8.60 -26.23
CA SER C 201 22.50 9.53 -26.57
C SER C 201 23.26 9.95 -25.32
N LEU C 202 24.44 10.53 -25.52
CA LEU C 202 25.31 10.83 -24.39
C LEU C 202 26.44 11.75 -24.84
N GLY C 203 26.78 12.71 -23.99
CA GLY C 203 27.97 13.53 -24.17
C GLY C 203 27.90 14.47 -25.36
N SER C 204 29.08 14.83 -25.85
CA SER C 204 29.26 15.71 -27.00
C SER C 204 30.19 15.03 -28.00
N SER C 205 30.48 15.74 -29.09
CA SER C 205 31.37 15.18 -30.11
C SER C 205 32.81 15.12 -29.62
N LYS C 206 33.22 16.11 -28.84
CA LYS C 206 34.60 16.19 -28.38
C LYS C 206 34.96 15.10 -27.38
N ASP C 207 33.99 14.35 -26.85
CA ASP C 207 34.27 13.30 -25.90
C ASP C 207 34.75 12.02 -26.56
N HIS C 208 34.67 11.91 -27.89
CA HIS C 208 35.15 10.76 -28.64
C HIS C 208 34.47 9.48 -28.16
N LEU C 209 33.16 9.46 -28.30
CA LEU C 209 32.31 8.35 -27.90
C LEU C 209 31.29 8.07 -28.98
N PRO C 210 30.70 6.86 -28.99
CA PRO C 210 29.66 6.57 -29.97
C PRO C 210 28.49 7.55 -29.89
N SER C 211 27.83 7.76 -31.02
CA SER C 211 26.72 8.70 -31.07
C SER C 211 25.58 8.25 -30.15
N ALA C 212 25.26 6.95 -30.15
CA ALA C 212 24.16 6.43 -29.36
C ALA C 212 24.36 4.94 -29.14
N TRP C 213 23.51 4.38 -28.28
CA TRP C 213 23.48 2.96 -27.99
C TRP C 213 22.06 2.44 -28.15
N GLN C 214 21.95 1.15 -28.46
CA GLN C 214 20.65 0.48 -28.58
C GLN C 214 20.44 -0.33 -27.30
N LEU C 215 19.58 0.18 -26.42
CA LEU C 215 19.40 -0.36 -25.08
C LEU C 215 18.07 -1.12 -24.98
N HIS C 216 17.81 -1.63 -23.77
CA HIS C 216 16.56 -2.30 -23.43
C HIS C 216 15.77 -1.41 -22.48
N ARG C 217 14.47 -1.29 -22.71
CA ARG C 217 13.65 -0.37 -21.91
C ARG C 217 13.72 -0.72 -20.42
N ASP C 218 13.66 -2.01 -20.10
CA ASP C 218 13.69 -2.42 -18.70
C ASP C 218 14.96 -1.93 -18.01
N TRP C 219 16.10 -2.10 -18.66
CA TRP C 219 17.36 -1.65 -18.06
C TRP C 219 17.42 -0.13 -17.95
N PHE C 220 16.97 0.58 -18.99
CA PHE C 220 17.05 2.03 -18.98
C PHE C 220 16.17 2.65 -17.91
N GLU C 221 14.97 2.07 -17.69
CA GLU C 221 14.01 2.65 -16.75
C GLU C 221 14.28 2.28 -15.30
N ASP C 222 15.28 1.43 -15.02
CA ASP C 222 15.58 0.98 -13.66
C ASP C 222 16.90 1.50 -13.14
N LEU C 223 17.46 2.54 -13.77
CA LEU C 223 18.75 3.06 -13.34
C LEU C 223 18.60 3.90 -12.08
N ALA C 224 19.63 3.84 -11.23
CA ALA C 224 19.65 4.58 -9.98
C ALA C 224 20.40 5.90 -10.16
N LEU C 225 19.78 6.79 -10.90
CA LEU C 225 20.32 8.11 -11.18
C LEU C 225 19.17 9.11 -11.16
N PRO C 226 19.46 10.39 -10.90
CA PRO C 226 18.39 11.40 -10.99
C PRO C 226 17.82 11.45 -12.39
N TRP C 227 16.51 11.70 -12.48
CA TRP C 227 15.84 11.68 -13.77
C TRP C 227 14.71 12.69 -13.79
N LYS C 228 14.34 13.10 -15.00
CA LYS C 228 13.21 13.97 -15.23
C LYS C 228 12.79 13.80 -16.69
N HIS C 229 11.92 14.67 -17.17
CA HIS C 229 11.55 14.75 -18.57
C HIS C 229 11.82 16.15 -19.08
N LYS C 230 12.16 16.25 -20.37
CA LYS C 230 12.62 17.53 -20.92
C LYS C 230 11.65 18.65 -20.59
N ASP C 231 10.34 18.40 -20.74
CA ASP C 231 9.35 19.41 -20.44
C ASP C 231 9.21 19.69 -18.95
N ASN C 232 9.82 18.87 -18.09
CA ASN C 232 9.76 19.09 -16.66
C ASN C 232 10.83 20.10 -16.23
N GLN C 233 10.80 20.47 -14.95
CA GLN C 233 11.76 21.43 -14.40
C GLN C 233 12.43 20.96 -13.12
N ASP C 234 11.82 20.05 -12.36
CA ASP C 234 12.37 19.56 -11.10
C ASP C 234 12.85 18.13 -11.27
N TRP C 235 14.07 17.86 -10.80
CA TRP C 235 14.64 16.54 -10.91
C TRP C 235 14.00 15.59 -9.90
N ASN C 236 14.16 14.29 -10.14
CA ASN C 236 13.66 13.25 -9.26
C ASN C 236 14.81 12.41 -8.75
N SER C 237 14.83 12.14 -7.44
CA SER C 237 15.85 11.30 -6.82
C SER C 237 17.24 11.92 -6.97
N VAL C 238 17.36 13.16 -6.51
CA VAL C 238 18.64 13.87 -6.58
C VAL C 238 19.62 13.44 -5.51
N GLU C 239 19.23 12.51 -4.64
CA GLU C 239 20.10 12.06 -3.55
C GLU C 239 21.04 10.94 -3.99
N LYS C 240 20.97 10.52 -5.26
CA LYS C 240 21.77 9.39 -5.71
C LYS C 240 23.20 9.80 -6.08
N LEU C 241 23.45 11.10 -6.30
CA LEU C 241 24.77 11.58 -6.65
C LEU C 241 25.46 12.28 -5.49
N VAL C 242 24.87 12.29 -4.30
CA VAL C 242 25.37 13.06 -3.17
C VAL C 242 25.51 12.13 -1.97
N GLU C 243 26.63 12.23 -1.26
CA GLU C 243 26.87 11.51 -0.03
C GLU C 243 27.12 12.52 1.08
N PHE C 244 26.52 12.28 2.24
CA PHE C 244 26.63 13.17 3.39
C PHE C 244 27.59 12.55 4.41
N GLY C 245 28.58 13.33 4.84
CA GLY C 245 29.51 12.86 5.84
C GLY C 245 28.91 12.91 7.23
N PRO C 246 29.60 12.30 8.18
CA PRO C 246 29.10 12.28 9.55
C PRO C 246 29.04 13.69 10.12
N PRO C 247 28.10 13.97 11.01
CA PRO C 247 28.02 15.31 11.59
C PRO C 247 29.18 15.59 12.54
N HIS C 248 29.51 16.87 12.67
CA HIS C 248 30.52 17.34 13.62
C HIS C 248 29.95 18.57 14.32
N ALA C 249 29.25 18.35 15.43
CA ALA C 249 28.70 19.44 16.22
C ALA C 249 27.68 20.23 15.42
N VAL C 250 28.10 21.34 14.82
CA VAL C 250 27.21 22.25 14.11
C VAL C 250 27.48 22.22 12.61
N LYS C 251 28.15 21.18 12.11
CA LYS C 251 28.56 21.09 10.72
C LYS C 251 28.22 19.72 10.15
N MET C 252 27.82 19.69 8.89
CA MET C 252 27.72 18.47 8.11
C MET C 252 28.31 18.74 6.73
N ASP C 253 29.08 17.79 6.22
CA ASP C 253 29.78 17.94 4.95
C ASP C 253 29.01 17.21 3.86
N ILE C 254 28.81 17.89 2.73
CA ILE C 254 28.08 17.34 1.59
C ILE C 254 29.08 17.15 0.46
N PHE C 255 29.10 15.94 -0.11
CA PHE C 255 30.09 15.55 -1.10
C PHE C 255 29.42 15.17 -2.41
N ASN C 256 30.10 15.45 -3.52
CA ASN C 256 29.63 15.10 -4.86
C ASN C 256 30.28 13.78 -5.27
N LEU C 257 29.46 12.79 -5.61
CA LEU C 257 30.00 11.49 -5.99
C LEU C 257 30.79 11.54 -7.29
N GLY C 258 30.58 12.56 -8.12
CA GLY C 258 31.35 12.77 -9.32
C GLY C 258 30.57 12.48 -10.59
N ASP C 259 31.32 12.14 -11.64
CA ASP C 259 30.76 11.89 -12.96
C ASP C 259 30.54 10.39 -13.14
N GLN C 260 29.31 10.01 -13.50
CA GLN C 260 28.94 8.62 -13.64
C GLN C 260 28.99 8.14 -15.09
N THR C 261 29.59 8.91 -15.99
CA THR C 261 29.71 8.45 -17.37
C THR C 261 30.60 7.23 -17.47
N ALA C 262 31.69 7.17 -16.70
CA ALA C 262 32.58 6.02 -16.76
C ALA C 262 31.88 4.76 -16.27
N VAL C 263 31.13 4.87 -15.18
CA VAL C 263 30.40 3.70 -14.68
C VAL C 263 29.38 3.24 -15.69
N LEU C 264 28.63 4.18 -16.27
CA LEU C 264 27.62 3.82 -17.26
C LEU C 264 28.26 3.14 -18.47
N LEU C 265 29.38 3.67 -18.96
CA LEU C 265 30.04 3.05 -20.10
C LEU C 265 30.56 1.66 -19.76
N LYS C 266 31.14 1.48 -18.57
CA LYS C 266 31.60 0.17 -18.16
C LYS C 266 30.46 -0.82 -18.01
N SER C 267 29.25 -0.33 -17.72
CA SER C 267 28.09 -1.19 -17.57
C SER C 267 27.45 -1.57 -18.89
N LEU C 268 27.79 -0.90 -19.99
CA LEU C 268 27.15 -1.09 -21.28
C LEU C 268 27.91 -2.07 -22.19
N ALA C 269 28.95 -2.73 -21.67
CA ALA C 269 29.74 -3.62 -22.52
C ALA C 269 28.87 -4.70 -23.13
N GLY C 270 29.01 -4.89 -24.45
CA GLY C 270 28.30 -5.91 -25.18
C GLY C 270 27.09 -5.43 -25.95
N VAL C 271 26.55 -4.26 -25.62
CA VAL C 271 25.36 -3.74 -26.31
C VAL C 271 25.77 -3.20 -27.68
N PRO C 272 24.91 -3.31 -28.69
CA PRO C 272 25.26 -2.76 -30.00
C PRO C 272 25.22 -1.24 -30.00
N LEU C 273 25.86 -0.67 -31.00
CA LEU C 273 25.91 0.77 -31.18
C LEU C 273 24.77 1.24 -32.09
N ALA C 274 24.64 2.56 -32.19
CA ALA C 274 23.69 3.19 -33.11
C ALA C 274 24.37 4.42 -33.71
N SER C 275 23.58 5.23 -34.41
CA SER C 275 24.09 6.46 -35.01
C SER C 275 23.02 7.52 -34.91
N VAL C 276 23.45 8.79 -34.94
CA VAL C 276 22.54 9.92 -34.91
C VAL C 276 23.15 11.04 -35.76
N ASP C 277 22.47 11.41 -36.84
CA ASP C 277 22.89 12.51 -37.69
C ASP C 277 21.74 13.51 -37.75
N ASN C 278 22.03 14.78 -37.44
CA ASN C 278 20.99 15.79 -37.32
C ASN C 278 19.90 15.29 -36.37
N GLN C 279 18.71 15.01 -36.89
CA GLN C 279 17.60 14.54 -36.06
C GLN C 279 17.23 13.09 -36.35
N LYS C 280 17.94 12.40 -37.24
CA LYS C 280 17.68 11.00 -37.54
C LYS C 280 18.41 10.12 -36.53
N TYR C 281 17.74 9.05 -36.12
CA TYR C 281 18.30 8.10 -35.15
C TYR C 281 18.34 6.72 -35.81
N HIS C 282 19.50 6.38 -36.37
CA HIS C 282 19.67 5.13 -37.10
C HIS C 282 19.95 3.97 -36.15
N LEU C 283 19.92 2.76 -36.72
CA LEU C 283 20.37 1.55 -36.05
C LEU C 283 21.39 0.85 -36.93
N LYS C 284 22.35 0.18 -36.30
CA LYS C 284 23.40 -0.52 -37.02
C LYS C 284 23.28 -2.04 -36.95
N SER C 285 22.46 -2.56 -36.03
CA SER C 285 22.21 -3.99 -35.91
C SER C 285 20.70 -4.22 -36.00
N GLY C 286 20.29 -5.11 -36.89
CA GLY C 286 18.87 -5.39 -37.05
C GLY C 286 18.64 -6.20 -38.30
N HIS C 287 17.38 -6.59 -38.49
CA HIS C 287 16.99 -7.39 -39.63
C HIS C 287 15.50 -7.22 -39.87
N VAL C 288 15.05 -7.64 -41.05
CA VAL C 288 13.64 -7.68 -41.38
C VAL C 288 13.43 -8.76 -42.44
N THR C 289 12.27 -9.39 -42.40
CA THR C 289 11.94 -10.50 -43.29
C THR C 289 11.18 -9.97 -44.49
N CYS C 290 11.68 -10.26 -45.69
CA CYS C 290 11.09 -9.78 -46.93
C CYS C 290 10.82 -10.93 -47.88
N ASP C 291 9.95 -10.68 -48.85
CA ASP C 291 9.61 -11.65 -49.89
C ASP C 291 9.81 -10.99 -51.24
N VAL C 292 10.72 -11.53 -52.04
CA VAL C 292 11.11 -10.93 -53.30
C VAL C 292 10.35 -11.60 -54.45
N GLY C 293 10.05 -10.82 -55.48
CA GLY C 293 9.37 -11.34 -56.65
C GLY C 293 10.20 -11.21 -57.90
N LEU C 294 10.45 -12.33 -58.60
CA LEU C 294 11.36 -12.38 -59.73
C LEU C 294 10.63 -12.55 -61.07
N GLU C 295 9.29 -12.51 -61.07
CA GLU C 295 8.56 -12.90 -62.27
C GLU C 295 8.66 -11.85 -63.38
N LYS C 296 8.87 -10.57 -63.03
CA LYS C 296 8.91 -9.50 -64.01
C LYS C 296 10.33 -9.16 -64.47
N LEU C 297 11.35 -9.88 -64.01
CA LEU C 297 12.71 -9.59 -64.43
C LEU C 297 12.91 -9.94 -65.90
N LYS C 298 13.81 -9.22 -66.55
CA LYS C 298 14.18 -9.46 -67.93
C LYS C 298 15.70 -9.57 -68.04
N LEU C 299 16.16 -10.30 -69.04
CA LEU C 299 17.58 -10.48 -69.31
C LEU C 299 17.98 -9.55 -70.46
N LYS C 300 18.90 -8.63 -70.17
CA LYS C 300 19.30 -7.61 -71.13
C LYS C 300 20.41 -8.14 -72.04
N GLY C 301 20.36 -7.70 -73.31
CA GLY C 301 21.44 -7.98 -74.24
C GLY C 301 21.36 -9.32 -74.93
N THR C 302 20.23 -10.03 -74.84
CA THR C 302 20.11 -11.32 -75.50
C THR C 302 20.06 -11.19 -77.02
N THR C 303 19.71 -10.01 -77.54
CA THR C 303 19.59 -9.79 -78.97
C THR C 303 20.88 -9.27 -79.60
N TYR C 304 21.92 -9.05 -78.81
CA TYR C 304 23.19 -8.57 -79.35
C TYR C 304 23.93 -9.69 -80.05
N SER C 305 25.01 -9.33 -80.73
CA SER C 305 25.90 -10.28 -81.37
C SER C 305 27.12 -10.52 -80.50
N MET C 306 27.76 -11.66 -80.71
CA MET C 306 28.94 -12.00 -79.91
C MET C 306 30.09 -11.06 -80.22
N CYS C 307 30.98 -10.90 -79.24
CA CYS C 307 32.14 -10.05 -79.41
C CYS C 307 33.21 -10.77 -80.21
N ASP C 308 34.25 -10.03 -80.58
CA ASP C 308 35.39 -10.63 -81.27
C ASP C 308 36.34 -11.27 -80.27
N LYS C 309 37.11 -12.26 -80.74
CA LYS C 309 38.00 -12.98 -79.85
C LYS C 309 39.31 -12.23 -79.64
N THR C 310 39.93 -11.78 -80.74
CA THR C 310 41.29 -11.25 -80.71
C THR C 310 41.33 -9.77 -80.34
N LYS C 311 40.27 -9.25 -79.72
CA LYS C 311 40.19 -7.85 -79.34
C LYS C 311 39.98 -7.65 -77.84
N PHE C 312 40.26 -8.65 -77.02
CA PHE C 312 40.11 -8.54 -75.57
C PHE C 312 41.47 -8.40 -74.90
N LYS C 313 41.44 -7.87 -73.68
CA LYS C 313 42.64 -7.74 -72.87
C LYS C 313 42.22 -7.70 -71.41
N TRP C 314 43.03 -8.30 -70.55
CA TRP C 314 42.74 -8.30 -69.12
C TRP C 314 42.85 -6.90 -68.57
N LYS C 315 41.91 -6.52 -67.71
CA LYS C 315 42.01 -5.29 -66.93
C LYS C 315 42.27 -5.60 -65.46
N ARG C 316 41.43 -6.43 -64.83
CA ARG C 316 41.77 -7.11 -63.59
C ARG C 316 41.70 -8.60 -63.86
N VAL C 317 42.85 -9.28 -63.74
CA VAL C 317 42.92 -10.72 -63.99
C VAL C 317 42.20 -11.42 -62.84
N PRO C 318 41.81 -12.67 -63.01
CA PRO C 318 41.02 -13.35 -61.97
C PRO C 318 41.74 -13.33 -60.63
N VAL C 319 40.99 -13.06 -59.57
CA VAL C 319 41.51 -13.09 -58.21
C VAL C 319 40.48 -13.80 -57.32
N ASP C 320 40.97 -14.65 -56.42
CA ASP C 320 40.08 -15.38 -55.53
C ASP C 320 39.40 -14.41 -54.57
N SER C 321 38.09 -14.22 -54.75
CA SER C 321 37.34 -13.35 -53.86
C SER C 321 37.18 -14.00 -52.50
N GLY C 322 36.50 -13.30 -51.60
CA GLY C 322 36.32 -13.81 -50.25
C GLY C 322 35.16 -14.76 -50.05
N HIS C 323 34.45 -15.11 -51.12
CA HIS C 323 33.27 -15.97 -51.01
C HIS C 323 33.32 -17.08 -52.06
N ASP C 324 34.49 -17.69 -52.27
CA ASP C 324 34.63 -18.81 -53.20
C ASP C 324 34.13 -18.46 -54.60
N THR C 325 34.42 -17.24 -55.04
CA THR C 325 34.09 -16.80 -56.38
C THR C 325 35.34 -16.24 -57.05
N VAL C 326 35.26 -16.09 -58.37
CA VAL C 326 36.37 -15.59 -59.17
C VAL C 326 35.87 -14.37 -59.93
N VAL C 327 36.57 -13.24 -59.77
CA VAL C 327 36.13 -11.97 -60.32
C VAL C 327 37.19 -11.48 -61.31
N MET C 328 36.76 -11.12 -62.51
CA MET C 328 37.62 -10.63 -63.57
C MET C 328 37.16 -9.24 -64.01
N GLU C 329 37.87 -8.68 -64.98
CA GLU C 329 37.43 -7.45 -65.64
C GLU C 329 38.24 -7.29 -66.91
N VAL C 330 37.57 -7.25 -68.06
CA VAL C 330 38.24 -7.25 -69.35
C VAL C 330 37.97 -5.91 -70.05
N SER C 331 38.60 -5.73 -71.20
CA SER C 331 38.48 -4.50 -71.97
C SER C 331 38.50 -4.84 -73.45
N TYR C 332 37.35 -4.74 -74.09
CA TYR C 332 37.21 -5.01 -75.52
C TYR C 332 37.56 -3.74 -76.29
N THR C 333 38.28 -3.90 -77.41
CA THR C 333 38.78 -2.78 -78.19
C THR C 333 38.21 -2.76 -79.61
N GLY C 334 36.93 -3.08 -79.78
CA GLY C 334 36.30 -3.10 -81.08
C GLY C 334 35.27 -2.00 -81.24
N SER C 335 34.90 -1.77 -82.50
CA SER C 335 33.89 -0.75 -82.79
C SER C 335 32.49 -1.22 -82.37
N ASP C 336 32.18 -2.49 -82.59
CA ASP C 336 30.89 -3.06 -82.18
C ASP C 336 30.88 -3.26 -80.67
N LYS C 337 30.96 -2.14 -79.95
CA LYS C 337 31.03 -2.21 -78.50
C LYS C 337 29.84 -2.95 -77.89
N PRO C 338 28.59 -2.74 -78.32
CA PRO C 338 27.51 -3.56 -77.75
C PRO C 338 27.53 -4.97 -78.29
N CYS C 339 28.00 -5.91 -77.47
CA CYS C 339 28.14 -7.30 -77.87
C CYS C 339 28.12 -8.16 -76.61
N ARG C 340 28.31 -9.46 -76.80
CA ARG C 340 28.23 -10.45 -75.73
C ARG C 340 29.60 -11.09 -75.53
N ILE C 341 30.07 -11.12 -74.30
CA ILE C 341 31.40 -11.67 -73.99
C ILE C 341 31.31 -13.19 -74.03
N PRO C 342 32.10 -13.89 -74.88
CA PRO C 342 32.08 -15.37 -74.86
C PRO C 342 32.93 -15.98 -73.75
N VAL C 343 32.34 -16.06 -72.57
CA VAL C 343 33.01 -16.60 -71.40
C VAL C 343 32.87 -18.12 -71.39
N ARG C 344 33.90 -18.81 -70.88
CA ARG C 344 33.93 -20.26 -70.88
C ARG C 344 35.08 -20.74 -70.02
N ALA C 345 34.86 -21.84 -69.29
CA ALA C 345 35.90 -22.45 -68.48
C ALA C 345 35.85 -23.96 -68.69
N VAL C 346 37.01 -24.61 -68.65
CA VAL C 346 37.10 -26.07 -68.77
C VAL C 346 38.13 -26.58 -67.78
N ALA C 347 37.81 -27.68 -67.10
CA ALA C 347 38.76 -28.31 -66.20
C ALA C 347 39.90 -28.93 -67.01
N HIS C 348 41.12 -28.82 -66.47
CA HIS C 348 42.27 -29.38 -67.15
C HIS C 348 42.05 -30.87 -67.39
N GLY C 349 42.14 -31.28 -68.66
CA GLY C 349 41.98 -32.66 -69.06
C GLY C 349 40.68 -32.97 -69.78
N VAL C 350 39.65 -32.15 -69.59
CA VAL C 350 38.38 -32.31 -70.29
C VAL C 350 38.01 -30.98 -70.96
N PRO C 351 38.57 -30.67 -72.13
CA PRO C 351 38.29 -29.38 -72.78
C PRO C 351 36.93 -29.29 -73.44
N THR C 352 36.01 -30.20 -73.17
CA THR C 352 34.74 -30.27 -73.88
C THR C 352 33.52 -30.09 -72.99
N ILE C 353 33.69 -29.95 -71.68
CA ILE C 353 32.58 -29.79 -70.75
C ILE C 353 32.82 -28.53 -69.95
N ASN C 354 31.93 -27.55 -70.07
CA ASN C 354 32.03 -26.32 -69.33
C ASN C 354 31.71 -26.57 -67.85
N VAL C 355 32.34 -25.76 -66.98
CA VAL C 355 32.18 -25.92 -65.55
C VAL C 355 31.79 -24.60 -64.89
N ALA C 356 31.91 -23.49 -65.61
CA ALA C 356 31.66 -22.18 -65.04
C ALA C 356 30.17 -22.01 -64.71
N MET C 357 29.89 -21.52 -63.51
CA MET C 357 28.53 -21.17 -63.08
C MET C 357 28.50 -19.66 -62.96
N LEU C 358 28.21 -18.98 -64.07
CA LEU C 358 28.29 -17.53 -64.11
C LEU C 358 27.25 -16.91 -63.18
N ILE C 359 27.73 -16.08 -62.24
CA ILE C 359 26.81 -15.29 -61.44
C ILE C 359 26.39 -14.04 -62.22
N THR C 360 27.28 -13.52 -63.06
CA THR C 360 26.93 -12.49 -64.03
C THR C 360 26.40 -13.21 -65.27
N PRO C 361 25.07 -13.26 -65.46
CA PRO C 361 24.50 -14.24 -66.41
C PRO C 361 24.93 -14.02 -67.85
N ASN C 362 24.71 -12.83 -68.38
CA ASN C 362 24.92 -12.54 -69.81
C ASN C 362 25.85 -11.34 -69.89
N PRO C 363 27.14 -11.53 -69.65
CA PRO C 363 28.07 -10.39 -69.72
C PRO C 363 28.04 -9.76 -71.09
N THR C 364 28.03 -8.43 -71.11
CA THR C 364 27.93 -7.67 -72.34
C THR C 364 28.83 -6.44 -72.27
N ILE C 365 29.56 -6.21 -73.34
CA ILE C 365 30.32 -4.98 -73.49
C ILE C 365 29.39 -3.90 -74.01
N GLU C 366 29.65 -2.65 -73.63
CA GLU C 366 28.83 -1.53 -74.08
C GLU C 366 29.72 -0.30 -74.19
N THR C 367 29.16 0.76 -74.79
CA THR C 367 29.95 1.95 -75.06
C THR C 367 30.52 2.54 -73.78
N SER C 368 29.70 2.63 -72.73
CA SER C 368 30.16 3.17 -71.46
C SER C 368 31.16 2.27 -70.76
N GLY C 369 31.19 0.99 -71.10
CA GLY C 369 32.11 0.06 -70.46
C GLY C 369 31.61 -1.36 -70.47
N GLY C 370 31.67 -2.02 -69.32
CA GLY C 370 31.34 -3.43 -69.25
C GLY C 370 32.58 -4.31 -69.34
N GLY C 371 32.51 -5.47 -68.69
CA GLY C 371 33.63 -6.38 -68.67
C GLY C 371 33.77 -7.12 -67.36
N PHE C 372 33.09 -6.68 -66.32
CA PHE C 372 33.15 -7.36 -65.04
C PHE C 372 32.44 -8.70 -65.12
N ILE C 373 33.11 -9.76 -64.67
CA ILE C 373 32.57 -11.11 -64.68
C ILE C 373 32.86 -11.75 -63.33
N GLU C 374 31.87 -12.47 -62.79
CA GLU C 374 32.05 -13.25 -61.58
C GLU C 374 31.63 -14.68 -61.85
N MET C 375 32.48 -15.63 -61.48
CA MET C 375 32.27 -17.05 -61.70
C MET C 375 32.17 -17.78 -60.36
N GLN C 376 31.91 -19.08 -60.45
CA GLN C 376 32.02 -19.98 -59.30
C GLN C 376 32.40 -21.35 -59.85
N LEU C 377 33.71 -21.59 -59.98
CA LEU C 377 34.24 -22.78 -60.61
C LEU C 377 34.29 -23.95 -59.63
N PRO C 378 34.37 -25.19 -60.13
CA PRO C 378 34.52 -26.33 -59.24
C PRO C 378 35.96 -26.44 -58.75
N PRO C 379 36.19 -27.11 -57.63
CA PRO C 379 37.57 -27.26 -57.14
C PRO C 379 38.41 -28.10 -58.09
N GLY C 380 39.70 -27.78 -58.15
CA GLY C 380 40.66 -28.49 -58.96
C GLY C 380 41.39 -27.54 -59.88
N ASP C 381 42.02 -28.10 -60.91
CA ASP C 381 42.74 -27.32 -61.91
C ASP C 381 41.80 -26.99 -63.07
N ASN C 382 41.56 -25.70 -63.28
CA ASN C 382 40.68 -25.22 -64.33
C ASN C 382 41.44 -24.31 -65.28
N ILE C 383 40.75 -23.89 -66.35
CA ILE C 383 41.23 -22.86 -67.27
C ILE C 383 40.06 -21.96 -67.61
N ILE C 384 40.27 -20.66 -67.58
CA ILE C 384 39.22 -19.67 -67.83
C ILE C 384 39.45 -19.07 -69.22
N TYR C 385 38.52 -19.32 -70.14
CA TYR C 385 38.58 -18.79 -71.50
C TYR C 385 37.60 -17.63 -71.63
N VAL C 386 38.11 -16.46 -72.01
CA VAL C 386 37.29 -15.27 -72.29
C VAL C 386 37.72 -14.76 -73.66
N GLY C 387 37.04 -15.22 -74.71
CA GLY C 387 37.46 -14.92 -76.06
C GLY C 387 38.60 -15.81 -76.49
N ASP C 388 39.72 -15.19 -76.91
CA ASP C 388 40.95 -15.91 -77.18
C ASP C 388 41.87 -15.94 -75.97
N LEU C 389 41.42 -15.42 -74.84
CA LEU C 389 42.23 -15.37 -73.63
C LEU C 389 42.19 -16.71 -72.90
N SER C 390 43.18 -16.91 -72.04
CA SER C 390 43.25 -18.07 -71.17
C SER C 390 43.92 -17.65 -69.87
N GLN C 391 43.49 -18.24 -68.76
CA GLN C 391 44.10 -17.95 -67.47
C GLN C 391 43.85 -19.14 -66.55
N GLN C 392 44.91 -19.90 -66.27
CA GLN C 392 44.80 -21.05 -65.40
C GLN C 392 44.28 -20.63 -64.02
N TRP C 393 43.31 -21.38 -63.50
CA TRP C 393 42.76 -21.13 -62.18
C TRP C 393 42.72 -22.43 -61.39
N PHE C 394 43.29 -22.41 -60.19
CA PHE C 394 43.19 -23.50 -59.23
C PHE C 394 42.25 -23.04 -58.13
N GLN C 395 41.04 -23.59 -58.10
CA GLN C 395 40.05 -23.25 -57.10
C GLN C 395 40.25 -24.16 -55.90
N LYS C 396 40.81 -23.61 -54.83
CA LYS C 396 41.02 -24.37 -53.60
C LYS C 396 39.68 -24.79 -52.99
N GLY C 397 39.66 -25.96 -52.37
CA GLY C 397 38.53 -26.43 -51.61
C GLY C 397 38.07 -27.79 -52.08
N SER C 398 36.90 -28.19 -51.56
CA SER C 398 36.28 -29.46 -51.93
C SER C 398 34.80 -29.36 -51.62
N THR C 399 34.03 -30.31 -52.17
CA THR C 399 32.58 -30.28 -51.97
C THR C 399 32.22 -30.48 -50.50
N ILE C 400 32.95 -31.36 -49.80
CA ILE C 400 32.67 -31.57 -48.38
C ILE C 400 32.91 -30.28 -47.60
N GLY C 401 34.00 -29.59 -47.92
CA GLY C 401 34.26 -28.32 -47.26
C GLY C 401 33.16 -27.30 -47.52
N ARG C 402 32.64 -27.28 -48.74
CA ARG C 402 31.58 -26.32 -49.07
C ARG C 402 30.28 -26.65 -48.34
N MET C 403 29.93 -27.94 -48.26
CA MET C 403 28.76 -28.31 -47.47
C MET C 403 28.95 -27.97 -45.99
N PHE C 404 30.15 -28.19 -45.46
CA PHE C 404 30.42 -27.82 -44.08
C PHE C 404 30.27 -26.32 -43.89
N GLU C 405 30.76 -25.52 -44.85
CA GLU C 405 30.62 -24.08 -44.75
C GLU C 405 29.17 -23.64 -44.81
N LYS C 406 28.37 -24.28 -45.67
CA LYS C 406 26.94 -23.96 -45.73
C LYS C 406 26.26 -24.27 -44.40
N THR C 407 26.58 -25.43 -43.81
CA THR C 407 26.01 -25.76 -42.50
C THR C 407 26.46 -24.77 -41.44
N ARG C 408 27.72 -24.35 -41.49
CA ARG C 408 28.22 -23.38 -40.53
C ARG C 408 27.49 -22.05 -40.67
N LYS C 409 27.24 -21.62 -41.91
CA LYS C 409 26.51 -20.37 -42.11
C LYS C 409 25.08 -20.48 -41.62
N GLY C 410 24.42 -21.62 -41.84
CA GLY C 410 23.09 -21.81 -41.29
C GLY C 410 23.08 -21.75 -39.78
N LEU C 411 24.08 -22.39 -39.14
CA LEU C 411 24.16 -22.37 -37.69
C LEU C 411 24.42 -20.95 -37.17
N GLU C 412 25.30 -20.21 -37.84
CA GLU C 412 25.54 -18.83 -37.46
C GLU C 412 24.29 -17.98 -37.62
N ARG C 413 23.50 -18.26 -38.66
CA ARG C 413 22.24 -17.52 -38.83
C ARG C 413 21.28 -17.84 -37.70
N LEU C 414 21.22 -19.11 -37.29
CA LEU C 414 20.43 -19.46 -36.12
C LEU C 414 20.91 -18.70 -34.88
N SER C 415 22.23 -18.62 -34.70
CA SER C 415 22.78 -17.93 -33.54
C SER C 415 22.42 -16.45 -33.53
N VAL C 416 22.49 -15.81 -34.70
CA VAL C 416 22.35 -14.37 -34.79
C VAL C 416 20.88 -13.97 -34.86
N VAL C 417 20.20 -14.39 -35.93
CA VAL C 417 18.82 -13.97 -36.14
C VAL C 417 17.89 -14.74 -35.21
N GLY C 418 17.98 -16.07 -35.23
CA GLY C 418 17.18 -16.89 -34.34
C GLY C 418 16.04 -17.60 -35.04
N GLU C 419 14.84 -17.46 -34.50
CA GLU C 419 13.71 -18.25 -35.00
C GLU C 419 13.40 -17.93 -36.45
N HIS C 420 13.73 -16.73 -36.91
CA HIS C 420 13.38 -16.32 -38.27
C HIS C 420 14.27 -16.98 -39.32
N ALA C 421 15.36 -17.63 -38.93
CA ALA C 421 16.28 -18.22 -39.91
C ALA C 421 15.65 -19.36 -40.68
N TRP C 422 14.56 -19.95 -40.17
CA TRP C 422 13.90 -21.05 -40.86
C TRP C 422 13.06 -20.58 -42.05
N ASP C 423 12.85 -19.28 -42.19
CA ASP C 423 12.11 -18.71 -43.31
C ASP C 423 13.00 -18.26 -44.45
N PHE C 424 14.31 -18.51 -44.36
CA PHE C 424 15.25 -18.02 -45.35
C PHE C 424 15.24 -18.95 -46.56
N GLY C 425 14.89 -18.41 -47.72
CA GLY C 425 14.82 -19.22 -48.93
C GLY C 425 13.89 -20.41 -48.80
N SER C 426 12.73 -20.22 -48.17
CA SER C 426 11.79 -21.29 -47.90
C SER C 426 10.53 -21.11 -48.75
N VAL C 427 10.09 -22.20 -49.37
CA VAL C 427 8.85 -22.21 -50.14
C VAL C 427 7.65 -22.57 -49.28
N GLY C 428 7.85 -22.88 -48.01
CA GLY C 428 6.79 -23.41 -47.16
C GLY C 428 7.24 -24.68 -46.48
N GLY C 429 6.59 -25.80 -46.80
CA GLY C 429 7.01 -27.07 -46.25
C GLY C 429 6.57 -27.26 -44.82
N ILE C 430 7.00 -28.37 -44.25
CA ILE C 430 6.67 -28.75 -42.88
C ILE C 430 7.87 -28.61 -41.96
N LEU C 431 9.08 -28.92 -42.45
CA LEU C 431 10.26 -28.80 -41.61
C LEU C 431 10.45 -27.37 -41.13
N SER C 432 10.29 -26.40 -42.05
CA SER C 432 10.42 -25.00 -41.67
C SER C 432 9.35 -24.56 -40.67
N SER C 433 8.28 -25.33 -40.51
CA SER C 433 7.24 -24.99 -39.55
C SER C 433 7.43 -25.70 -38.21
N VAL C 434 7.71 -27.01 -38.24
CA VAL C 434 7.94 -27.73 -36.98
C VAL C 434 9.20 -27.21 -36.32
N GLY C 435 10.27 -27.02 -37.08
CA GLY C 435 11.49 -26.48 -36.51
C GLY C 435 11.29 -25.08 -35.95
N LYS C 436 10.53 -24.24 -36.66
CA LYS C 436 10.27 -22.90 -36.17
C LYS C 436 9.48 -22.93 -34.86
N ALA C 437 8.47 -23.80 -34.77
CA ALA C 437 7.71 -23.89 -33.53
C ALA C 437 8.58 -24.39 -32.37
N ILE C 438 9.42 -25.41 -32.64
CA ILE C 438 10.31 -25.91 -31.59
C ILE C 438 11.27 -24.82 -31.14
N HIS C 439 11.83 -24.07 -32.09
CA HIS C 439 12.74 -23.00 -31.73
C HIS C 439 12.02 -21.91 -30.94
N THR C 440 10.78 -21.60 -31.30
CA THR C 440 10.02 -20.62 -30.54
C THR C 440 9.84 -21.08 -29.09
N VAL C 441 9.47 -22.35 -28.92
CA VAL C 441 9.27 -22.87 -27.56
C VAL C 441 10.56 -22.81 -26.76
N LEU C 442 11.67 -23.28 -27.36
CA LEU C 442 12.94 -23.30 -26.66
C LEU C 442 13.40 -21.89 -26.31
N GLY C 443 13.29 -20.96 -27.26
CA GLY C 443 13.67 -19.59 -26.98
C GLY C 443 12.82 -18.95 -25.90
N GLY C 444 11.51 -19.21 -25.92
CA GLY C 444 10.66 -18.68 -24.87
C GLY C 444 11.05 -19.18 -23.50
N ALA C 445 11.26 -20.49 -23.37
CA ALA C 445 11.66 -21.04 -22.08
C ALA C 445 13.02 -20.51 -21.65
N PHE C 446 13.97 -20.45 -22.57
CA PHE C 446 15.32 -20.02 -22.24
C PHE C 446 15.33 -18.55 -21.81
N ASN C 447 14.55 -17.71 -22.49
CA ASN C 447 14.45 -16.31 -22.09
C ASN C 447 13.74 -16.16 -20.77
N THR C 448 12.69 -16.95 -20.53
CA THR C 448 11.95 -16.84 -19.27
C THR C 448 12.83 -17.20 -18.09
N LEU C 449 13.67 -18.23 -18.24
CA LEU C 449 14.54 -18.63 -17.13
C LEU C 449 15.77 -17.74 -17.04
N PHE C 450 16.60 -17.73 -18.08
CA PHE C 450 17.91 -17.08 -18.05
C PHE C 450 17.94 -15.81 -18.92
N GLY C 451 16.88 -15.02 -18.90
CA GLY C 451 16.84 -13.83 -19.72
C GLY C 451 17.94 -12.83 -19.37
N GLY C 452 18.10 -12.56 -18.07
CA GLY C 452 19.03 -11.54 -17.63
C GLY C 452 20.26 -12.09 -16.93
N VAL C 453 20.59 -13.35 -17.19
CA VAL C 453 21.73 -14.01 -16.57
C VAL C 453 22.90 -13.99 -17.53
N GLY C 454 24.11 -13.94 -16.98
CA GLY C 454 25.29 -13.81 -17.80
C GLY C 454 25.79 -15.11 -18.36
N PHE C 455 26.83 -15.00 -19.19
CA PHE C 455 27.39 -16.17 -19.85
C PHE C 455 27.98 -17.15 -18.85
N ILE C 456 28.79 -16.64 -17.91
CA ILE C 456 29.43 -17.51 -16.92
C ILE C 456 28.41 -18.21 -16.05
N PRO C 457 27.46 -17.53 -15.40
CA PRO C 457 26.47 -18.25 -14.60
C PRO C 457 25.62 -19.22 -15.40
N LYS C 458 25.31 -18.90 -16.67
CA LYS C 458 24.55 -19.83 -17.49
C LYS C 458 25.35 -21.10 -17.76
N MET C 459 26.63 -20.97 -18.07
CA MET C 459 27.47 -22.15 -18.23
C MET C 459 27.54 -22.94 -16.92
N LEU C 460 27.67 -22.25 -15.80
CA LEU C 460 27.73 -22.92 -14.51
C LEU C 460 26.45 -23.72 -14.24
N LEU C 461 25.29 -23.11 -14.50
CA LEU C 461 24.03 -23.80 -14.27
C LEU C 461 23.87 -24.99 -15.21
N GLY C 462 24.28 -24.83 -16.47
CA GLY C 462 24.25 -25.96 -17.39
C GLY C 462 25.11 -27.11 -16.90
N VAL C 463 26.32 -26.81 -16.43
CA VAL C 463 27.19 -27.86 -15.90
C VAL C 463 26.56 -28.50 -14.67
N ALA C 464 25.94 -27.70 -13.81
CA ALA C 464 25.33 -28.25 -12.60
C ALA C 464 24.19 -29.20 -12.96
N LEU C 465 23.36 -28.83 -13.92
CA LEU C 465 22.27 -29.71 -14.34
C LEU C 465 22.81 -30.98 -14.99
N VAL C 466 23.85 -30.86 -15.81
CA VAL C 466 24.44 -32.05 -16.41
C VAL C 466 24.95 -32.99 -15.33
N TRP C 467 25.63 -32.45 -14.32
CA TRP C 467 26.16 -33.28 -13.25
C TRP C 467 25.04 -33.92 -12.44
N LEU C 468 23.96 -33.16 -12.19
CA LEU C 468 22.82 -33.72 -11.48
C LEU C 468 22.23 -34.89 -12.25
N GLY C 469 22.09 -34.74 -13.57
CA GLY C 469 21.60 -35.85 -14.37
C GLY C 469 22.53 -37.04 -14.35
N LEU C 470 23.84 -36.80 -14.40
CA LEU C 470 24.80 -37.90 -14.38
C LEU C 470 24.75 -38.65 -13.05
N ASN C 471 24.63 -37.92 -11.94
CA ASN C 471 24.66 -38.54 -10.62
C ASN C 471 23.34 -39.22 -10.29
N ALA C 472 22.24 -38.46 -10.31
CA ALA C 472 20.94 -39.03 -10.01
C ALA C 472 20.63 -40.16 -10.99
N ARG C 473 20.33 -41.34 -10.45
CA ARG C 473 20.22 -42.55 -11.24
C ARG C 473 18.78 -42.86 -11.66
N ASN C 474 17.82 -42.00 -11.31
CA ASN C 474 16.45 -42.17 -11.77
C ASN C 474 16.39 -41.93 -13.28
N PRO C 475 15.71 -42.78 -14.06
CA PRO C 475 15.67 -42.57 -15.52
C PRO C 475 15.11 -41.21 -15.93
N THR C 476 13.89 -40.91 -15.49
CA THR C 476 13.21 -39.71 -15.97
C THR C 476 13.96 -38.44 -15.56
N MET C 477 14.32 -38.33 -14.28
CA MET C 477 15.00 -37.12 -13.82
C MET C 477 16.38 -37.00 -14.45
N SER C 478 17.11 -38.11 -14.56
CA SER C 478 18.42 -38.07 -15.19
C SER C 478 18.32 -37.59 -16.62
N MET C 479 17.37 -38.15 -17.39
CA MET C 479 17.22 -37.73 -18.77
C MET C 479 16.83 -36.26 -18.86
N THR C 480 15.89 -35.81 -18.02
CA THR C 480 15.48 -34.42 -18.04
C THR C 480 16.66 -33.50 -17.76
N PHE C 481 17.42 -33.80 -16.71
CA PHE C 481 18.54 -32.93 -16.36
C PHE C 481 19.59 -32.91 -17.45
N LEU C 482 19.94 -34.08 -18.00
CA LEU C 482 20.96 -34.11 -19.05
C LEU C 482 20.50 -33.32 -20.27
N ALA C 483 19.25 -33.52 -20.69
CA ALA C 483 18.75 -32.83 -21.87
C ALA C 483 18.70 -31.33 -21.66
N VAL C 484 18.20 -30.89 -20.51
CA VAL C 484 18.08 -29.45 -20.25
C VAL C 484 19.47 -28.82 -20.14
N GLY C 485 20.41 -29.51 -19.49
CA GLY C 485 21.76 -28.98 -19.40
C GLY C 485 22.43 -28.87 -20.76
N ALA C 486 22.25 -29.88 -21.61
CA ALA C 486 22.80 -29.81 -22.96
C ALA C 486 22.18 -28.68 -23.75
N LEU C 487 20.86 -28.49 -23.64
CA LEU C 487 20.22 -27.38 -24.32
C LEU C 487 20.76 -26.05 -23.84
N THR C 488 20.95 -25.90 -22.52
CA THR C 488 21.49 -24.65 -21.99
C THR C 488 22.90 -24.40 -22.50
N LEU C 489 23.74 -25.43 -22.50
CA LEU C 489 25.12 -25.27 -22.97
C LEU C 489 25.15 -24.88 -24.44
N MET C 490 24.32 -25.54 -25.27
CA MET C 490 24.32 -25.22 -26.70
C MET C 490 23.75 -23.83 -26.96
N MET C 491 22.68 -23.45 -26.26
CA MET C 491 22.01 -22.19 -26.54
C MET C 491 22.76 -20.98 -25.98
N THR C 492 23.50 -21.14 -24.88
CA THR C 492 24.17 -19.99 -24.29
C THR C 492 25.34 -19.50 -25.13
N MET C 493 25.80 -20.28 -26.11
CA MET C 493 26.89 -19.87 -27.00
C MET C 493 26.31 -19.11 -28.19
N GLY C 494 25.85 -17.89 -27.92
CA GLY C 494 25.27 -17.05 -28.93
C GLY C 494 23.76 -16.94 -28.82
N SER D 1 27.76 5.98 -3.82
CA SER D 1 28.17 4.71 -4.47
C SER D 1 27.08 4.25 -5.42
N VAL D 2 27.17 4.69 -6.67
CA VAL D 2 26.17 4.37 -7.69
C VAL D 2 26.53 3.04 -8.30
N VAL D 3 25.65 2.06 -8.17
CA VAL D 3 25.84 0.73 -8.72
C VAL D 3 24.86 0.56 -9.88
N ILE D 4 25.39 0.32 -11.07
CA ILE D 4 24.59 0.24 -12.28
C ILE D 4 24.71 -1.18 -12.82
N PRO D 5 23.65 -2.00 -12.74
CA PRO D 5 23.78 -3.39 -13.18
C PRO D 5 24.15 -3.50 -14.65
N THR D 6 24.97 -4.49 -14.96
CA THR D 6 25.45 -4.69 -16.32
C THR D 6 24.30 -5.10 -17.23
N HIS D 7 24.38 -4.69 -18.49
CA HIS D 7 23.36 -4.98 -19.50
C HIS D 7 23.59 -6.41 -19.99
N ALA D 8 22.85 -7.37 -19.42
CA ALA D 8 23.05 -8.77 -19.69
C ALA D 8 22.14 -9.32 -20.78
N GLN D 9 21.31 -8.49 -21.39
CA GLN D 9 20.41 -8.93 -22.43
C GLN D 9 21.15 -9.07 -23.76
N LYS D 10 20.83 -10.14 -24.49
CA LYS D 10 21.42 -10.42 -25.80
C LYS D 10 20.33 -10.49 -26.86
N ASP D 11 19.28 -9.68 -26.70
CA ASP D 11 18.10 -9.73 -27.55
C ASP D 11 18.21 -8.80 -28.76
N MET D 12 19.31 -8.09 -28.92
CA MET D 12 19.41 -7.07 -29.95
C MET D 12 20.74 -7.11 -30.70
N VAL D 13 21.66 -7.98 -30.31
CA VAL D 13 22.96 -8.03 -30.99
C VAL D 13 22.78 -8.68 -32.35
N GLY D 14 23.32 -8.02 -33.38
CA GLY D 14 23.25 -8.55 -34.73
C GLY D 14 24.63 -8.72 -35.34
N ARG D 15 24.88 -8.04 -36.46
CA ARG D 15 26.17 -8.11 -37.14
C ARG D 15 26.91 -6.79 -37.13
N GLY D 16 26.36 -5.75 -36.52
CA GLY D 16 27.02 -4.46 -36.46
C GLY D 16 28.00 -4.36 -35.30
N HIS D 17 28.65 -3.21 -35.22
CA HIS D 17 29.65 -3.00 -34.17
C HIS D 17 28.97 -2.85 -32.81
N ALA D 18 29.67 -3.27 -31.76
CA ALA D 18 29.17 -3.22 -30.40
C ALA D 18 30.15 -2.47 -29.51
N TRP D 19 29.70 -2.18 -28.29
CA TRP D 19 30.49 -1.40 -27.34
C TRP D 19 31.25 -2.35 -26.42
N LEU D 20 32.57 -2.32 -26.49
CA LEU D 20 33.45 -3.09 -25.61
C LEU D 20 32.98 -4.55 -25.53
N LYS D 21 33.02 -5.22 -26.67
CA LYS D 21 32.59 -6.61 -26.74
C LYS D 21 33.53 -7.48 -25.91
N GLY D 22 32.95 -8.36 -25.11
CA GLY D 22 33.75 -9.31 -24.34
C GLY D 22 34.72 -8.67 -23.38
N ASP D 23 34.30 -7.59 -22.71
CA ASP D 23 35.15 -6.92 -21.75
C ASP D 23 34.86 -7.31 -20.31
N ASN D 24 33.61 -7.70 -20.00
CA ASN D 24 33.30 -8.16 -18.65
C ASN D 24 34.09 -9.41 -18.29
N ILE D 25 34.20 -10.35 -19.23
CA ILE D 25 34.95 -11.57 -18.96
C ILE D 25 36.42 -11.24 -18.69
N ARG D 26 36.99 -10.36 -19.51
CA ARG D 26 38.38 -9.97 -19.32
C ARG D 26 38.58 -9.30 -17.97
N ASP D 27 37.64 -8.43 -17.58
CA ASP D 27 37.74 -7.77 -16.29
C ASP D 27 37.63 -8.77 -15.15
N HIS D 28 36.73 -9.74 -15.27
CA HIS D 28 36.61 -10.78 -14.24
C HIS D 28 37.92 -11.55 -14.09
N VAL D 29 38.50 -11.95 -15.22
CA VAL D 29 39.74 -12.73 -15.16
C VAL D 29 40.86 -11.89 -14.54
N THR D 30 40.96 -10.62 -14.95
CA THR D 30 42.00 -9.77 -14.41
C THR D 30 41.83 -9.57 -12.91
N ARG D 31 40.59 -9.35 -12.47
CA ARG D 31 40.34 -9.17 -11.04
C ARG D 31 40.72 -10.41 -10.26
N VAL D 32 40.32 -11.59 -10.74
CA VAL D 32 40.60 -12.82 -10.01
C VAL D 32 42.11 -13.05 -9.95
N GLU D 33 42.81 -12.87 -11.07
CA GLU D 33 44.25 -13.08 -11.08
C GLU D 33 44.96 -12.08 -10.17
N GLY D 34 44.54 -10.82 -10.19
CA GLY D 34 45.16 -9.83 -9.33
C GLY D 34 44.97 -10.14 -7.86
N TRP D 35 43.76 -10.55 -7.48
CA TRP D 35 43.55 -10.98 -6.09
C TRP D 35 44.42 -12.19 -5.76
N MET D 36 44.51 -13.14 -6.68
CA MET D 36 45.27 -14.36 -6.39
C MET D 36 46.76 -14.09 -6.29
N TRP D 37 47.24 -13.00 -6.86
CA TRP D 37 48.66 -12.69 -6.78
C TRP D 37 49.04 -11.88 -5.54
N LYS D 38 48.04 -11.40 -4.78
CA LYS D 38 48.30 -10.70 -3.54
C LYS D 38 47.95 -11.53 -2.31
N ASN D 39 47.47 -12.75 -2.51
CA ASN D 39 47.07 -13.65 -1.43
C ASN D 39 47.62 -15.04 -1.68
N LYS D 40 48.92 -15.12 -1.97
CA LYS D 40 49.53 -16.40 -2.31
C LYS D 40 49.36 -17.41 -1.18
N LEU D 41 49.64 -16.99 0.05
CA LEU D 41 49.60 -17.91 1.18
C LEU D 41 48.18 -18.36 1.48
N LEU D 42 47.20 -17.44 1.39
CA LEU D 42 45.81 -17.84 1.61
C LEU D 42 45.34 -18.79 0.53
N THR D 43 45.72 -18.55 -0.73
CA THR D 43 45.33 -19.45 -1.81
C THR D 43 45.95 -20.83 -1.63
N VAL D 44 47.22 -20.88 -1.26
CA VAL D 44 47.86 -22.18 -1.00
C VAL D 44 47.16 -22.87 0.16
N ALA D 45 46.79 -22.12 1.19
CA ALA D 45 46.09 -22.72 2.33
C ALA D 45 44.77 -23.33 1.89
N VAL D 46 43.99 -22.61 1.08
CA VAL D 46 42.71 -23.15 0.63
C VAL D 46 42.92 -24.39 -0.23
N VAL D 47 43.91 -24.34 -1.13
CA VAL D 47 44.15 -25.48 -2.03
C VAL D 47 44.52 -26.71 -1.22
N ALA D 48 45.48 -26.57 -0.29
CA ALA D 48 45.88 -27.72 0.51
C ALA D 48 44.78 -28.17 1.45
N LEU D 49 43.95 -27.24 1.93
CA LEU D 49 42.86 -27.60 2.82
C LEU D 49 41.84 -28.48 2.10
N ALA D 50 41.45 -28.10 0.88
CA ALA D 50 40.55 -28.93 0.10
C ALA D 50 41.22 -30.22 -0.34
N TRP D 51 42.53 -30.17 -0.58
CA TRP D 51 43.28 -31.38 -0.91
C TRP D 51 43.17 -32.41 0.22
N LEU D 52 43.47 -31.98 1.44
CA LEU D 52 43.53 -32.91 2.56
C LEU D 52 42.13 -33.32 3.04
N MET D 53 41.19 -32.37 3.11
CA MET D 53 39.90 -32.64 3.72
C MET D 53 38.97 -33.47 2.84
N LEU D 54 39.19 -33.51 1.52
CA LEU D 54 38.27 -34.17 0.61
C LEU D 54 39.02 -35.15 -0.28
N ASP D 55 38.32 -36.21 -0.68
CA ASP D 55 38.84 -37.16 -1.64
C ASP D 55 38.13 -37.11 -2.99
N SER D 56 36.93 -36.54 -3.04
CA SER D 56 36.20 -36.41 -4.29
C SER D 56 36.83 -35.29 -5.13
N TRP D 57 37.41 -35.66 -6.27
CA TRP D 57 38.21 -34.70 -7.02
C TRP D 57 37.38 -33.50 -7.46
N MET D 58 36.16 -33.75 -7.95
CA MET D 58 35.31 -32.65 -8.38
C MET D 58 34.97 -31.73 -7.21
N ALA D 59 34.79 -32.31 -6.01
CA ALA D 59 34.56 -31.48 -4.84
C ALA D 59 35.75 -30.55 -4.58
N ARG D 60 36.96 -31.09 -4.67
CA ARG D 60 38.16 -30.26 -4.54
C ARG D 60 38.11 -29.11 -5.51
N VAL D 61 37.91 -29.41 -6.80
CA VAL D 61 38.03 -28.38 -7.82
C VAL D 61 36.92 -27.35 -7.68
N THR D 62 35.69 -27.79 -7.41
CA THR D 62 34.59 -26.84 -7.29
C THR D 62 34.76 -25.96 -6.05
N VAL D 63 35.27 -26.53 -4.95
CA VAL D 63 35.54 -25.70 -3.77
C VAL D 63 36.60 -24.67 -4.09
N ILE D 64 37.66 -25.07 -4.78
CA ILE D 64 38.74 -24.13 -5.10
C ILE D 64 38.20 -23.00 -5.99
N LEU D 65 37.45 -23.36 -7.03
CA LEU D 65 36.91 -22.34 -7.93
C LEU D 65 35.94 -21.41 -7.19
N LEU D 66 35.09 -21.97 -6.34
CA LEU D 66 34.12 -21.13 -5.63
C LEU D 66 34.83 -20.17 -4.67
N ALA D 67 35.83 -20.66 -3.94
CA ALA D 67 36.57 -19.81 -3.03
C ALA D 67 37.30 -18.70 -3.78
N LEU D 68 37.95 -19.04 -4.90
CA LEU D 68 38.72 -18.05 -5.63
C LEU D 68 37.83 -17.10 -6.44
N SER D 69 36.58 -17.47 -6.68
CA SER D 69 35.64 -16.57 -7.34
C SER D 69 34.85 -15.71 -6.38
N LEU D 70 34.72 -16.12 -5.12
CA LEU D 70 34.02 -15.34 -4.11
C LEU D 70 34.92 -14.38 -3.35
N GLY D 71 36.21 -14.38 -3.64
CA GLY D 71 37.15 -13.59 -2.88
C GLY D 71 37.15 -12.13 -3.25
N PRO D 72 37.54 -11.80 -4.49
CA PRO D 72 37.72 -10.38 -4.83
C PRO D 72 36.41 -9.62 -4.94
N VAL D 73 35.41 -10.23 -5.57
CA VAL D 73 34.16 -9.51 -5.85
C VAL D 73 33.42 -9.17 -4.56
N TYR D 74 33.75 -9.83 -3.45
CA TYR D 74 33.12 -9.56 -2.16
C TYR D 74 34.12 -9.05 -1.13
N ALA D 75 35.27 -8.56 -1.57
CA ALA D 75 36.30 -8.07 -0.67
C ALA D 75 37.00 -6.85 -1.26
N THR E 1 -19.22 2.53 -30.38
CA THR E 1 -18.90 3.98 -30.22
C THR E 1 -18.87 4.38 -28.76
N ARG E 2 -20.05 4.50 -28.15
CA ARG E 2 -20.12 4.87 -26.74
C ARG E 2 -19.46 3.81 -25.86
N CYS E 3 -19.65 2.53 -26.19
CA CYS E 3 -19.02 1.48 -25.39
C CYS E 3 -17.50 1.64 -25.36
N THR E 4 -16.93 2.29 -26.37
CA THR E 4 -15.49 2.49 -26.44
C THR E 4 -14.98 3.47 -25.38
N HIS E 5 -15.86 4.24 -24.74
CA HIS E 5 -15.45 5.21 -23.73
C HIS E 5 -15.22 4.58 -22.37
N LEU E 6 -15.55 3.30 -22.20
CA LEU E 6 -15.47 2.63 -20.90
C LEU E 6 -14.53 1.45 -21.00
N GLU E 7 -13.85 1.15 -19.88
CA GLU E 7 -12.97 -0.01 -19.82
C GLU E 7 -13.74 -1.31 -19.73
N ASN E 8 -14.98 -1.26 -19.23
CA ASN E 8 -15.84 -2.42 -19.10
C ASN E 8 -16.82 -2.47 -20.26
N ARG E 9 -16.88 -3.61 -20.96
CA ARG E 9 -17.68 -3.73 -22.16
C ARG E 9 -18.00 -5.20 -22.40
N ASP E 10 -19.20 -5.45 -22.94
CA ASP E 10 -19.67 -6.79 -23.23
C ASP E 10 -20.18 -6.85 -24.67
N PHE E 11 -19.92 -7.97 -25.33
CA PHE E 11 -20.38 -8.21 -26.69
C PHE E 11 -21.39 -9.35 -26.68
N VAL E 12 -22.56 -9.11 -27.26
CA VAL E 12 -23.60 -10.13 -27.42
C VAL E 12 -23.76 -10.36 -28.92
N THR E 13 -23.49 -11.58 -29.36
CA THR E 13 -23.54 -11.93 -30.78
C THR E 13 -24.77 -12.80 -31.03
N GLY E 14 -25.60 -12.40 -31.98
CA GLY E 14 -26.81 -13.12 -32.32
C GLY E 14 -26.70 -13.77 -33.68
N VAL E 15 -27.02 -15.07 -33.74
CA VAL E 15 -27.07 -15.80 -35.00
C VAL E 15 -28.36 -15.42 -35.70
N GLN E 16 -28.49 -15.82 -36.97
CA GLN E 16 -29.71 -15.55 -37.70
C GLN E 16 -30.90 -16.23 -37.03
N GLY E 17 -32.04 -15.55 -37.02
CA GLY E 17 -33.24 -16.08 -36.41
C GLY E 17 -33.48 -15.63 -34.99
N THR E 18 -32.49 -15.00 -34.34
CA THR E 18 -32.67 -14.49 -32.99
C THR E 18 -33.32 -13.11 -33.06
N THR E 19 -34.38 -12.93 -32.28
CA THR E 19 -35.14 -11.68 -32.30
C THR E 19 -35.33 -11.07 -30.92
N ARG E 20 -35.08 -11.80 -29.84
CA ARG E 20 -35.12 -11.25 -28.49
C ARG E 20 -33.83 -11.61 -27.78
N VAL E 21 -33.24 -10.62 -27.10
CA VAL E 21 -31.98 -10.78 -26.39
C VAL E 21 -32.21 -10.36 -24.94
N SER E 22 -31.82 -11.23 -24.01
CA SER E 22 -31.93 -10.94 -22.59
C SER E 22 -30.60 -10.42 -22.09
N LEU E 23 -30.63 -9.29 -21.39
CA LEU E 23 -29.43 -8.61 -20.94
C LEU E 23 -29.55 -8.25 -19.47
N VAL E 24 -28.40 -8.17 -18.81
CA VAL E 24 -28.32 -7.66 -17.44
C VAL E 24 -27.50 -6.37 -17.53
N LEU E 25 -28.19 -5.25 -17.66
CA LEU E 25 -27.53 -3.95 -17.83
C LEU E 25 -27.00 -3.49 -16.48
N GLU E 26 -25.68 -3.47 -16.35
CA GLU E 26 -25.05 -2.97 -15.14
C GLU E 26 -24.74 -1.48 -15.29
N LEU E 27 -24.92 -0.75 -14.19
CA LEU E 27 -24.66 0.69 -14.17
C LEU E 27 -23.15 0.88 -14.00
N GLY E 28 -22.47 1.11 -15.12
CA GLY E 28 -21.02 1.16 -15.12
C GLY E 28 -20.42 0.32 -16.23
N GLY E 29 -21.27 -0.18 -17.13
CA GLY E 29 -20.82 -0.97 -18.25
C GLY E 29 -21.65 -0.70 -19.48
N CYS E 30 -21.15 -1.17 -20.62
CA CYS E 30 -21.80 -0.97 -21.91
C CYS E 30 -21.87 -2.31 -22.63
N VAL E 31 -22.90 -2.48 -23.45
CA VAL E 31 -23.15 -3.72 -24.18
C VAL E 31 -23.25 -3.40 -25.66
N THR E 32 -22.50 -4.14 -26.48
CA THR E 32 -22.53 -4.01 -27.94
C THR E 32 -23.15 -5.28 -28.52
N ILE E 33 -24.19 -5.11 -29.33
CA ILE E 33 -24.93 -6.23 -29.90
C ILE E 33 -24.58 -6.32 -31.38
N THR E 34 -24.02 -7.46 -31.79
CA THR E 34 -23.52 -7.68 -33.14
C THR E 34 -24.26 -8.86 -33.74
N ALA E 35 -25.32 -8.57 -34.51
CA ALA E 35 -26.08 -9.60 -35.21
C ALA E 35 -25.73 -9.60 -36.69
N GLU E 36 -26.43 -10.45 -37.45
CA GLU E 36 -26.21 -10.59 -38.89
C GLU E 36 -27.41 -10.03 -39.63
N GLY E 37 -27.15 -9.16 -40.60
CA GLY E 37 -28.20 -8.52 -41.37
C GLY E 37 -28.82 -7.31 -40.70
N LYS E 38 -28.39 -6.98 -39.49
CA LYS E 38 -28.96 -5.89 -38.71
C LYS E 38 -27.84 -5.00 -38.18
N PRO E 39 -28.13 -3.74 -37.92
CA PRO E 39 -27.10 -2.85 -37.36
C PRO E 39 -26.74 -3.23 -35.94
N SER E 40 -25.54 -2.82 -35.54
CA SER E 40 -25.13 -2.95 -34.16
C SER E 40 -25.63 -1.75 -33.35
N ILE E 41 -26.01 -2.03 -32.11
CA ILE E 41 -26.48 -0.99 -31.19
C ILE E 41 -25.73 -1.10 -29.88
N ASP E 42 -25.67 0.01 -29.15
CA ASP E 42 -25.10 0.06 -27.81
C ASP E 42 -26.22 0.32 -26.82
N VAL E 43 -26.35 -0.56 -25.84
CA VAL E 43 -27.37 -0.44 -24.80
C VAL E 43 -26.65 -0.42 -23.45
N TRP E 44 -26.96 0.59 -22.64
CA TRP E 44 -26.35 0.71 -21.32
C TRP E 44 -27.32 1.39 -20.38
N LEU E 45 -27.05 1.26 -19.09
CA LEU E 45 -27.88 1.84 -18.04
C LEU E 45 -27.27 3.16 -17.62
N GLU E 46 -28.04 4.24 -17.75
CA GLU E 46 -27.51 5.57 -17.45
C GLU E 46 -27.50 5.85 -15.96
N ASP E 47 -28.66 5.79 -15.31
CA ASP E 47 -28.73 6.10 -13.89
C ASP E 47 -30.02 5.55 -13.31
N ILE E 48 -30.02 5.37 -11.99
CA ILE E 48 -31.19 5.01 -11.21
C ILE E 48 -31.44 6.14 -10.22
N PHE E 49 -32.66 6.69 -10.24
CA PHE E 49 -32.92 7.89 -9.47
C PHE E 49 -34.39 7.96 -9.06
N GLN E 50 -34.66 8.78 -8.04
CA GLN E 50 -36.01 9.15 -7.66
C GLN E 50 -35.98 10.57 -7.13
N GLU E 51 -37.08 11.29 -7.34
CA GLU E 51 -37.21 12.68 -6.92
C GLU E 51 -38.07 12.74 -5.66
N SER E 52 -37.52 13.33 -4.60
CA SER E 52 -38.21 13.50 -3.34
C SER E 52 -38.62 12.18 -2.71
N PRO E 53 -37.67 11.37 -2.23
CA PRO E 53 -38.04 10.14 -1.51
C PRO E 53 -38.51 10.42 -0.10
N ALA E 54 -38.93 9.38 0.62
CA ALA E 54 -39.36 9.51 1.99
C ALA E 54 -38.17 9.56 2.93
N GLU E 55 -38.43 9.94 4.18
CA GLU E 55 -37.40 10.12 5.18
C GLU E 55 -37.35 8.94 6.13
N THR E 56 -36.21 8.79 6.80
CA THR E 56 -36.03 7.85 7.90
C THR E 56 -35.45 8.62 9.09
N ARG E 57 -34.99 7.89 10.09
CA ARG E 57 -34.41 8.55 11.26
C ARG E 57 -33.16 9.33 10.89
N GLU E 58 -32.95 10.45 11.57
CA GLU E 58 -31.75 11.26 11.40
C GLU E 58 -30.99 11.27 12.72
N TYR E 59 -29.69 10.98 12.65
CA TYR E 59 -28.85 10.86 13.83
C TYR E 59 -28.09 12.16 14.09
N CYS E 60 -27.53 12.25 15.29
CA CYS E 60 -26.67 13.35 15.67
C CYS E 60 -25.24 12.85 15.80
N LEU E 61 -24.29 13.57 15.18
CA LEU E 61 -22.91 13.16 15.17
C LEU E 61 -22.02 14.00 16.07
N HIS E 62 -22.47 15.18 16.48
CA HIS E 62 -21.71 16.03 17.39
C HIS E 62 -22.71 16.89 18.14
N ALA E 63 -22.70 16.81 19.47
CA ALA E 63 -23.72 17.43 20.30
C ALA E 63 -23.20 18.74 20.90
N LYS E 64 -24.04 19.36 21.72
CA LYS E 64 -23.72 20.66 22.33
C LYS E 64 -24.45 20.71 23.67
N LEU E 65 -23.71 20.56 24.76
CA LEU E 65 -24.30 20.55 26.10
C LEU E 65 -24.29 21.95 26.69
N SER E 66 -25.29 22.23 27.52
CA SER E 66 -25.45 23.55 28.12
C SER E 66 -26.32 23.42 29.37
N ASN E 67 -26.27 24.47 30.19
CA ASN E 67 -27.07 24.54 31.42
C ASN E 67 -26.91 23.29 32.27
N THR E 68 -25.67 23.00 32.63
CA THR E 68 -25.40 21.89 33.53
C THR E 68 -25.87 22.23 34.94
N LYS E 69 -26.50 21.26 35.60
CA LYS E 69 -27.01 21.42 36.95
C LYS E 69 -26.66 20.21 37.78
N VAL E 70 -26.39 20.44 39.06
CA VAL E 70 -26.05 19.39 40.00
C VAL E 70 -26.82 19.61 41.30
N GLU E 71 -27.32 18.52 41.88
CA GLU E 71 -27.99 18.57 43.16
C GLU E 71 -27.57 17.36 43.97
N ALA E 72 -27.11 17.58 45.20
CA ALA E 72 -26.62 16.52 46.06
C ALA E 72 -27.29 16.62 47.43
N ARG E 73 -27.46 15.46 48.08
CA ARG E 73 -28.03 15.39 49.41
C ARG E 73 -27.08 14.63 50.32
N CYS E 74 -27.26 14.83 51.63
CA CYS E 74 -26.39 14.21 52.62
C CYS E 74 -26.73 12.73 52.75
N PRO E 75 -25.83 11.94 53.36
CA PRO E 75 -25.97 10.47 53.30
C PRO E 75 -27.32 9.93 53.72
N THR E 76 -27.93 10.46 54.78
CA THR E 76 -29.19 9.94 55.28
C THR E 76 -30.37 10.86 55.01
N THR E 77 -30.13 12.02 54.40
CA THR E 77 -31.19 12.99 54.18
C THR E 77 -32.18 12.54 53.12
N GLY E 78 -31.79 11.62 52.24
CA GLY E 78 -32.69 11.09 51.24
C GLY E 78 -32.15 11.23 49.83
N PRO E 79 -32.86 10.66 48.86
CA PRO E 79 -32.40 10.72 47.47
C PRO E 79 -32.54 12.12 46.89
N ALA E 80 -31.74 12.38 45.86
CA ALA E 80 -31.69 13.69 45.23
C ALA E 80 -32.66 13.76 44.05
N THR E 81 -33.22 14.93 43.82
CA THR E 81 -34.17 15.14 42.73
C THR E 81 -33.84 16.43 41.99
N LEU E 82 -34.16 16.45 40.70
CA LEU E 82 -34.02 17.65 39.88
C LEU E 82 -35.24 17.73 38.96
N PRO E 83 -35.90 18.88 38.88
CA PRO E 83 -36.98 19.02 37.89
C PRO E 83 -36.51 18.77 36.46
N GLU E 84 -35.25 19.08 36.16
CA GLU E 84 -34.74 18.93 34.80
C GLU E 84 -34.76 17.48 34.33
N GLU E 85 -34.88 16.53 35.25
CA GLU E 85 -35.19 15.16 34.84
C GLU E 85 -36.63 15.07 34.38
N HIS E 86 -36.92 14.04 33.59
CA HIS E 86 -38.24 13.88 32.97
C HIS E 86 -38.55 15.04 32.02
N GLN E 87 -37.51 15.59 31.39
CA GLN E 87 -37.67 16.66 30.42
C GLN E 87 -36.92 16.28 29.14
N ALA E 88 -37.43 16.77 28.01
CA ALA E 88 -36.87 16.39 26.72
C ALA E 88 -35.50 17.02 26.52
N ASN E 89 -34.65 16.32 25.76
CA ASN E 89 -33.32 16.81 25.40
C ASN E 89 -32.49 17.15 26.63
N MET E 90 -32.61 16.33 27.67
CA MET E 90 -31.86 16.50 28.90
C MET E 90 -31.26 15.17 29.29
N VAL E 91 -29.94 15.09 29.32
CA VAL E 91 -29.22 13.86 29.67
C VAL E 91 -28.84 13.95 31.14
N CYS E 92 -29.18 12.92 31.91
CA CYS E 92 -29.01 12.92 33.36
C CYS E 92 -28.31 11.65 33.81
N LYS E 93 -27.76 11.71 35.02
CA LYS E 93 -27.08 10.57 35.62
C LYS E 93 -27.26 10.64 37.14
N ARG E 94 -27.37 9.47 37.76
CA ARG E 94 -27.48 9.35 39.20
C ARG E 94 -26.31 8.53 39.72
N ASP E 95 -25.70 8.99 40.81
CA ASP E 95 -24.52 8.35 41.37
C ASP E 95 -24.49 8.64 42.86
N GLN E 96 -23.45 8.15 43.54
CA GLN E 96 -23.25 8.37 44.97
C GLN E 96 -21.84 8.88 45.22
N SER E 97 -21.72 9.77 46.21
CA SER E 97 -20.46 10.42 46.53
C SER E 97 -20.20 10.34 48.03
N ASP E 98 -18.93 10.52 48.41
CA ASP E 98 -18.52 10.48 49.81
C ASP E 98 -18.73 11.85 50.43
N ARG E 99 -19.57 11.91 51.47
CA ARG E 99 -19.88 13.14 52.18
C ARG E 99 -19.35 13.06 53.61
N GLY E 100 -19.54 14.15 54.35
CA GLY E 100 -19.09 14.22 55.71
C GLY E 100 -19.21 15.65 56.23
N TRP E 101 -18.57 15.90 57.37
CA TRP E 101 -18.55 17.25 57.92
C TRP E 101 -17.65 18.18 57.15
N GLY E 102 -16.68 17.65 56.38
CA GLY E 102 -15.92 18.50 55.48
C GLY E 102 -16.76 19.11 54.38
N ASN E 103 -17.80 18.41 53.94
CA ASN E 103 -18.76 18.92 52.98
C ASN E 103 -20.03 19.43 53.64
N HIS E 104 -20.02 19.59 54.97
CA HIS E 104 -21.15 20.15 55.72
C HIS E 104 -22.33 19.18 55.75
N CYS E 105 -22.04 17.88 55.83
CA CYS E 105 -23.05 16.85 56.05
C CYS E 105 -22.86 16.27 57.44
N GLY E 106 -23.97 15.98 58.12
CA GLY E 106 -23.91 15.58 59.51
C GLY E 106 -23.35 14.19 59.74
N PHE E 107 -23.30 13.35 58.70
CA PHE E 107 -22.85 11.97 58.83
C PHE E 107 -21.84 11.64 57.75
N PHE E 108 -20.97 10.69 58.05
CA PHE E 108 -20.01 10.17 57.08
C PHE E 108 -20.63 8.98 56.36
N GLY E 109 -20.51 8.97 55.03
CA GLY E 109 -21.06 7.89 54.25
C GLY E 109 -21.22 8.31 52.80
N LYS E 110 -22.08 7.58 52.10
CA LYS E 110 -22.34 7.82 50.68
C LYS E 110 -23.64 8.60 50.51
N GLY E 111 -23.56 9.71 49.79
CA GLY E 111 -24.72 10.56 49.55
C GLY E 111 -25.12 10.54 48.09
N SER E 112 -26.41 10.75 47.85
CA SER E 112 -26.93 10.74 46.48
C SER E 112 -26.64 12.05 45.77
N ILE E 113 -26.16 11.96 44.53
CA ILE E 113 -25.88 13.11 43.69
C ILE E 113 -26.49 12.85 42.31
N VAL E 114 -27.04 13.90 41.71
CA VAL E 114 -27.65 13.82 40.39
C VAL E 114 -27.15 15.00 39.55
N ALA E 115 -26.83 14.73 38.28
CA ALA E 115 -26.36 15.76 37.37
C ALA E 115 -27.16 15.70 36.08
N CYS E 116 -27.40 16.87 35.49
CA CYS E 116 -28.16 16.96 34.25
C CYS E 116 -27.59 18.07 33.38
N ALA E 117 -27.86 17.97 32.08
CA ALA E 117 -27.40 18.97 31.11
C ALA E 117 -28.31 18.91 29.89
N LYS E 118 -28.54 20.07 29.27
CA LYS E 118 -29.36 20.12 28.06
C LYS E 118 -28.58 19.56 26.88
N PHE E 119 -29.33 19.06 25.89
CA PHE E 119 -28.77 18.41 24.72
C PHE E 119 -29.25 19.12 23.46
N GLU E 120 -28.30 19.42 22.56
CA GLU E 120 -28.62 19.97 21.25
C GLU E 120 -27.65 19.41 20.24
N CYS E 121 -28.07 19.41 18.98
CA CYS E 121 -27.25 18.94 17.87
C CYS E 121 -26.77 20.13 17.06
N GLU E 122 -25.51 20.06 16.60
CA GLU E 122 -24.97 21.12 15.76
C GLU E 122 -25.74 21.19 14.45
N GLU E 123 -25.80 22.40 13.87
CA GLU E 123 -26.71 22.64 12.76
C GLU E 123 -26.44 21.71 11.58
N ALA E 124 -25.17 21.38 11.33
CA ALA E 124 -24.78 20.63 10.13
C ALA E 124 -24.15 19.28 10.47
N LYS E 125 -24.46 18.72 11.63
CA LYS E 125 -23.92 17.43 12.06
C LYS E 125 -25.09 16.46 12.20
N LYS E 126 -25.46 15.83 11.08
CA LYS E 126 -26.54 14.87 11.07
C LYS E 126 -26.27 13.83 9.98
N ALA E 127 -26.86 12.65 10.16
CA ALA E 127 -26.80 11.58 9.18
C ALA E 127 -28.23 11.19 8.83
N VAL E 128 -28.78 11.84 7.82
CA VAL E 128 -30.15 11.62 7.39
C VAL E 128 -30.17 10.50 6.36
N GLY E 129 -31.21 9.69 6.41
CA GLY E 129 -31.36 8.59 5.48
C GLY E 129 -32.66 8.72 4.70
N HIS E 130 -32.66 8.14 3.50
CA HIS E 130 -33.82 8.16 2.63
C HIS E 130 -34.08 6.77 2.06
N VAL E 131 -35.35 6.50 1.75
CA VAL E 131 -35.78 5.20 1.27
C VAL E 131 -36.50 5.38 -0.05
N TYR E 132 -36.14 4.53 -1.03
CA TYR E 132 -36.80 4.56 -2.33
C TYR E 132 -38.17 3.91 -2.26
N ASP E 133 -39.01 4.23 -3.24
CA ASP E 133 -40.33 3.65 -3.39
C ASP E 133 -40.37 2.84 -4.67
N SER E 134 -40.83 1.60 -4.58
CA SER E 134 -40.83 0.72 -5.74
C SER E 134 -41.66 1.29 -6.88
N THR E 135 -42.70 2.06 -6.58
CA THR E 135 -43.58 2.58 -7.62
C THR E 135 -43.05 3.85 -8.27
N LYS E 136 -42.11 4.55 -7.62
CA LYS E 136 -41.65 5.84 -8.10
C LYS E 136 -40.19 5.85 -8.55
N ILE E 137 -39.43 4.79 -8.30
CA ILE E 137 -38.04 4.75 -8.73
C ILE E 137 -37.98 4.58 -10.25
N THR E 138 -37.01 5.23 -10.88
CA THR E 138 -36.92 5.32 -12.33
C THR E 138 -35.58 4.81 -12.82
N TYR E 139 -35.61 4.08 -13.93
CA TYR E 139 -34.42 3.56 -14.59
C TYR E 139 -34.32 4.18 -15.98
N VAL E 140 -33.14 4.68 -16.32
CA VAL E 140 -32.90 5.34 -17.60
C VAL E 140 -31.99 4.44 -18.43
N VAL E 141 -32.46 4.07 -19.62
CA VAL E 141 -31.71 3.24 -20.56
C VAL E 141 -31.63 4.00 -21.87
N LYS E 142 -30.44 4.06 -22.46
CA LYS E 142 -30.20 4.82 -23.67
C LYS E 142 -29.66 3.89 -24.75
N VAL E 143 -30.05 4.17 -26.01
CA VAL E 143 -29.69 3.33 -27.14
C VAL E 143 -29.02 4.21 -28.19
N GLU E 144 -27.93 3.70 -28.77
CA GLU E 144 -27.15 4.45 -29.76
C GLU E 144 -26.76 3.53 -30.91
N PRO E 145 -27.33 3.71 -32.10
CA PRO E 145 -26.96 2.84 -33.22
C PRO E 145 -25.58 3.18 -33.76
N HIS E 146 -25.02 2.24 -34.52
CA HIS E 146 -23.71 2.41 -35.13
C HIS E 146 -23.90 3.06 -36.50
N THR E 147 -23.78 4.38 -36.54
CA THR E 147 -23.94 5.13 -37.78
C THR E 147 -22.62 5.40 -38.49
N GLY E 148 -21.50 4.89 -37.98
CA GLY E 148 -20.22 5.12 -38.60
C GLY E 148 -19.55 6.42 -38.21
N ASP E 149 -20.09 7.15 -37.25
CA ASP E 149 -19.54 8.43 -36.81
C ASP E 149 -19.04 8.29 -35.37
N TYR E 150 -17.90 8.91 -35.09
CA TYR E 150 -17.31 8.89 -33.77
C TYR E 150 -17.41 10.27 -33.13
N GLN E 151 -17.78 10.30 -31.85
CA GLN E 151 -17.91 11.53 -31.08
C GLN E 151 -17.39 11.29 -29.67
N ALA E 152 -16.62 12.25 -29.16
CA ALA E 152 -16.06 12.14 -27.82
C ALA E 152 -17.16 12.33 -26.78
N ALA E 153 -16.83 11.96 -25.54
CA ALA E 153 -17.82 12.00 -24.47
C ALA E 153 -18.36 13.41 -24.21
N ASN E 154 -17.61 14.45 -24.58
CA ASN E 154 -18.07 15.82 -24.39
C ASN E 154 -19.04 16.27 -25.47
N GLU E 155 -19.08 15.59 -26.62
CA GLU E 155 -19.96 15.97 -27.71
C GLU E 155 -21.25 15.16 -27.67
N THR E 156 -22.37 15.84 -27.88
CA THR E 156 -23.67 15.20 -27.83
C THR E 156 -23.98 14.52 -29.15
N ASN E 157 -24.62 13.36 -29.08
CA ASN E 157 -24.94 12.54 -30.25
C ASN E 157 -26.42 12.70 -30.57
N GLU E 158 -26.70 13.09 -31.82
CA GLU E 158 -28.08 13.30 -32.23
C GLU E 158 -28.79 12.00 -32.59
N ASN E 159 -28.06 10.90 -32.77
CA ASN E 159 -28.66 9.61 -33.06
C ASN E 159 -29.02 8.83 -31.80
N ARG E 160 -28.76 9.37 -30.62
CA ARG E 160 -28.97 8.66 -29.37
C ARG E 160 -30.41 8.84 -28.87
N LYS E 161 -30.94 7.79 -28.26
CA LYS E 161 -32.29 7.81 -27.71
C LYS E 161 -32.25 7.35 -26.26
N THR E 162 -33.23 7.80 -25.49
CA THR E 162 -33.32 7.50 -24.07
C THR E 162 -34.70 6.96 -23.73
N ALA E 163 -34.76 6.11 -22.70
CA ALA E 163 -35.99 5.50 -22.25
C ALA E 163 -36.00 5.41 -20.74
N GLN E 164 -37.13 5.73 -20.13
CA GLN E 164 -37.30 5.68 -18.68
C GLN E 164 -38.25 4.55 -18.34
N PHE E 165 -37.83 3.68 -17.42
CA PHE E 165 -38.60 2.49 -17.04
C PHE E 165 -39.02 2.59 -15.58
N THR E 166 -40.25 3.03 -15.36
CA THR E 166 -40.94 2.85 -14.09
C THR E 166 -41.87 1.64 -14.22
N VAL E 167 -42.51 1.26 -13.12
CA VAL E 167 -43.46 0.15 -13.18
C VAL E 167 -44.63 0.47 -14.09
N ALA E 168 -44.89 1.76 -14.33
CA ALA E 168 -45.93 2.15 -15.26
C ALA E 168 -45.46 2.13 -16.71
N SER E 169 -44.16 2.04 -16.95
CA SER E 169 -43.61 2.03 -18.31
C SER E 169 -43.48 0.62 -18.85
N GLU E 170 -42.72 -0.24 -18.16
CA GLU E 170 -42.56 -1.62 -18.56
C GLU E 170 -41.87 -1.74 -19.91
N LYS E 171 -42.57 -1.36 -20.98
CA LYS E 171 -42.12 -1.59 -22.35
C LYS E 171 -42.09 -0.27 -23.10
N VAL E 172 -40.93 0.07 -23.65
CA VAL E 172 -40.74 1.31 -24.40
C VAL E 172 -40.14 0.96 -25.76
N ILE E 173 -40.73 1.49 -26.82
CA ILE E 173 -40.31 1.22 -28.19
C ILE E 173 -39.68 2.48 -28.74
N LEU E 174 -38.41 2.39 -29.14
CA LEU E 174 -37.66 3.54 -29.60
C LEU E 174 -37.57 3.54 -31.12
N ASP E 175 -37.47 4.73 -31.69
CA ASP E 175 -37.36 4.92 -33.13
C ASP E 175 -35.97 5.46 -33.43
N LEU E 176 -35.08 4.58 -33.89
CA LEU E 176 -33.68 4.97 -34.12
C LEU E 176 -33.48 5.71 -35.44
N GLY E 177 -34.56 6.00 -36.17
CA GLY E 177 -34.45 6.78 -37.39
C GLY E 177 -34.49 5.92 -38.64
N ASP E 178 -33.42 5.92 -39.41
CA ASP E 178 -33.31 5.09 -40.61
C ASP E 178 -32.82 3.68 -40.31
N TYR E 179 -32.52 3.40 -39.04
CA TYR E 179 -32.15 2.06 -38.60
C TYR E 179 -33.30 1.31 -37.95
N GLY E 180 -34.52 1.84 -38.06
CA GLY E 180 -35.68 1.13 -37.57
C GLY E 180 -35.90 1.30 -36.08
N ASP E 181 -36.73 0.43 -35.54
CA ASP E 181 -37.14 0.48 -34.15
C ASP E 181 -36.36 -0.54 -33.33
N VAL E 182 -36.29 -0.29 -32.02
CA VAL E 182 -35.73 -1.24 -31.06
C VAL E 182 -36.66 -1.29 -29.86
N SER E 183 -37.04 -2.49 -29.46
CA SER E 183 -37.97 -2.71 -28.36
C SER E 183 -37.21 -3.05 -27.10
N LEU E 184 -37.55 -2.39 -25.99
CA LEU E 184 -36.99 -2.67 -24.69
C LEU E 184 -38.11 -2.99 -23.71
N THR E 185 -37.91 -4.03 -22.91
CA THR E 185 -38.90 -4.48 -21.91
C THR E 185 -38.14 -4.81 -20.63
N CYS E 186 -38.00 -3.84 -19.75
CA CYS E 186 -37.26 -4.01 -18.51
C CYS E 186 -38.24 -4.18 -17.36
N LYS E 187 -38.09 -5.27 -16.60
CA LYS E 187 -38.91 -5.53 -15.43
C LYS E 187 -38.23 -4.90 -14.22
N VAL E 188 -38.92 -3.98 -13.57
CA VAL E 188 -38.32 -3.24 -12.46
C VAL E 188 -38.06 -4.15 -11.27
N ALA E 189 -38.89 -5.18 -11.08
CA ALA E 189 -38.73 -6.08 -9.93
C ALA E 189 -37.37 -6.77 -9.93
N SER E 190 -36.70 -6.84 -11.07
CA SER E 190 -35.40 -7.49 -11.19
C SER E 190 -34.23 -6.56 -10.89
N GLY E 191 -34.50 -5.32 -10.49
CA GLY E 191 -33.44 -4.40 -10.15
C GLY E 191 -32.97 -4.55 -8.73
N ILE E 192 -32.76 -3.43 -8.03
CA ILE E 192 -32.34 -3.45 -6.64
C ILE E 192 -33.55 -3.64 -5.74
N ASP E 193 -33.32 -3.98 -4.48
CA ASP E 193 -34.38 -4.13 -3.49
C ASP E 193 -34.52 -2.81 -2.75
N VAL E 194 -35.60 -2.08 -3.03
CA VAL E 194 -35.77 -0.75 -2.44
C VAL E 194 -35.99 -0.84 -0.94
N ALA E 195 -36.57 -1.94 -0.46
CA ALA E 195 -36.83 -2.07 0.97
C ALA E 195 -35.54 -2.10 1.77
N GLN E 196 -34.51 -2.75 1.26
CA GLN E 196 -33.27 -2.93 1.99
C GLN E 196 -32.22 -1.88 1.64
N THR E 197 -32.59 -0.80 0.98
CA THR E 197 -31.65 0.22 0.53
C THR E 197 -31.95 1.54 1.24
N VAL E 198 -30.90 2.18 1.75
CA VAL E 198 -30.98 3.50 2.36
C VAL E 198 -29.88 4.36 1.74
N VAL E 199 -30.23 5.57 1.32
CA VAL E 199 -29.28 6.51 0.74
C VAL E 199 -29.00 7.56 1.81
N MET E 200 -27.96 7.33 2.61
CA MET E 200 -27.61 8.21 3.70
C MET E 200 -26.77 9.37 3.20
N SER E 201 -26.98 10.55 3.79
CA SER E 201 -26.25 11.75 3.42
C SER E 201 -25.95 12.58 4.66
N LEU E 202 -24.74 13.11 4.74
CA LEU E 202 -24.40 14.07 5.78
C LEU E 202 -24.80 15.47 5.36
N GLY E 203 -25.36 16.24 6.30
CA GLY E 203 -25.79 17.59 5.98
C GLY E 203 -24.66 18.59 5.91
N SER E 204 -23.44 18.17 6.21
CA SER E 204 -22.30 19.07 6.20
C SER E 204 -21.92 19.45 4.78
N SER E 205 -22.26 20.66 4.37
CA SER E 205 -21.88 21.14 3.05
C SER E 205 -20.36 21.10 2.91
N LYS E 206 -19.87 21.17 1.68
CA LYS E 206 -18.44 21.07 1.39
C LYS E 206 -17.80 19.99 2.25
N ASP E 207 -16.67 20.30 2.90
CA ASP E 207 -15.99 19.35 3.78
C ASP E 207 -15.30 18.26 2.96
N HIS E 208 -15.35 18.37 1.63
CA HIS E 208 -14.68 17.43 0.73
C HIS E 208 -15.08 15.99 1.08
N LEU E 209 -16.36 15.71 0.97
CA LEU E 209 -16.95 14.42 1.29
C LEU E 209 -17.89 14.01 0.17
N PRO E 210 -18.16 12.70 0.03
CA PRO E 210 -19.14 12.27 -0.97
C PRO E 210 -20.52 12.82 -0.67
N SER E 211 -21.33 12.95 -1.72
CA SER E 211 -22.68 13.47 -1.56
C SER E 211 -23.52 12.55 -0.67
N ALA E 212 -23.46 11.24 -0.90
CA ALA E 212 -24.27 10.30 -0.14
C ALA E 212 -23.66 8.91 -0.27
N TRP E 213 -24.18 7.99 0.53
CA TRP E 213 -23.75 6.60 0.53
C TRP E 213 -24.94 5.69 0.31
N GLN E 214 -24.67 4.50 -0.22
CA GLN E 214 -25.69 3.47 -0.44
C GLN E 214 -25.51 2.39 0.61
N LEU E 215 -26.41 2.36 1.58
CA LEU E 215 -26.27 1.52 2.78
C LEU E 215 -27.28 0.38 2.75
N HIS E 216 -27.26 -0.40 3.83
CA HIS E 216 -28.23 -1.47 4.08
C HIS E 216 -29.08 -1.06 5.28
N ARG E 217 -30.37 -1.37 5.22
CA ARG E 217 -31.30 -0.85 6.22
C ARG E 217 -30.95 -1.34 7.62
N ASP E 218 -30.55 -2.61 7.75
CA ASP E 218 -30.27 -3.16 9.07
C ASP E 218 -29.13 -2.42 9.74
N TRP E 219 -28.01 -2.25 9.03
CA TRP E 219 -26.86 -1.56 9.61
C TRP E 219 -27.21 -0.14 10.01
N PHE E 220 -27.89 0.59 9.13
CA PHE E 220 -28.24 1.98 9.43
C PHE E 220 -29.18 2.08 10.62
N GLU E 221 -30.14 1.17 10.72
CA GLU E 221 -31.14 1.22 11.79
C GLU E 221 -30.64 0.63 13.10
N ASP E 222 -29.50 -0.05 13.12
CA ASP E 222 -28.97 -0.64 14.35
C ASP E 222 -27.85 0.21 14.96
N LEU E 223 -27.83 1.51 14.68
CA LEU E 223 -26.73 2.35 15.13
C LEU E 223 -26.93 2.82 16.56
N ALA E 224 -25.83 2.99 17.28
CA ALA E 224 -25.83 3.47 18.65
C ALA E 224 -25.53 4.97 18.71
N LEU E 225 -26.45 5.75 18.17
CA LEU E 225 -26.37 7.20 18.19
C LEU E 225 -27.76 7.75 18.50
N PRO E 226 -27.85 8.98 19.00
CA PRO E 226 -29.18 9.59 19.18
C PRO E 226 -29.89 9.73 17.85
N TRP E 227 -31.23 9.63 17.90
CA TRP E 227 -32.04 9.66 16.69
C TRP E 227 -33.35 10.38 16.97
N LYS E 228 -33.98 10.85 15.89
CA LYS E 228 -35.32 11.43 15.95
C LYS E 228 -35.85 11.47 14.52
N HIS E 229 -37.00 12.10 14.35
CA HIS E 229 -37.61 12.30 13.05
C HIS E 229 -37.40 13.73 12.59
N LYS E 230 -37.55 13.96 11.28
CA LYS E 230 -37.33 15.29 10.74
C LYS E 230 -38.29 16.30 11.35
N ASP E 231 -39.56 15.93 11.46
CA ASP E 231 -40.57 16.87 11.95
C ASP E 231 -40.46 17.10 13.45
N ASN E 232 -39.91 16.13 14.18
CA ASN E 232 -39.85 16.20 15.63
C ASN E 232 -38.67 17.06 16.09
N GLN E 233 -38.74 17.49 17.35
CA GLN E 233 -37.69 18.30 17.96
C GLN E 233 -36.96 17.59 19.09
N ASP E 234 -37.51 16.52 19.65
CA ASP E 234 -36.94 15.84 20.81
C ASP E 234 -36.09 14.65 20.37
N TRP E 235 -34.85 14.61 20.84
CA TRP E 235 -33.94 13.51 20.54
C TRP E 235 -34.20 12.33 21.49
N ASN E 236 -33.85 11.14 21.00
CA ASN E 236 -33.91 9.92 21.78
C ASN E 236 -32.52 9.33 21.92
N SER E 237 -32.26 8.71 23.09
CA SER E 237 -30.96 8.13 23.40
C SER E 237 -29.87 9.21 23.44
N VAL E 238 -30.18 10.31 24.11
CA VAL E 238 -29.27 11.45 24.16
C VAL E 238 -27.99 11.14 24.91
N GLU E 239 -27.96 10.05 25.68
CA GLU E 239 -26.81 9.72 26.51
C GLU E 239 -25.76 8.91 25.79
N LYS E 240 -25.92 8.64 24.48
CA LYS E 240 -24.93 7.86 23.76
C LYS E 240 -23.66 8.66 23.49
N LEU E 241 -23.78 9.98 23.35
CA LEU E 241 -22.65 10.83 23.02
C LEU E 241 -22.06 11.53 24.24
N VAL E 242 -22.44 11.13 25.45
CA VAL E 242 -22.05 11.84 26.67
C VAL E 242 -21.55 10.85 27.70
N GLU E 243 -20.58 11.30 28.50
CA GLU E 243 -20.01 10.50 29.57
C GLU E 243 -19.94 11.33 30.85
N PHE E 244 -20.15 10.67 31.99
CA PHE E 244 -20.10 11.30 33.30
C PHE E 244 -18.89 10.79 34.06
N GLY E 245 -18.10 11.70 34.62
CA GLY E 245 -16.95 11.34 35.40
C GLY E 245 -17.31 10.98 36.82
N PRO E 246 -16.36 10.41 37.54
CA PRO E 246 -16.60 10.03 38.94
C PRO E 246 -16.99 11.24 39.77
N PRO E 247 -17.91 11.08 40.73
CA PRO E 247 -18.28 12.22 41.57
C PRO E 247 -17.13 12.69 42.44
N HIS E 248 -17.12 13.99 42.73
CA HIS E 248 -16.17 14.61 43.64
C HIS E 248 -16.98 15.39 44.67
N ALA E 249 -17.38 14.72 45.73
CA ALA E 249 -18.16 15.33 46.80
C ALA E 249 -19.51 15.82 46.29
N VAL E 250 -19.62 17.12 45.98
CA VAL E 250 -20.90 17.72 45.64
C VAL E 250 -20.88 18.23 44.20
N LYS E 251 -20.11 17.58 43.34
CA LYS E 251 -20.07 17.96 41.94
C LYS E 251 -19.55 16.79 41.11
N MET E 252 -20.12 16.62 39.92
CA MET E 252 -19.75 15.56 39.00
C MET E 252 -19.65 16.16 37.60
N ASP E 253 -18.65 15.72 36.84
CA ASP E 253 -18.33 16.34 35.56
C ASP E 253 -19.03 15.60 34.42
N ILE E 254 -19.56 16.37 33.47
CA ILE E 254 -20.21 15.84 32.28
C ILE E 254 -19.30 16.12 31.10
N PHE E 255 -19.03 15.10 30.29
CA PHE E 255 -18.07 15.17 29.21
C PHE E 255 -18.75 14.94 27.87
N ASN E 256 -18.21 15.58 26.84
CA ASN E 256 -18.71 15.44 25.47
C ASN E 256 -17.72 14.56 24.71
N LEU E 257 -18.23 13.47 24.14
CA LEU E 257 -17.37 12.50 23.46
C LEU E 257 -16.86 13.00 22.11
N GLY E 258 -17.38 14.11 21.60
CA GLY E 258 -16.85 14.70 20.41
C GLY E 258 -17.62 14.31 19.16
N ASP E 259 -17.05 14.67 18.02
CA ASP E 259 -17.67 14.39 16.73
C ASP E 259 -17.39 12.96 16.31
N GLN E 260 -18.44 12.17 16.10
CA GLN E 260 -18.32 10.78 15.71
C GLN E 260 -18.40 10.57 14.20
N THR E 261 -18.29 11.64 13.42
CA THR E 261 -18.32 11.48 11.96
C THR E 261 -17.13 10.67 11.47
N ALA E 262 -15.95 10.89 12.05
CA ALA E 262 -14.77 10.15 11.62
C ALA E 262 -14.93 8.65 11.84
N VAL E 263 -15.50 8.26 12.99
CA VAL E 263 -15.72 6.84 13.26
C VAL E 263 -16.70 6.27 12.24
N LEU E 264 -17.77 7.02 11.92
CA LEU E 264 -18.74 6.56 10.95
C LEU E 264 -18.08 6.33 9.60
N LEU E 265 -17.26 7.29 9.15
CA LEU E 265 -16.54 7.13 7.89
C LEU E 265 -15.59 5.94 7.94
N LYS E 266 -14.95 5.72 9.08
CA LYS E 266 -14.07 4.55 9.22
C LYS E 266 -14.85 3.25 9.08
N SER E 267 -16.08 3.22 9.58
CA SER E 267 -16.89 2.00 9.55
C SER E 267 -17.62 1.78 8.23
N LEU E 268 -17.49 2.69 7.26
CA LEU E 268 -18.20 2.59 5.99
C LEU E 268 -17.29 2.11 4.86
N ALA E 269 -16.17 1.47 5.19
CA ALA E 269 -15.24 1.02 4.17
C ALA E 269 -15.91 -0.01 3.26
N GLY E 270 -15.72 0.15 1.96
CA GLY E 270 -16.25 -0.76 0.97
C GLY E 270 -17.69 -0.51 0.56
N VAL E 271 -18.35 0.50 1.13
CA VAL E 271 -19.74 0.76 0.81
C VAL E 271 -19.82 1.53 -0.50
N PRO E 272 -20.80 1.27 -1.37
CA PRO E 272 -20.92 2.04 -2.60
C PRO E 272 -21.30 3.48 -2.32
N LEU E 273 -20.94 4.36 -3.24
CA LEU E 273 -21.29 5.77 -3.13
C LEU E 273 -22.61 6.04 -3.85
N ALA E 274 -23.09 7.28 -3.71
CA ALA E 274 -24.33 7.70 -4.34
C ALA E 274 -24.23 9.19 -4.63
N SER E 275 -25.37 9.82 -4.90
CA SER E 275 -25.41 11.25 -5.21
C SER E 275 -26.75 11.81 -4.79
N VAL E 276 -26.81 13.14 -4.69
CA VAL E 276 -28.05 13.82 -4.33
C VAL E 276 -28.49 14.87 -5.35
N ASP E 277 -27.59 15.40 -6.19
CA ASP E 277 -27.97 16.44 -7.13
C ASP E 277 -28.69 17.55 -6.38
N ASN E 278 -29.68 18.19 -7.01
CA ASN E 278 -30.46 19.21 -6.31
C ASN E 278 -31.52 18.57 -5.44
N GLN E 279 -32.41 17.77 -6.04
CA GLN E 279 -33.44 17.05 -5.31
C GLN E 279 -33.57 15.59 -5.74
N LYS E 280 -32.94 15.20 -6.84
CA LYS E 280 -32.97 13.81 -7.31
C LYS E 280 -31.85 13.02 -6.65
N TYR E 281 -32.21 11.93 -5.97
CA TYR E 281 -31.25 11.08 -5.27
C TYR E 281 -30.88 9.92 -6.18
N HIS E 282 -29.65 9.94 -6.69
CA HIS E 282 -29.18 8.98 -7.68
C HIS E 282 -28.45 7.81 -7.02
N LEU E 283 -28.20 6.79 -7.82
CA LEU E 283 -27.35 5.67 -7.46
C LEU E 283 -26.26 5.51 -8.51
N LYS E 284 -25.08 5.09 -8.07
CA LYS E 284 -23.96 4.85 -8.96
C LYS E 284 -23.68 3.35 -9.17
N SER E 285 -24.29 2.49 -8.37
CA SER E 285 -24.14 1.05 -8.49
C SER E 285 -25.51 0.40 -8.59
N GLY E 286 -25.67 -0.54 -9.51
CA GLY E 286 -26.94 -1.22 -9.68
C GLY E 286 -27.01 -1.90 -11.03
N HIS E 287 -28.14 -2.55 -11.27
CA HIS E 287 -28.34 -3.28 -12.50
C HIS E 287 -29.83 -3.46 -12.75
N VAL E 288 -30.18 -3.82 -13.98
CA VAL E 288 -31.56 -4.10 -14.36
C VAL E 288 -31.55 -5.06 -15.54
N THR E 289 -32.53 -5.95 -15.57
CA THR E 289 -32.63 -6.98 -16.60
C THR E 289 -33.63 -6.55 -17.66
N CYS E 290 -33.20 -6.52 -18.91
CA CYS E 290 -34.03 -6.04 -20.02
C CYS E 290 -34.02 -7.04 -21.16
N ASP E 291 -35.08 -6.98 -21.97
CA ASP E 291 -35.20 -7.76 -23.19
C ASP E 291 -35.19 -6.83 -24.38
N VAL E 292 -34.33 -7.12 -25.36
CA VAL E 292 -34.13 -6.27 -26.53
C VAL E 292 -34.72 -6.98 -27.75
N GLY E 293 -35.55 -6.27 -28.51
CA GLY E 293 -36.17 -6.81 -29.69
C GLY E 293 -35.48 -6.30 -30.94
N LEU E 294 -34.97 -7.22 -31.75
CA LEU E 294 -34.17 -6.90 -32.93
C LEU E 294 -34.89 -7.22 -34.23
N GLU E 295 -36.22 -7.10 -34.27
CA GLU E 295 -36.95 -7.53 -35.46
C GLU E 295 -37.21 -6.37 -36.41
N LYS E 296 -37.44 -5.17 -35.89
CA LYS E 296 -37.80 -4.02 -36.72
C LYS E 296 -36.60 -3.17 -37.13
N LEU E 297 -35.39 -3.57 -36.76
CA LEU E 297 -34.21 -2.79 -37.13
C LEU E 297 -33.91 -2.95 -38.61
N LYS E 298 -33.42 -1.87 -39.22
CA LYS E 298 -33.06 -1.84 -40.63
C LYS E 298 -31.57 -1.56 -40.78
N LEU E 299 -31.05 -1.87 -41.97
CA LEU E 299 -29.65 -1.65 -42.31
C LEU E 299 -29.58 -0.56 -43.38
N LYS E 300 -28.74 0.45 -43.13
CA LYS E 300 -28.67 1.64 -43.96
C LYS E 300 -27.54 1.51 -44.96
N GLY E 301 -27.85 1.72 -46.25
CA GLY E 301 -26.82 1.73 -47.27
C GLY E 301 -26.46 0.36 -47.81
N THR E 302 -27.47 -0.49 -48.00
CA THR E 302 -27.23 -1.80 -48.59
C THR E 302 -27.15 -1.74 -50.11
N THR E 303 -27.98 -0.90 -50.73
CA THR E 303 -27.96 -0.75 -52.18
C THR E 303 -26.98 0.32 -52.66
N TYR E 304 -26.28 1.00 -51.75
CA TYR E 304 -25.29 1.99 -52.18
C TYR E 304 -24.20 1.32 -52.99
N SER E 305 -23.70 2.04 -53.99
CA SER E 305 -22.58 1.56 -54.79
C SER E 305 -21.32 1.59 -53.93
N MET E 306 -20.19 1.21 -54.51
CA MET E 306 -18.94 1.09 -53.78
C MET E 306 -18.11 2.34 -53.98
N CYS E 307 -17.46 2.79 -52.91
CA CYS E 307 -16.59 3.96 -53.00
C CYS E 307 -15.35 3.64 -53.81
N ASP E 308 -14.75 4.68 -54.38
CA ASP E 308 -13.55 4.50 -55.19
C ASP E 308 -12.40 4.01 -54.32
N LYS E 309 -11.58 3.11 -54.88
CA LYS E 309 -10.52 2.49 -54.10
C LYS E 309 -9.42 3.48 -53.75
N THR E 310 -9.08 4.38 -54.67
CA THR E 310 -7.88 5.19 -54.57
C THR E 310 -8.15 6.59 -54.03
N LYS E 311 -9.15 6.74 -53.16
CA LYS E 311 -9.49 8.04 -52.60
C LYS E 311 -9.60 8.01 -51.08
N PHE E 312 -8.92 7.09 -50.41
CA PHE E 312 -9.02 6.90 -48.97
C PHE E 312 -7.72 7.32 -48.28
N LYS E 313 -7.84 8.13 -47.24
CA LYS E 313 -6.71 8.61 -46.46
C LYS E 313 -6.98 8.35 -44.99
N TRP E 314 -5.90 8.15 -44.23
CA TRP E 314 -5.99 7.85 -42.80
C TRP E 314 -6.21 9.15 -42.04
N LYS E 315 -7.42 9.37 -41.53
CA LYS E 315 -7.62 10.43 -40.55
C LYS E 315 -7.08 10.01 -39.19
N ARG E 316 -7.34 8.77 -38.79
CA ARG E 316 -6.77 8.20 -37.58
C ARG E 316 -6.38 6.76 -37.90
N VAL E 317 -5.07 6.49 -37.91
CA VAL E 317 -4.56 5.17 -38.27
C VAL E 317 -5.02 4.17 -37.22
N PRO E 318 -5.11 2.89 -37.56
CA PRO E 318 -5.61 1.92 -36.57
C PRO E 318 -4.77 1.92 -35.30
N VAL E 319 -5.47 1.83 -34.18
CA VAL E 319 -4.84 1.71 -32.86
C VAL E 319 -5.58 0.61 -32.10
N ASP E 320 -4.89 0.05 -31.11
CA ASP E 320 -5.46 -1.04 -30.32
C ASP E 320 -6.33 -0.44 -29.21
N SER E 321 -7.60 -0.84 -29.18
CA SER E 321 -8.51 -0.40 -28.14
C SER E 321 -8.31 -1.24 -26.89
N GLY E 322 -9.12 -0.97 -25.87
CA GLY E 322 -9.06 -1.69 -24.63
C GLY E 322 -9.85 -2.99 -24.61
N HIS E 323 -10.46 -3.38 -25.73
CA HIS E 323 -11.31 -4.55 -25.79
C HIS E 323 -10.86 -5.54 -26.87
N ASP E 324 -9.57 -5.56 -27.18
CA ASP E 324 -9.01 -6.47 -28.18
C ASP E 324 -9.67 -6.27 -29.54
N THR E 325 -9.99 -5.02 -29.87
CA THR E 325 -10.53 -4.66 -31.17
C THR E 325 -9.65 -3.57 -31.77
N VAL E 326 -9.94 -3.21 -33.02
CA VAL E 326 -9.18 -2.22 -33.76
C VAL E 326 -10.11 -1.11 -34.19
N VAL E 327 -9.70 0.13 -33.96
CA VAL E 327 -10.50 1.32 -34.27
C VAL E 327 -9.70 2.23 -35.19
N MET E 328 -10.33 2.69 -36.26
CA MET E 328 -9.69 3.57 -37.22
C MET E 328 -10.74 4.49 -37.82
N GLU E 329 -10.27 5.58 -38.43
CA GLU E 329 -11.14 6.49 -39.14
C GLU E 329 -10.46 6.89 -40.45
N VAL E 330 -11.27 7.14 -41.48
CA VAL E 330 -10.76 7.47 -42.80
C VAL E 330 -11.47 8.72 -43.32
N SER E 331 -10.86 9.32 -44.35
CA SER E 331 -11.45 10.42 -45.09
C SER E 331 -11.54 10.03 -46.56
N TYR E 332 -12.52 10.60 -47.26
CA TYR E 332 -12.78 10.25 -48.64
C TYR E 332 -13.04 11.51 -49.45
N THR E 333 -12.30 11.67 -50.54
CA THR E 333 -12.34 12.86 -51.38
C THR E 333 -12.56 12.47 -52.84
N GLY E 334 -13.54 11.58 -53.07
CA GLY E 334 -13.78 11.06 -54.40
C GLY E 334 -15.17 11.33 -54.92
N SER E 335 -15.80 12.39 -54.43
CA SER E 335 -17.15 12.75 -54.86
C SER E 335 -18.09 11.56 -54.67
N ASP E 336 -19.27 11.62 -55.26
CA ASP E 336 -20.30 10.59 -55.10
C ASP E 336 -20.33 10.09 -53.66
N LYS E 337 -20.57 11.04 -52.75
CA LYS E 337 -20.35 10.78 -51.34
C LYS E 337 -21.12 9.58 -50.80
N PRO E 338 -22.42 9.41 -51.07
CA PRO E 338 -23.12 8.25 -50.50
C PRO E 338 -22.68 6.96 -51.17
N CYS E 339 -21.84 6.19 -50.49
CA CYS E 339 -21.24 5.00 -51.06
C CYS E 339 -20.77 4.10 -49.94
N ARG E 340 -20.31 2.90 -50.30
CA ARG E 340 -19.99 1.84 -49.35
C ARG E 340 -18.49 1.66 -49.28
N ILE E 341 -17.95 1.63 -48.06
CA ILE E 341 -16.51 1.53 -47.88
C ILE E 341 -16.07 0.09 -48.15
N PRO E 342 -15.07 -0.14 -49.03
CA PRO E 342 -14.56 -1.51 -49.23
C PRO E 342 -13.45 -1.91 -48.25
N VAL E 343 -13.87 -2.24 -47.03
CA VAL E 343 -12.93 -2.56 -45.95
C VAL E 343 -12.87 -4.08 -45.79
N ARG E 344 -11.69 -4.57 -45.44
CA ARG E 344 -11.46 -6.00 -45.23
C ARG E 344 -10.10 -6.16 -44.55
N ALA E 345 -9.64 -7.40 -44.45
CA ALA E 345 -8.34 -7.69 -43.84
C ALA E 345 -7.93 -9.11 -44.18
N VAL E 346 -6.62 -9.33 -44.29
CA VAL E 346 -6.06 -10.64 -44.60
C VAL E 346 -4.78 -10.84 -43.81
N ALA E 347 -4.57 -12.06 -43.34
CA ALA E 347 -3.31 -12.40 -42.68
C ALA E 347 -2.18 -12.44 -43.70
N HIS E 348 -0.98 -12.07 -43.25
CA HIS E 348 0.18 -12.07 -44.13
C HIS E 348 0.41 -13.48 -44.68
N GLY E 349 0.65 -13.57 -45.99
CA GLY E 349 0.90 -14.84 -46.63
C GLY E 349 -0.33 -15.64 -46.97
N VAL E 350 -1.51 -15.15 -46.63
CA VAL E 350 -2.77 -15.83 -46.93
C VAL E 350 -3.74 -14.80 -47.50
N PRO E 351 -3.50 -14.30 -48.72
CA PRO E 351 -4.35 -13.21 -49.25
C PRO E 351 -5.72 -13.67 -49.74
N THR E 352 -5.98 -14.97 -49.80
CA THR E 352 -7.25 -15.49 -50.30
C THR E 352 -8.32 -15.60 -49.23
N ILE E 353 -7.98 -15.35 -47.96
CA ILE E 353 -8.88 -15.57 -46.84
C ILE E 353 -9.00 -14.28 -46.03
N ASN E 354 -10.24 -13.91 -45.68
CA ASN E 354 -10.49 -12.72 -44.86
C ASN E 354 -10.65 -13.13 -43.41
N VAL E 355 -10.08 -12.32 -42.51
CA VAL E 355 -10.09 -12.60 -41.08
C VAL E 355 -10.68 -11.43 -40.29
N ALA E 356 -11.57 -10.65 -40.89
CA ALA E 356 -12.12 -9.47 -40.25
C ALA E 356 -13.52 -9.75 -39.70
N MET E 357 -13.71 -9.41 -38.43
CA MET E 357 -15.01 -9.48 -37.76
C MET E 357 -15.48 -8.04 -37.53
N LEU E 358 -16.13 -7.45 -38.53
CA LEU E 358 -16.60 -6.08 -38.41
C LEU E 358 -17.62 -5.95 -37.29
N ILE E 359 -17.45 -4.92 -36.46
CA ILE E 359 -18.46 -4.58 -35.47
C ILE E 359 -19.47 -3.59 -36.01
N THR E 360 -19.01 -2.63 -36.80
CA THR E 360 -19.92 -1.80 -37.58
C THR E 360 -20.60 -2.68 -38.63
N PRO E 361 -21.93 -2.56 -38.80
CA PRO E 361 -22.61 -3.50 -39.70
C PRO E 361 -22.06 -3.48 -41.11
N ASN E 362 -22.10 -2.32 -41.76
CA ASN E 362 -21.51 -2.14 -43.09
C ASN E 362 -21.05 -0.69 -43.18
N PRO E 363 -19.75 -0.43 -43.03
CA PRO E 363 -19.28 0.96 -43.06
C PRO E 363 -19.69 1.64 -44.36
N THR E 364 -20.11 2.89 -44.24
CA THR E 364 -20.65 3.63 -45.36
C THR E 364 -20.32 5.10 -45.18
N ILE E 365 -19.87 5.75 -46.25
CA ILE E 365 -19.61 7.18 -46.24
C ILE E 365 -20.84 7.88 -46.77
N GLU E 366 -21.47 8.68 -45.91
CA GLU E 366 -22.65 9.45 -46.28
C GLU E 366 -22.22 10.84 -46.72
N THR E 367 -23.20 11.67 -47.10
CA THR E 367 -22.89 13.00 -47.62
C THR E 367 -22.18 13.84 -46.56
N SER E 368 -22.53 13.69 -45.29
CA SER E 368 -22.02 14.53 -44.22
C SER E 368 -21.62 13.69 -43.01
N GLY E 369 -20.89 12.61 -43.26
CA GLY E 369 -20.37 11.81 -42.17
C GLY E 369 -19.80 10.50 -42.69
N GLY E 370 -19.61 9.57 -41.77
CA GLY E 370 -19.05 8.27 -42.07
C GLY E 370 -17.54 8.26 -41.98
N GLY E 371 -16.99 7.05 -41.89
CA GLY E 371 -15.55 6.88 -41.82
C GLY E 371 -15.07 6.02 -40.67
N PHE E 372 -15.71 6.12 -39.52
CA PHE E 372 -15.28 5.35 -38.36
C PHE E 372 -15.53 3.87 -38.59
N ILE E 373 -14.55 3.04 -38.26
CA ILE E 373 -14.64 1.59 -38.41
C ILE E 373 -14.06 0.94 -37.16
N GLU E 374 -14.77 -0.06 -36.65
CA GLU E 374 -14.29 -0.88 -35.53
C GLU E 374 -14.40 -2.33 -35.95
N MET E 375 -13.36 -3.10 -35.66
CA MET E 375 -13.27 -4.48 -36.16
C MET E 375 -12.34 -5.28 -35.25
N GLN E 376 -12.51 -6.59 -35.30
CA GLN E 376 -11.75 -7.52 -34.46
C GLN E 376 -11.00 -8.50 -35.35
N LEU E 377 -9.73 -8.73 -35.02
CA LEU E 377 -8.83 -9.54 -35.81
C LEU E 377 -8.25 -10.66 -34.94
N PRO E 378 -7.83 -11.76 -35.56
CA PRO E 378 -7.21 -12.85 -34.79
C PRO E 378 -5.75 -12.55 -34.48
N PRO E 379 -5.16 -13.25 -33.51
CA PRO E 379 -3.76 -12.99 -33.18
C PRO E 379 -2.85 -13.31 -34.36
N GLY E 380 -1.78 -12.54 -34.48
CA GLY E 380 -0.80 -12.72 -35.53
C GLY E 380 -0.60 -11.45 -36.34
N ASP E 381 0.09 -11.60 -37.46
CA ASP E 381 0.36 -10.50 -38.37
C ASP E 381 -0.77 -10.39 -39.40
N ASN E 382 -1.36 -9.20 -39.50
CA ASN E 382 -2.50 -8.97 -40.38
C ASN E 382 -2.21 -7.78 -41.28
N ILE E 383 -3.05 -7.62 -42.31
CA ILE E 383 -3.00 -6.49 -43.22
C ILE E 383 -4.41 -5.96 -43.39
N ILE E 384 -4.59 -4.66 -43.18
CA ILE E 384 -5.91 -4.02 -43.19
C ILE E 384 -6.04 -3.20 -44.46
N TYR E 385 -7.06 -3.51 -45.26
CA TYR E 385 -7.31 -2.83 -46.53
C TYR E 385 -8.60 -2.02 -46.44
N VAL E 386 -8.52 -0.74 -46.80
CA VAL E 386 -9.70 0.10 -47.01
C VAL E 386 -9.58 0.65 -48.42
N GLY E 387 -10.14 -0.07 -49.39
CA GLY E 387 -9.86 0.27 -50.78
C GLY E 387 -8.44 -0.12 -51.11
N ASP E 388 -7.71 0.79 -51.75
CA ASP E 388 -6.29 0.57 -52.03
C ASP E 388 -5.40 0.87 -50.82
N LEU E 389 -5.96 1.45 -49.76
CA LEU E 389 -5.17 1.70 -48.56
C LEU E 389 -4.68 0.38 -47.97
N SER E 390 -3.47 0.40 -47.44
CA SER E 390 -2.89 -0.76 -46.76
C SER E 390 -2.30 -0.31 -45.43
N GLN E 391 -2.34 -1.20 -44.45
CA GLN E 391 -1.76 -0.90 -43.14
C GLN E 391 -1.48 -2.22 -42.43
N GLN E 392 -0.21 -2.51 -42.20
CA GLN E 392 0.15 -3.71 -41.48
C GLN E 392 -0.25 -3.61 -40.02
N TRP E 393 -0.81 -4.69 -39.49
CA TRP E 393 -1.27 -4.73 -38.11
C TRP E 393 -0.79 -6.02 -37.47
N PHE E 394 -0.35 -5.91 -36.21
CA PHE E 394 0.04 -7.07 -35.39
C PHE E 394 -0.86 -7.09 -34.16
N GLN E 395 -1.77 -8.06 -34.11
CA GLN E 395 -2.67 -8.20 -32.98
C GLN E 395 -2.08 -9.17 -31.96
N LYS E 396 -1.89 -8.69 -30.74
CA LYS E 396 -1.31 -9.50 -29.68
C LYS E 396 -2.35 -10.41 -29.05
N GLY E 397 -1.87 -11.44 -28.37
CA GLY E 397 -2.73 -12.37 -27.66
C GLY E 397 -2.78 -13.75 -28.29
N SER E 398 -3.74 -14.56 -27.87
CA SER E 398 -3.88 -15.92 -28.36
C SER E 398 -5.32 -16.37 -28.13
N THR E 399 -5.70 -17.46 -28.81
CA THR E 399 -7.05 -17.97 -28.66
C THR E 399 -7.32 -18.40 -27.22
N ILE E 400 -6.36 -19.08 -26.60
CA ILE E 400 -6.53 -19.50 -25.20
C ILE E 400 -6.64 -18.30 -24.29
N GLY E 401 -5.84 -17.26 -24.56
CA GLY E 401 -5.96 -16.04 -23.77
C GLY E 401 -7.34 -15.43 -23.87
N ARG E 402 -7.92 -15.40 -25.07
CA ARG E 402 -9.27 -14.85 -25.23
C ARG E 402 -10.31 -15.69 -24.52
N MET E 403 -10.18 -17.02 -24.59
CA MET E 403 -11.11 -17.89 -23.89
C MET E 403 -11.02 -17.69 -22.37
N PHE E 404 -9.80 -17.59 -21.86
CA PHE E 404 -9.62 -17.30 -20.44
C PHE E 404 -10.23 -15.97 -20.06
N GLU E 405 -10.06 -14.95 -20.91
CA GLU E 405 -10.64 -13.65 -20.62
C GLU E 405 -12.16 -13.72 -20.59
N LYS E 406 -12.77 -14.46 -21.52
CA LYS E 406 -14.22 -14.58 -21.54
C LYS E 406 -14.73 -15.27 -20.28
N THR E 407 -14.09 -16.37 -19.88
CA THR E 407 -14.54 -17.04 -18.66
C THR E 407 -14.28 -16.17 -17.42
N ARG E 408 -13.19 -15.40 -17.41
CA ARG E 408 -12.94 -14.48 -16.32
C ARG E 408 -14.03 -13.43 -16.22
N LYS E 409 -14.46 -12.89 -17.37
CA LYS E 409 -15.54 -11.92 -17.36
C LYS E 409 -16.84 -12.54 -16.87
N GLY E 410 -17.12 -13.78 -17.28
CA GLY E 410 -18.30 -14.47 -16.76
C GLY E 410 -18.24 -14.64 -15.25
N LEU E 411 -17.09 -15.01 -14.72
CA LEU E 411 -16.94 -15.16 -13.28
C LEU E 411 -17.13 -13.83 -12.56
N GLU E 412 -16.59 -12.75 -13.13
CA GLU E 412 -16.79 -11.43 -12.53
C GLU E 412 -18.26 -11.07 -12.52
N ARG E 413 -18.98 -11.38 -13.61
CA ARG E 413 -20.40 -11.09 -13.66
C ARG E 413 -21.15 -11.87 -12.60
N LEU E 414 -20.80 -13.14 -12.40
CA LEU E 414 -21.40 -13.91 -11.31
C LEU E 414 -21.14 -13.25 -9.97
N SER E 415 -19.89 -12.85 -9.72
CA SER E 415 -19.53 -12.29 -8.42
C SER E 415 -20.20 -10.95 -8.18
N VAL E 416 -20.47 -10.18 -9.23
CA VAL E 416 -21.00 -8.83 -9.06
C VAL E 416 -22.53 -8.82 -9.09
N VAL E 417 -23.15 -9.79 -9.76
CA VAL E 417 -24.60 -9.76 -9.98
C VAL E 417 -25.29 -10.81 -9.13
N GLY E 418 -24.98 -12.08 -9.35
CA GLY E 418 -25.62 -13.16 -8.64
C GLY E 418 -26.36 -14.12 -9.55
N GLU E 419 -27.62 -14.41 -9.24
CA GLU E 419 -28.40 -15.34 -10.06
C GLU E 419 -28.96 -14.70 -11.32
N HIS E 420 -28.91 -13.38 -11.45
CA HIS E 420 -29.35 -12.73 -12.68
C HIS E 420 -28.35 -12.87 -13.80
N ALA E 421 -27.09 -13.18 -13.49
CA ALA E 421 -26.08 -13.34 -14.53
C ALA E 421 -26.39 -14.50 -15.45
N TRP E 422 -27.18 -15.47 -14.98
CA TRP E 422 -27.59 -16.59 -15.82
C TRP E 422 -28.63 -16.19 -16.86
N ASP E 423 -29.16 -14.97 -16.79
CA ASP E 423 -30.09 -14.45 -17.77
C ASP E 423 -29.40 -13.59 -18.83
N PHE E 424 -28.08 -13.44 -18.76
CA PHE E 424 -27.34 -12.63 -19.72
C PHE E 424 -27.18 -13.41 -21.02
N GLY E 425 -27.63 -12.82 -22.13
CA GLY E 425 -27.55 -13.49 -23.40
C GLY E 425 -28.27 -14.82 -23.44
N SER E 426 -29.31 -14.98 -22.62
CA SER E 426 -30.00 -16.26 -22.52
C SER E 426 -30.89 -16.50 -23.72
N VAL E 427 -31.22 -17.77 -23.93
CA VAL E 427 -32.17 -18.17 -24.97
C VAL E 427 -33.19 -19.13 -24.36
N GLY E 428 -33.34 -19.07 -23.04
CA GLY E 428 -34.30 -19.91 -22.36
C GLY E 428 -33.89 -21.36 -22.21
N GLY E 429 -32.60 -21.66 -22.28
CA GLY E 429 -32.17 -23.05 -22.19
C GLY E 429 -32.39 -23.62 -20.80
N ILE E 430 -32.50 -24.95 -20.74
CA ILE E 430 -32.68 -25.64 -19.48
C ILE E 430 -31.43 -25.50 -18.61
N LEU E 431 -30.24 -25.50 -19.22
CA LEU E 431 -29.02 -25.33 -18.44
C LEU E 431 -29.05 -24.01 -17.68
N SER E 432 -29.48 -22.93 -18.33
CA SER E 432 -29.57 -21.65 -17.67
C SER E 432 -30.53 -21.70 -16.49
N SER E 433 -31.69 -22.34 -16.66
CA SER E 433 -32.68 -22.40 -15.59
C SER E 433 -32.15 -23.18 -14.40
N VAL E 434 -31.52 -24.33 -14.65
CA VAL E 434 -31.00 -25.13 -13.54
C VAL E 434 -29.85 -24.41 -12.84
N GLY E 435 -28.98 -23.76 -13.62
CA GLY E 435 -27.91 -22.99 -13.00
C GLY E 435 -28.46 -21.86 -12.14
N LYS E 436 -29.49 -21.16 -12.63
CA LYS E 436 -30.09 -20.08 -11.86
C LYS E 436 -30.70 -20.60 -10.56
N ALA E 437 -31.42 -21.72 -10.64
CA ALA E 437 -32.02 -22.29 -9.42
C ALA E 437 -30.96 -22.70 -8.42
N ILE E 438 -29.91 -23.39 -8.90
CA ILE E 438 -28.86 -23.84 -8.00
C ILE E 438 -28.15 -22.64 -7.37
N HIS E 439 -27.88 -21.61 -8.17
CA HIS E 439 -27.24 -20.41 -7.63
C HIS E 439 -28.13 -19.74 -6.60
N THR E 440 -29.44 -19.67 -6.85
CA THR E 440 -30.35 -19.08 -5.88
C THR E 440 -30.27 -19.83 -4.56
N VAL E 441 -30.33 -21.15 -4.60
CA VAL E 441 -30.33 -21.93 -3.36
C VAL E 441 -29.00 -21.77 -2.63
N LEU E 442 -27.89 -21.91 -3.36
CA LEU E 442 -26.58 -21.83 -2.73
C LEU E 442 -26.33 -20.45 -2.14
N GLY E 443 -26.67 -19.38 -2.88
CA GLY E 443 -26.50 -18.05 -2.35
C GLY E 443 -27.40 -17.76 -1.17
N GLY E 444 -28.63 -18.29 -1.20
CA GLY E 444 -29.50 -18.13 -0.05
C GLY E 444 -28.90 -18.75 1.20
N ALA E 445 -28.40 -19.97 1.09
CA ALA E 445 -27.78 -20.62 2.24
C ALA E 445 -26.53 -19.85 2.69
N PHE E 446 -25.69 -19.44 1.74
CA PHE E 446 -24.45 -18.76 2.09
C PHE E 446 -24.72 -17.43 2.77
N ASN E 447 -25.72 -16.69 2.30
CA ASN E 447 -26.06 -15.41 2.93
C ASN E 447 -26.77 -15.60 4.26
N THR E 448 -27.54 -16.68 4.40
CA THR E 448 -28.15 -16.96 5.70
C THR E 448 -27.09 -17.26 6.75
N LEU E 449 -26.05 -18.00 6.37
CA LEU E 449 -25.00 -18.32 7.34
C LEU E 449 -24.06 -17.13 7.55
N PHE E 450 -23.38 -16.71 6.48
CA PHE E 450 -22.29 -15.74 6.55
C PHE E 450 -22.70 -14.35 6.08
N GLY E 451 -23.93 -13.94 6.37
CA GLY E 451 -24.43 -12.68 5.81
C GLY E 451 -23.63 -11.47 6.26
N GLY E 452 -23.37 -11.38 7.56
CA GLY E 452 -22.74 -10.20 8.13
C GLY E 452 -21.29 -10.41 8.52
N VAL E 453 -20.72 -11.51 8.06
CA VAL E 453 -19.35 -11.90 8.43
C VAL E 453 -18.39 -11.31 7.41
N GLY E 454 -17.21 -10.93 7.87
CA GLY E 454 -16.22 -10.31 7.02
C GLY E 454 -15.45 -11.31 6.19
N PHE E 455 -14.53 -10.76 5.38
CA PHE E 455 -13.75 -11.59 4.48
C PHE E 455 -12.83 -12.54 5.25
N ILE E 456 -12.05 -12.00 6.20
CA ILE E 456 -11.08 -12.82 6.92
C ILE E 456 -11.76 -13.92 7.72
N PRO E 457 -12.76 -13.65 8.55
CA PRO E 457 -13.44 -14.75 9.26
C PRO E 457 -14.05 -15.78 8.32
N LYS E 458 -14.58 -15.36 7.17
CA LYS E 458 -15.10 -16.34 6.21
C LYS E 458 -13.99 -17.25 5.70
N MET E 459 -12.83 -16.67 5.39
CA MET E 459 -11.72 -17.49 4.92
C MET E 459 -11.26 -18.47 6.00
N LEU E 460 -11.17 -18.00 7.25
CA LEU E 460 -10.79 -18.90 8.33
C LEU E 460 -11.82 -20.01 8.53
N LEU E 461 -13.11 -19.68 8.41
CA LEU E 461 -14.14 -20.71 8.53
C LEU E 461 -14.01 -21.74 7.41
N GLY E 462 -13.74 -21.30 6.19
CA GLY E 462 -13.53 -22.25 5.10
C GLY E 462 -12.33 -23.15 5.33
N VAL E 463 -11.23 -22.57 5.81
CA VAL E 463 -10.04 -23.36 6.11
C VAL E 463 -10.34 -24.37 7.20
N ALA E 464 -11.06 -23.95 8.24
CA ALA E 464 -11.42 -24.87 9.31
C ALA E 464 -12.32 -25.99 8.79
N LEU E 465 -13.24 -25.66 7.88
CA LEU E 465 -14.11 -26.69 7.31
C LEU E 465 -13.30 -27.72 6.52
N VAL E 466 -12.35 -27.25 5.71
CA VAL E 466 -11.55 -28.21 4.93
C VAL E 466 -10.67 -29.05 5.86
N TRP E 467 -10.16 -28.44 6.93
CA TRP E 467 -9.37 -29.22 7.90
C TRP E 467 -10.24 -30.30 8.56
N LEU E 468 -11.48 -29.95 8.92
CA LEU E 468 -12.38 -30.94 9.49
C LEU E 468 -12.67 -32.05 8.50
N GLY E 469 -12.86 -31.70 7.21
CA GLY E 469 -13.07 -32.72 6.21
C GLY E 469 -11.89 -33.67 6.08
N LEU E 470 -10.69 -33.12 6.01
CA LEU E 470 -9.50 -33.97 5.88
C LEU E 470 -9.29 -34.85 7.10
N ASN E 471 -9.44 -34.31 8.31
CA ASN E 471 -9.15 -35.06 9.52
C ASN E 471 -10.26 -36.02 9.91
N ALA E 472 -11.50 -35.75 9.51
CA ALA E 472 -12.62 -36.59 9.91
C ALA E 472 -12.44 -38.01 9.40
N ARG E 473 -12.68 -38.98 10.28
CA ARG E 473 -12.54 -40.38 9.91
C ARG E 473 -13.61 -40.79 8.89
N ASN E 474 -14.86 -40.38 9.12
CA ASN E 474 -15.97 -40.86 8.31
C ASN E 474 -15.89 -40.32 6.89
N PRO E 475 -15.90 -41.17 5.86
CA PRO E 475 -15.89 -40.64 4.49
C PRO E 475 -17.10 -39.79 4.15
N THR E 476 -18.26 -40.07 4.76
CA THR E 476 -19.46 -39.28 4.48
C THR E 476 -19.28 -37.83 4.89
N MET E 477 -18.78 -37.59 6.11
CA MET E 477 -18.63 -36.22 6.58
C MET E 477 -17.44 -35.53 5.92
N SER E 478 -16.41 -36.31 5.55
CA SER E 478 -15.22 -35.72 4.95
C SER E 478 -15.56 -35.03 3.64
N MET E 479 -16.24 -35.73 2.73
CA MET E 479 -16.60 -35.12 1.46
C MET E 479 -17.51 -33.91 1.67
N THR E 480 -18.50 -34.04 2.55
CA THR E 480 -19.44 -32.96 2.77
C THR E 480 -18.71 -31.70 3.24
N PHE E 481 -17.89 -31.83 4.29
CA PHE E 481 -17.24 -30.66 4.86
C PHE E 481 -16.18 -30.10 3.91
N LEU E 482 -15.45 -30.96 3.21
CA LEU E 482 -14.44 -30.44 2.28
C LEU E 482 -15.10 -29.69 1.12
N ALA E 483 -16.19 -30.23 0.57
CA ALA E 483 -16.89 -29.53 -0.50
C ALA E 483 -17.49 -28.22 -0.01
N VAL E 484 -18.06 -28.23 1.20
CA VAL E 484 -18.63 -27.00 1.73
C VAL E 484 -17.55 -25.95 1.97
N GLY E 485 -16.39 -26.38 2.45
CA GLY E 485 -15.28 -25.45 2.62
C GLY E 485 -14.80 -24.87 1.31
N ALA E 486 -14.71 -25.71 0.27
CA ALA E 486 -14.30 -25.22 -1.04
C ALA E 486 -15.32 -24.21 -1.57
N LEU E 487 -16.61 -24.50 -1.41
CA LEU E 487 -17.63 -23.54 -1.81
C LEU E 487 -17.49 -22.24 -1.06
N THR E 488 -17.26 -22.31 0.26
CA THR E 488 -17.13 -21.10 1.06
C THR E 488 -15.93 -20.28 0.60
N LEU E 489 -14.80 -20.94 0.36
CA LEU E 489 -13.61 -20.21 -0.07
C LEU E 489 -13.81 -19.57 -1.44
N MET E 490 -14.41 -20.30 -2.39
CA MET E 490 -14.60 -19.74 -3.73
C MET E 490 -15.58 -18.56 -3.69
N MET E 491 -16.66 -18.68 -2.94
CA MET E 491 -17.65 -17.60 -2.90
C MET E 491 -17.16 -16.40 -2.08
N THR E 492 -16.30 -16.63 -1.08
CA THR E 492 -15.77 -15.51 -0.31
C THR E 492 -14.79 -14.68 -1.14
N MET E 493 -14.03 -15.32 -2.02
CA MET E 493 -13.11 -14.62 -2.92
C MET E 493 -13.88 -14.27 -4.19
N GLY E 494 -14.70 -13.23 -4.10
CA GLY E 494 -15.51 -12.81 -5.23
C GLY E 494 -16.72 -12.01 -4.79
N SER F 1 -16.98 5.87 23.98
CA SER F 1 -17.91 4.75 24.28
C SER F 1 -18.97 4.59 23.19
N VAL F 2 -18.66 5.07 21.99
CA VAL F 2 -19.52 4.88 20.82
C VAL F 2 -18.84 3.89 19.89
N VAL F 3 -19.46 2.74 19.71
CA VAL F 3 -18.92 1.67 18.86
C VAL F 3 -19.86 1.49 17.68
N ILE F 4 -19.31 1.63 16.47
CA ILE F 4 -20.10 1.51 15.25
C ILE F 4 -19.55 0.34 14.44
N PRO F 5 -20.26 -0.79 14.36
CA PRO F 5 -19.72 -1.93 13.63
C PRO F 5 -19.59 -1.64 12.14
N THR F 6 -18.61 -2.28 11.51
CA THR F 6 -18.35 -2.06 10.10
C THR F 6 -19.51 -2.59 9.25
N HIS F 7 -19.73 -1.96 8.11
CA HIS F 7 -20.75 -2.39 7.16
C HIS F 7 -20.28 -3.62 6.40
N ALA F 8 -20.58 -4.81 6.94
CA ALA F 8 -20.15 -6.06 6.30
C ALA F 8 -21.10 -6.55 5.23
N GLN F 9 -22.33 -6.03 5.17
CA GLN F 9 -23.26 -6.45 4.12
C GLN F 9 -22.79 -5.90 2.78
N LYS F 10 -22.74 -6.77 1.78
CA LYS F 10 -22.21 -6.42 0.47
C LYS F 10 -23.18 -6.81 -0.65
N ASP F 11 -24.48 -6.79 -0.36
CA ASP F 11 -25.47 -7.09 -1.40
C ASP F 11 -25.64 -5.92 -2.35
N MET F 12 -25.31 -4.71 -1.92
CA MET F 12 -25.58 -3.50 -2.69
C MET F 12 -24.40 -3.08 -3.55
N VAL F 13 -23.29 -3.81 -3.50
CA VAL F 13 -22.08 -3.41 -4.23
C VAL F 13 -22.21 -3.78 -5.70
N GLY F 14 -21.62 -2.95 -6.55
CA GLY F 14 -21.65 -3.16 -7.99
C GLY F 14 -20.35 -2.76 -8.65
N ARG F 15 -20.45 -2.03 -9.76
CA ARG F 15 -19.28 -1.60 -10.52
C ARG F 15 -18.99 -0.11 -10.36
N GLY F 16 -19.67 0.58 -9.46
CA GLY F 16 -19.40 1.98 -9.21
C GLY F 16 -18.29 2.17 -8.19
N HIS F 17 -17.97 3.43 -7.94
CA HIS F 17 -16.95 3.76 -6.95
C HIS F 17 -17.40 3.33 -5.56
N ALA F 18 -16.44 2.84 -4.78
CA ALA F 18 -16.69 2.40 -3.41
C ALA F 18 -15.91 3.30 -2.45
N TRP F 19 -16.35 3.31 -1.20
CA TRP F 19 -15.76 4.18 -0.18
C TRP F 19 -14.60 3.44 0.49
N LEU F 20 -13.37 3.83 0.15
CA LEU F 20 -12.17 3.30 0.78
C LEU F 20 -12.16 1.78 0.77
N LYS F 21 -12.10 1.24 -0.45
CA LYS F 21 -12.09 -0.21 -0.64
C LYS F 21 -10.81 -0.81 -0.06
N GLY F 22 -10.98 -1.83 0.79
CA GLY F 22 -9.83 -2.50 1.36
C GLY F 22 -9.10 -1.73 2.43
N ASP F 23 -9.74 -0.72 3.03
CA ASP F 23 -9.06 0.06 4.05
C ASP F 23 -8.98 -0.68 5.38
N ASN F 24 -10.00 -1.48 5.70
CA ASN F 24 -10.01 -2.19 6.97
C ASN F 24 -8.91 -3.25 7.02
N ILE F 25 -8.66 -3.93 5.90
CA ILE F 25 -7.59 -4.92 5.86
C ILE F 25 -6.25 -4.26 6.12
N ARG F 26 -6.01 -3.11 5.49
CA ARG F 26 -4.77 -2.38 5.71
C ARG F 26 -4.66 -1.91 7.15
N ASP F 27 -5.77 -1.45 7.73
CA ASP F 27 -5.75 -1.06 9.13
C ASP F 27 -5.38 -2.22 10.03
N HIS F 28 -5.95 -3.40 9.79
CA HIS F 28 -5.62 -4.57 10.59
C HIS F 28 -4.15 -4.93 10.45
N VAL F 29 -3.64 -4.91 9.21
CA VAL F 29 -2.24 -5.27 8.99
C VAL F 29 -1.31 -4.28 9.69
N THR F 30 -1.62 -2.99 9.58
CA THR F 30 -0.79 -1.98 10.23
C THR F 30 -0.83 -2.14 11.75
N ARG F 31 -2.01 -2.43 12.30
CA ARG F 31 -2.11 -2.62 13.74
C ARG F 31 -1.27 -3.80 14.20
N VAL F 32 -1.34 -4.93 13.49
CA VAL F 32 -0.56 -6.09 13.87
C VAL F 32 0.93 -5.78 13.77
N GLU F 33 1.36 -5.12 12.70
CA GLU F 33 2.78 -4.81 12.55
C GLU F 33 3.25 -3.87 13.65
N GLY F 34 2.46 -2.84 13.97
CA GLY F 34 2.85 -1.93 15.02
C GLY F 34 2.95 -2.62 16.37
N TRP F 35 2.00 -3.51 16.67
CA TRP F 35 2.07 -4.24 17.93
C TRP F 35 3.31 -5.13 17.97
N MET F 36 3.62 -5.80 16.86
CA MET F 36 4.77 -6.69 16.83
C MET F 36 6.07 -5.92 17.03
N TRP F 37 6.19 -4.75 16.40
CA TRP F 37 7.44 -3.99 16.50
C TRP F 37 7.73 -3.55 17.93
N LYS F 38 6.69 -3.31 18.72
CA LYS F 38 6.84 -2.83 20.08
C LYS F 38 6.95 -3.94 21.11
N ASN F 39 6.73 -5.19 20.70
CA ASN F 39 6.79 -6.33 21.62
C ASN F 39 7.61 -7.45 20.98
N LYS F 40 8.78 -7.09 20.45
CA LYS F 40 9.63 -8.07 19.78
C LYS F 40 10.03 -9.19 20.74
N LEU F 41 10.39 -8.84 21.98
CA LEU F 41 10.78 -9.86 22.95
C LEU F 41 9.63 -10.82 23.22
N LEU F 42 8.41 -10.30 23.39
CA LEU F 42 7.26 -11.16 23.64
C LEU F 42 6.96 -12.04 22.43
N THR F 43 7.08 -11.47 21.22
CA THR F 43 6.84 -12.26 20.01
C THR F 43 7.84 -13.39 19.89
N VAL F 44 9.12 -13.10 20.16
CA VAL F 44 10.15 -14.15 20.10
C VAL F 44 9.88 -15.20 21.15
N ALA F 45 9.45 -14.79 22.34
CA ALA F 45 9.13 -15.75 23.39
C ALA F 45 7.99 -16.66 22.97
N VAL F 46 6.94 -16.09 22.37
CA VAL F 46 5.80 -16.89 21.93
C VAL F 46 6.25 -17.89 20.86
N VAL F 47 7.04 -17.43 19.89
CA VAL F 47 7.49 -18.32 18.83
C VAL F 47 8.34 -19.44 19.39
N ALA F 48 9.26 -19.11 20.29
CA ALA F 48 10.14 -20.13 20.87
C ALA F 48 9.34 -21.14 21.69
N LEU F 49 8.36 -20.68 22.47
CA LEU F 49 7.55 -21.62 23.23
C LEU F 49 6.74 -22.53 22.32
N ALA F 50 6.17 -21.97 21.24
CA ALA F 50 5.43 -22.79 20.29
C ALA F 50 6.34 -23.83 19.66
N TRP F 51 7.57 -23.44 19.31
CA TRP F 51 8.53 -24.39 18.76
C TRP F 51 8.86 -25.48 19.77
N LEU F 52 9.02 -25.12 21.05
CA LEU F 52 9.42 -26.09 22.06
C LEU F 52 8.30 -27.09 22.35
N MET F 53 7.08 -26.61 22.56
CA MET F 53 6.03 -27.42 23.15
C MET F 53 5.13 -28.10 22.12
N LEU F 54 4.93 -27.49 20.96
CA LEU F 54 4.05 -28.03 19.93
C LEU F 54 4.87 -28.79 18.91
N ASP F 55 4.47 -30.03 18.63
CA ASP F 55 5.23 -30.92 17.76
C ASP F 55 4.74 -30.94 16.32
N SER F 56 3.70 -30.17 15.99
CA SER F 56 3.16 -30.09 14.64
C SER F 56 3.36 -28.68 14.11
N TRP F 57 3.88 -28.56 12.89
CA TRP F 57 4.15 -27.24 12.32
C TRP F 57 2.86 -26.47 12.07
N MET F 58 1.81 -27.16 11.61
CA MET F 58 0.54 -26.48 11.33
C MET F 58 -0.03 -25.86 12.60
N ALA F 59 -0.05 -26.64 13.70
CA ALA F 59 -0.53 -26.11 14.97
C ALA F 59 0.35 -24.96 15.43
N ARG F 60 1.66 -25.08 15.22
CA ARG F 60 2.59 -24.02 15.59
C ARG F 60 2.23 -22.71 14.90
N VAL F 61 2.03 -22.77 13.58
CA VAL F 61 1.75 -21.55 12.82
C VAL F 61 0.37 -21.01 13.20
N THR F 62 -0.61 -21.91 13.40
CA THR F 62 -1.95 -21.44 13.77
C THR F 62 -1.92 -20.74 15.13
N VAL F 63 -1.19 -21.30 16.09
CA VAL F 63 -1.10 -20.69 17.41
C VAL F 63 -0.41 -19.34 17.33
N ILE F 64 0.69 -19.25 16.58
CA ILE F 64 1.41 -17.99 16.46
C ILE F 64 0.49 -16.93 15.84
N LEU F 65 -0.19 -17.29 14.75
CA LEU F 65 -1.05 -16.32 14.07
C LEU F 65 -2.22 -15.91 14.96
N LEU F 66 -2.81 -16.86 15.68
CA LEU F 66 -3.90 -16.52 16.57
C LEU F 66 -3.44 -15.55 17.65
N ALA F 67 -2.27 -15.82 18.25
CA ALA F 67 -1.78 -14.92 19.29
C ALA F 67 -1.51 -13.53 18.72
N LEU F 68 -0.85 -13.45 17.57
CA LEU F 68 -0.51 -12.14 17.01
C LEU F 68 -1.75 -11.37 16.60
N SER F 69 -2.76 -12.04 16.05
CA SER F 69 -3.98 -11.36 15.62
C SER F 69 -4.95 -11.08 16.75
N LEU F 70 -4.81 -11.76 17.89
CA LEU F 70 -5.72 -11.60 19.00
C LEU F 70 -5.18 -10.70 20.10
N GLY F 71 -3.87 -10.46 20.13
CA GLY F 71 -3.29 -9.57 21.10
C GLY F 71 -3.66 -8.11 20.89
N PRO F 72 -3.19 -7.52 19.79
CA PRO F 72 -3.31 -6.05 19.65
C PRO F 72 -4.73 -5.52 19.74
N VAL F 73 -5.71 -6.21 19.16
CA VAL F 73 -7.05 -5.66 19.09
C VAL F 73 -7.70 -5.63 20.47
N TYR F 74 -7.43 -6.63 21.31
CA TYR F 74 -7.98 -6.69 22.65
C TYR F 74 -7.09 -6.00 23.68
N ALA F 75 -6.30 -5.02 23.26
CA ALA F 75 -5.47 -4.25 24.18
C ALA F 75 -6.21 -3.02 24.67
C1 NAG G . -18.31 27.33 53.87
C2 NAG G . -18.35 28.82 54.21
C3 NAG G . -19.44 29.06 55.26
C4 NAG G . -20.77 28.51 54.77
C5 NAG G . -20.59 27.04 54.41
C6 NAG G . -21.84 26.36 53.90
C7 NAG G . -16.29 30.16 54.04
C8 NAG G . -16.84 30.66 52.73
N2 NAG G . -17.08 29.28 54.68
O3 NAG G . -19.50 30.43 55.54
O4 NAG G . -21.70 28.69 55.82
O5 NAG G . -19.59 26.94 53.41
O6 NAG G . -22.16 26.86 52.63
O7 NAG G . -15.22 30.53 54.47
C1 NAG G . -22.85 29.40 55.30
C2 NAG G . -24.12 28.74 55.84
C3 NAG G . -25.33 29.47 55.25
C4 NAG G . -25.26 30.95 55.53
C5 NAG G . -23.89 31.51 55.13
C6 NAG G . -23.69 32.96 55.53
C7 NAG G . -24.04 26.36 56.46
C8 NAG G . -23.85 26.84 57.87
N2 NAG G . -24.17 27.33 55.54
O3 NAG G . -26.49 28.89 55.81
O4 NAG G . -26.28 31.56 54.79
O5 NAG G . -22.84 30.74 55.70
O6 NAG G . -24.84 33.70 55.22
O7 NAG G . -24.09 25.17 56.19
C1 BMA G . -27.48 31.59 55.59
C2 BMA G . -27.62 32.99 56.16
C3 BMA G . -28.82 33.01 57.12
C4 BMA G . -29.89 31.96 56.79
C5 BMA G . -29.90 31.55 55.31
C6 BMA G . -30.57 32.60 54.41
O2 BMA G . -27.75 33.89 55.09
O3 BMA G . -29.33 34.33 57.10
O4 BMA G . -29.59 30.83 57.60
O5 BMA G . -28.61 31.26 54.81
O6 BMA G . -31.93 32.70 54.80
C1 MAN G . -29.77 34.67 58.43
C2 MAN G . -30.04 36.16 58.46
C3 MAN G . -30.64 36.54 59.81
C4 MAN G . -30.34 35.47 60.85
C5 MAN G . -28.91 34.96 60.65
C6 MAN G . -28.55 33.90 61.68
O2 MAN G . -30.93 36.44 57.39
O3 MAN G . -32.04 36.71 59.61
O4 MAN G . -30.51 36.05 62.11
O5 MAN G . -28.77 34.36 59.37
O6 MAN G . -27.66 32.98 61.09
C1 NAG H . 37.02 7.12 -54.44
C2 NAG H . 36.84 8.37 -55.31
C3 NAG H . 37.94 8.35 -56.37
C4 NAG H . 39.32 8.23 -55.73
C5 NAG H . 39.35 7.12 -54.68
C6 NAG H . 40.62 7.10 -53.86
C7 NAG H . 34.60 9.35 -55.67
C8 NAG H . 33.31 9.20 -56.42
N2 NAG H . 35.54 8.41 -55.92
O3 NAG H . 37.82 9.51 -57.15
O4 NAG H . 40.20 7.92 -56.79
O5 NAG H . 38.26 7.25 -53.80
O6 NAG H . 40.43 6.23 -52.77
O7 NAG H . 34.77 10.26 -54.88
C1 NAG H . 41.51 8.47 -56.57
C2 NAG H . 42.33 8.18 -57.83
C3 NAG H . 43.62 8.98 -57.90
C4 NAG H . 43.27 10.44 -57.69
C5 NAG H . 42.69 10.52 -56.27
C6 NAG H . 42.49 11.93 -55.75
C7 NAG H . 42.80 5.86 -57.02
C8 NAG H . 43.02 4.45 -57.51
N2 NAG H . 42.58 6.76 -58.00
O3 NAG H . 44.21 8.76 -59.15
O4 NAG H . 44.43 11.22 -57.86
O5 NAG H . 41.44 9.86 -56.29
O6 NAG H . 42.06 11.87 -54.41
O7 NAG H . 42.83 6.12 -55.83
C1 BMA H . 44.36 11.84 -59.16
C2 BMA H . 45.74 11.80 -59.80
C3 BMA H . 45.71 12.48 -61.19
C4 BMA H . 44.33 12.43 -61.88
C5 BMA H . 43.38 11.35 -61.37
C6 BMA H . 43.52 10.02 -62.08
O2 BMA H . 46.16 10.46 -59.84
O3 BMA H . 46.73 11.91 -61.96
O4 BMA H . 43.77 13.71 -61.69
O5 BMA H . 43.41 11.16 -59.96
O6 BMA H . 42.47 9.18 -61.64
C1 NAG I . -12.32 19.89 -24.63
C2 NAG I . -12.00 21.29 -24.08
C3 NAG I . -13.01 22.31 -24.61
C4 NAG I . -13.08 22.20 -26.13
C5 NAG I . -13.42 20.76 -26.51
C6 NAG I . -13.58 20.54 -27.99
C7 NAG I . -10.92 21.53 -21.88
C8 NAG I . -11.17 21.47 -20.40
N2 NAG I . -12.01 21.29 -22.64
O3 NAG I . -12.59 23.57 -24.18
O4 NAG I . -14.07 23.11 -26.56
O5 NAG I . -12.39 19.91 -26.03
O6 NAG I . -13.99 19.22 -28.24
O7 NAG I . -9.83 21.77 -22.34
C1 NAG I . -13.50 23.89 -27.64
C2 NAG I . -13.97 25.34 -27.51
C3 NAG I . -13.27 26.20 -28.57
C4 NAG I . -11.76 26.00 -28.55
C5 NAG I . -11.45 24.51 -28.65
C6 NAG I . -9.98 24.14 -28.59
C7 NAG I . -16.28 25.59 -26.66
C8 NAG I . -15.69 25.65 -25.28
N2 NAG I . -15.39 25.44 -27.66
O3 NAG I . -13.63 27.54 -28.34
O4 NAG I . -11.25 26.74 -29.64
O5 NAG I . -12.09 23.85 -27.57
O6 NAG I . -9.44 24.54 -27.34
O7 NAG I . -17.48 25.68 -26.84
C1 BMA I . -9.89 27.13 -29.37
C2 BMA I . -9.03 26.73 -30.56
C3 BMA I . -7.56 27.00 -30.21
C4 BMA I . -7.38 28.07 -29.13
C5 BMA I . -8.49 29.11 -29.12
C6 BMA I . -8.34 30.17 -30.20
O2 BMA I . -9.47 27.44 -31.69
O3 BMA I . -6.90 27.31 -31.42
O4 BMA I . -7.33 27.37 -27.90
O5 BMA I . -9.80 28.54 -29.19
O6 BMA I . -7.17 30.90 -29.93
C1 CPL J . 0.65 -7.35 42.63
C2 CPL J . 0.24 -7.81 44.01
C3 CPL J . 1.12 -7.37 45.16
C4 CPL J . 2.39 -3.67 40.73
C5 CPL J . 3.77 -3.05 40.71
C6 CPL J . 3.83 -3.51 38.28
C7 CPL J . 5.58 -2.20 39.37
C8 CPL J . 5.46 -4.59 39.74
C11 CPL J . 2.54 -9.23 45.36
C12 CPL J . 3.87 -9.53 46.00
C13 CPL J . 5.00 -8.58 45.63
C14 CPL J . 6.22 -8.77 46.53
C15 CPL J . 7.45 -9.20 45.75
C31 CPL J . -2.08 -8.30 44.05
C32 CPL J . -3.34 -7.96 44.80
C33 CPL J . -4.49 -8.92 44.54
C34 CPL J . -4.14 -10.36 44.87
C35 CPL J . -3.89 -10.59 46.35
N CPL J . 4.64 -3.36 39.52
O2 CPL J . -1.10 -7.42 44.31
O3 CPL J . 2.41 -7.94 45.06
O11 CPL J . 1.68 -10.05 45.15
O31 CPL J . -1.95 -9.22 43.30
O1P CPL J . 2.53 -4.17 43.44
O2P CPL J . 3.35 -6.58 42.92
O3P CPL J . 0.87 -5.96 42.60
O4P CPL J . 2.44 -5.05 41.05
P CPL J . 2.42 -5.45 42.64
C1 CPL K . 2.42 -1.31 67.12
C2 CPL K . 2.73 -2.50 68.02
C3 CPL K . 1.66 -3.56 68.11
C4 CPL K . 2.16 -1.49 62.10
C5 CPL K . 2.58 -2.66 61.24
C6 CPL K . 2.20 -4.94 60.36
C7 CPL K . 2.20 -4.50 62.75
C8 CPL K . 0.34 -3.75 61.40
C11 CPL K . 1.38 -5.71 69.03
C12 CPL K . 1.96 -6.68 70.03
C13 CPL K . 0.98 -7.76 70.47
C14 CPL K . 1.44 -8.44 71.76
C15 CPL K . 0.82 -7.81 72.99
C31 CPL K . 5.11 -2.64 67.89
C32 CPL K . 5.40 -2.76 69.36
C33 CPL K . 6.73 -2.15 69.78
C34 CPL K . 7.90 -2.82 69.08
C35 CPL K . 9.25 -2.28 69.54
N CPL K . 1.82 -3.95 61.41
O2 CPL K . 3.93 -3.15 67.58
O3 CPL K . 2.08 -4.59 68.99
O11 CPL K . 0.39 -5.90 68.34
O31 CPL K . 5.86 -2.15 67.08
O1P CPL K . 0.63 -2.56 64.65
O2P CPL K . 1.05 -0.01 64.70
O3P CPL K . 2.73 -1.61 65.78
O4P CPL K . 2.66 -1.58 63.41
P CPL K . 1.59 -1.41 64.65
C1 CPL L . 22.50 -22.78 -30.11
C2 CPL L . 22.85 -23.60 -31.34
C3 CPL L . 21.74 -24.42 -31.96
C4 CPL L . 20.01 -19.57 -29.68
C5 CPL L . 19.80 -18.10 -29.48
C6 CPL L . 18.48 -16.01 -29.78
C7 CPL L . 18.23 -17.88 -31.30
C8 CPL L . 17.34 -18.03 -29.07
C11 CPL L . 21.64 -26.38 -33.25
C12 CPL L . 21.06 -26.49 -34.63
C13 CPL L . 20.38 -27.81 -34.91
C14 CPL L . 19.58 -27.77 -36.20
C15 CPL L . 19.29 -29.16 -36.74
C31 CPL L . 24.75 -22.71 -32.47
C32 CPL L . 25.15 -21.79 -33.59
C33 CPL L . 26.66 -21.70 -33.79
C34 CPL L . 27.31 -20.78 -32.76
C35 CPL L . 28.77 -20.47 -33.10
N CPL L . 18.46 -17.50 -29.89
O2 CPL L . 23.42 -22.78 -32.37
O3 CPL L . 22.20 -25.20 -33.06
O11 CPL L . 21.61 -27.24 -32.40
O31 CPL L . 25.50 -23.33 -31.76
O1P CPL L . 21.04 -21.57 -32.83
O2P CPL L . 19.57 -22.38 -30.86
O3P CPL L . 21.97 -21.52 -30.45
O4P CPL L . 20.30 -19.90 -31.02
P CPL L . 20.64 -21.47 -31.39
C1 CPL M . 15.07 -33.28 -54.85
C2 CPL M . 15.28 -31.95 -55.58
C3 CPL M . 16.49 -31.90 -56.49
C4 CPL M . 11.93 -36.77 -54.70
C5 CPL M . 11.27 -36.18 -53.49
C6 CPL M . 9.82 -34.88 -55.02
C7 CPL M . 9.38 -34.94 -52.64
C8 CPL M . 11.27 -33.69 -53.47
C11 CPL M . 18.62 -30.94 -56.25
C12 CPL M . 19.41 -30.26 -55.18
C13 CPL M . 20.21 -29.07 -55.67
C14 CPL M . 19.44 -27.76 -55.52
C15 CPL M . 19.13 -27.43 -54.06
C31 CPL M . 13.27 -30.72 -55.91
C32 CPL M . 13.94 -29.43 -55.52
C33 CPL M . 12.96 -28.31 -55.19
C34 CPL M . 13.53 -27.33 -54.18
C35 CPL M . 12.47 -26.39 -53.62
N CPL M . 10.45 -34.92 -53.66
O2 CPL M . 14.15 -31.61 -56.36
O3 CPL M . 17.68 -31.72 -55.73
O11 CPL M . 18.80 -30.82 -57.44
O31 CPL M . 12.08 -30.94 -55.81
O1P CPL M . 14.63 -35.91 -53.78
O2P CPL M . 14.98 -36.62 -56.25
O3P CPL M . 14.39 -34.18 -55.69
O4P CPL M . 12.67 -35.80 -55.43
P CPL M . 14.30 -35.75 -55.24
C1 CPL N . -21.83 -15.77 -5.15
C2 CPL N . -20.84 -16.61 -5.94
C3 CPL N . -21.43 -17.42 -7.07
C4 CPL N . -22.13 -11.59 -4.39
C5 CPL N . -22.80 -11.09 -3.14
C6 CPL N . -22.29 -12.82 -1.44
C7 CPL N . -20.67 -11.11 -2.00
C8 CPL N . -22.63 -10.53 -0.72
C11 CPL N . -21.77 -19.74 -7.30
C12 CPL N . -21.61 -20.20 -8.72
C13 CPL N . -22.47 -21.40 -9.08
C14 CPL N . -22.30 -21.82 -10.53
C15 CPL N . -20.83 -21.97 -10.92
C31 CPL N . -19.08 -16.28 -7.50
C32 CPL N . -18.22 -17.44 -7.07
C33 CPL N . -17.39 -18.03 -8.20
C34 CPL N . -16.38 -17.04 -8.76
C35 CPL N . -15.09 -17.00 -7.94
N CPL N . -22.12 -11.39 -1.82
O2 CPL N . -19.80 -15.81 -6.49
O3 CPL N . -20.93 -18.75 -7.03
O11 CPL N . -22.55 -20.19 -6.50
O31 CPL N . -19.10 -15.84 -8.62
O1P CPL N . -23.92 -12.71 -6.26
O2P CPL N . -24.33 -14.33 -4.30
O3P CPL N . -22.46 -14.82 -5.98
O4P CPL N . -22.12 -13.00 -4.49
P CPL N . -23.40 -13.69 -5.26
C1 CPL O . -22.59 -28.43 -22.71
C2 CPL O . -23.59 -28.28 -23.86
C3 CPL O . -22.99 -28.34 -25.24
C4 CPL O . -20.67 -30.71 -20.45
C5 CPL O . -20.22 -29.29 -20.15
C6 CPL O . -20.33 -29.73 -17.73
C7 CPL O . -19.58 -27.59 -18.58
C8 CPL O . -21.92 -28.17 -18.72
C11 CPL O . -23.61 -28.36 -27.49
C12 CPL O . -22.12 -28.37 -27.62
C13 CPL O . -21.60 -29.07 -28.86
C14 CPL O . -20.09 -29.14 -28.86
C15 CPL O . -19.55 -29.48 -27.48
C31 CPL O . -25.87 -28.91 -24.07
C32 CPL O . -26.87 -29.92 -23.57
C33 CPL O . -28.32 -29.53 -23.86
C34 CPL O . -29.00 -30.54 -24.78
C35 CPL O . -28.22 -30.80 -26.06
N CPL O . -20.53 -28.71 -18.80
O2 CPL O . -24.63 -29.27 -23.78
O3 CPL O . -23.99 -28.23 -26.24
O11 CPL O . -24.39 -28.47 -28.42
O31 CPL O . -26.16 -27.90 -24.66
O1P CPL O . -20.68 -31.76 -23.13
O2P CPL O . -23.21 -31.34 -23.27
O3P CPL O . -21.59 -29.36 -23.04
O4P CPL O . -21.91 -30.75 -21.13
P CPL O . -21.87 -30.94 -22.76
#